data_3E7G
#
_entry.id   3E7G
#
_cell.length_a   90.206
_cell.length_b   158.671
_cell.length_c   191.141
_cell.angle_alpha   90.00
_cell.angle_beta   90.00
_cell.angle_gamma   90.00
#
_symmetry.space_group_name_H-M   'P 21 21 21'
#
loop_
_entity.id
_entity.type
_entity.pdbx_description
1 polymer 'Nitric oxide synthase, inducible'
2 non-polymer 'ZINC ION'
3 non-polymer 'PROTOPORPHYRIN IX CONTAINING FE'
4 non-polymer 5,6,7,8-TETRAHYDROBIOPTERIN
5 non-polymer 'ETHYL 4-[(4-METHYLPYRIDIN-2-YL)AMINO]PIPERIDINE-1-CARBOXYLATE'
6 water water
#
_entity_poly.entity_id   1
_entity_poly.type   'polypeptide(L)'
_entity_poly.pdbx_seq_one_letter_code
;PRHVRIKNWGSGMTFQDTLHHKAKGILTCRSKSCLGSIMTPKSLTRGPRDKPTPPDELLPQAIEFVNQYYGSFKEAKIEE
HLARVEAVTKEIETTGTYQLTGDELIFATKQAWRNAPRCIGRIQWSNLQVFDARSCSTAREMFEHICRHVRYSTNNGNIR
SAITVFPQRSDGKHDFRVWNAQLIRYAGYQMPDGSIRGDPANVEFTQLCIDLGWKPKYGRFDVVPLVLQANGRDPELFEI
PPDLVLEVAMEHPKYEWFRELELKWYALPAVANMLLEVGGLEFPGCPFNGWYMGTEIGVRDFCDVQRYNILEEVGRRMGL
ETHKLASLWKDQAVVEINIAVLHSFQKQNVTIMDHHSAAESFMKYMQNEYRSRGGCPADWIWLVPPMSGSITPVFHQEML
NYVLSPFYYYQVEAWKTHVWQDEK
;
_entity_poly.pdbx_strand_id   A,B,C,D
#
# COMPACT_ATOMS: atom_id res chain seq x y z
N ARG A 2 -7.97 -45.08 41.32
CA ARG A 2 -8.04 -45.85 40.05
C ARG A 2 -8.84 -45.12 38.98
N HIS A 3 -9.59 -44.09 39.36
CA HIS A 3 -10.36 -43.37 38.35
C HIS A 3 -10.90 -42.03 38.85
N VAL A 4 -10.97 -41.07 37.93
CA VAL A 4 -11.47 -39.74 38.23
C VAL A 4 -12.87 -39.61 37.64
N ARG A 5 -13.81 -39.13 38.46
CA ARG A 5 -15.19 -38.95 38.01
C ARG A 5 -15.32 -37.58 37.31
N ILE A 6 -15.90 -37.60 36.12
CA ILE A 6 -16.09 -36.42 35.30
C ILE A 6 -17.59 -36.19 35.14
N LYS A 7 -18.01 -34.93 35.27
CA LYS A 7 -19.43 -34.62 35.21
C LYS A 7 -19.88 -33.52 34.24
N ASN A 8 -21.02 -33.74 33.60
CA ASN A 8 -21.61 -32.74 32.71
C ASN A 8 -22.77 -32.14 33.51
N TRP A 9 -22.63 -30.87 33.90
CA TRP A 9 -23.66 -30.21 34.68
C TRP A 9 -24.89 -29.82 33.89
N GLY A 10 -24.83 -29.97 32.58
CA GLY A 10 -25.99 -29.63 31.78
C GLY A 10 -26.95 -30.79 31.68
N SER A 11 -26.41 -31.99 31.52
CA SER A 11 -27.22 -33.20 31.38
C SER A 11 -27.18 -34.10 32.62
N GLY A 12 -26.28 -33.80 33.54
CA GLY A 12 -26.18 -34.60 34.74
C GLY A 12 -25.41 -35.90 34.52
N MET A 13 -25.05 -36.18 33.26
CA MET A 13 -24.32 -37.40 32.91
C MET A 13 -22.92 -37.44 33.53
N THR A 14 -22.44 -38.64 33.83
CA THR A 14 -21.11 -38.79 34.43
C THR A 14 -20.19 -39.70 33.61
N PHE A 15 -18.88 -39.52 33.80
CA PHE A 15 -17.85 -40.28 33.10
C PHE A 15 -16.80 -40.72 34.11
N GLN A 16 -16.23 -41.90 33.88
CA GLN A 16 -15.19 -42.40 34.76
C GLN A 16 -13.91 -42.50 33.93
N ASP A 17 -12.93 -41.70 34.29
CA ASP A 17 -11.69 -41.68 33.55
C ASP A 17 -10.55 -42.48 34.17
N THR A 18 -10.10 -43.50 33.44
CA THR A 18 -8.99 -44.34 33.86
C THR A 18 -7.81 -44.17 32.92
N LEU A 19 -8.09 -43.76 31.67
CA LEU A 19 -7.06 -43.58 30.66
C LEU A 19 -5.91 -42.66 31.10
N HIS A 20 -6.20 -41.70 31.98
CA HIS A 20 -5.15 -40.78 32.43
C HIS A 20 -3.98 -41.49 33.12
N HIS A 21 -4.15 -42.76 33.45
CA HIS A 21 -3.09 -43.51 34.12
C HIS A 21 -1.94 -43.82 33.17
N LYS A 22 -2.24 -43.91 31.88
CA LYS A 22 -1.22 -44.19 30.87
C LYS A 22 -0.48 -42.93 30.46
N ALA A 23 -0.95 -41.78 30.93
CA ALA A 23 -0.35 -40.49 30.57
C ALA A 23 1.11 -40.30 30.98
N LYS A 24 1.84 -39.48 30.21
CA LYS A 24 3.23 -39.17 30.50
C LYS A 24 3.27 -38.06 31.54
N GLY A 25 4.01 -38.28 32.63
CA GLY A 25 4.09 -37.27 33.67
C GLY A 25 4.94 -36.09 33.25
N ILE A 26 4.34 -35.12 32.53
CA ILE A 26 5.11 -33.96 32.08
C ILE A 26 4.48 -32.57 32.24
N LEU A 27 3.25 -32.50 32.73
CA LEU A 27 2.60 -31.20 32.92
C LEU A 27 3.23 -30.42 34.08
N THR A 28 3.34 -29.11 33.91
CA THR A 28 3.94 -28.23 34.92
C THR A 28 3.02 -27.90 36.10
N CYS A 29 1.83 -28.51 36.14
CA CYS A 29 0.87 -28.27 37.23
C CYS A 29 1.27 -28.99 38.52
N ARG A 30 1.32 -28.22 39.62
CA ARG A 30 1.68 -28.75 40.93
C ARG A 30 0.49 -28.72 41.89
N SER A 31 0.75 -29.03 43.15
CA SER A 31 -0.28 -29.02 44.19
C SER A 31 -0.45 -27.60 44.68
N LYS A 32 0.59 -26.79 44.47
CA LYS A 32 0.57 -25.41 44.91
C LYS A 32 0.01 -24.43 43.88
N SER A 33 0.07 -24.78 42.60
CA SER A 33 -0.45 -23.89 41.57
C SER A 33 -0.75 -24.58 40.24
N CYS A 34 -1.89 -24.22 39.66
CA CYS A 34 -2.32 -24.78 38.40
C CYS A 34 -1.92 -23.86 37.26
N LEU A 35 -1.22 -24.43 36.27
CA LEU A 35 -0.76 -23.67 35.10
C LEU A 35 -1.53 -24.09 33.82
N GLY A 36 -2.78 -24.48 34.01
CA GLY A 36 -3.61 -24.90 32.90
C GLY A 36 -3.86 -23.88 31.80
N SER A 37 -3.84 -22.59 32.11
CA SER A 37 -4.10 -21.57 31.09
C SER A 37 -2.90 -21.03 30.30
N ILE A 38 -1.72 -21.64 30.45
CA ILE A 38 -0.54 -21.17 29.70
C ILE A 38 -0.70 -21.58 28.22
N MET A 39 -0.58 -20.60 27.33
CA MET A 39 -0.73 -20.83 25.89
C MET A 39 0.18 -21.90 25.31
N THR A 40 1.48 -21.68 25.35
CA THR A 40 2.43 -22.64 24.79
C THR A 40 3.43 -23.07 25.84
N PRO A 41 3.03 -24.00 26.72
CA PRO A 41 3.89 -24.50 27.80
C PRO A 41 5.08 -25.32 27.30
N LYS A 42 6.15 -25.34 28.09
CA LYS A 42 7.34 -26.09 27.74
C LYS A 42 7.00 -27.57 27.78
N SER A 43 6.03 -27.91 28.61
CA SER A 43 5.62 -29.30 28.75
C SER A 43 5.02 -29.88 27.47
N LEU A 44 4.52 -29.02 26.58
CA LEU A 44 3.93 -29.47 25.33
C LEU A 44 4.83 -29.14 24.15
N THR A 45 6.07 -28.75 24.44
CA THR A 45 7.04 -28.39 23.42
C THR A 45 8.20 -29.38 23.36
N ARG A 46 8.44 -29.94 22.18
CA ARG A 46 9.53 -30.88 21.97
C ARG A 46 10.62 -30.10 21.23
N GLY A 47 11.67 -29.70 21.94
CA GLY A 47 12.74 -28.94 21.32
C GLY A 47 13.68 -29.72 20.40
N PRO A 48 14.71 -29.05 19.86
CA PRO A 48 15.66 -29.71 18.96
C PRO A 48 16.63 -30.66 19.69
N ARG A 49 17.46 -31.34 18.93
CA ARG A 49 18.46 -32.26 19.49
C ARG A 49 19.74 -32.11 18.68
N ASP A 50 20.86 -32.52 19.26
CA ASP A 50 22.14 -32.44 18.56
C ASP A 50 22.78 -33.82 18.51
N LYS A 51 22.08 -34.81 19.08
CA LYS A 51 22.56 -36.19 19.09
C LYS A 51 21.38 -37.14 18.98
N PRO A 52 21.58 -38.29 18.34
CA PRO A 52 20.48 -39.26 18.20
C PRO A 52 19.93 -39.61 19.57
N THR A 53 18.74 -40.20 19.61
CA THR A 53 18.15 -40.59 20.89
C THR A 53 18.73 -41.94 21.30
N PRO A 54 19.15 -42.06 22.57
CA PRO A 54 19.72 -43.30 23.10
C PRO A 54 18.68 -44.44 23.19
N PRO A 55 19.04 -45.64 22.71
CA PRO A 55 18.21 -46.85 22.70
C PRO A 55 17.61 -47.30 24.04
N ASP A 56 18.22 -46.89 25.15
CA ASP A 56 17.69 -47.28 26.46
C ASP A 56 16.31 -46.64 26.65
N GLU A 57 16.09 -45.51 25.99
CA GLU A 57 14.81 -44.81 26.06
C GLU A 57 14.00 -45.21 24.84
N LEU A 58 14.68 -45.38 23.72
CA LEU A 58 13.99 -45.71 22.49
C LEU A 58 13.32 -47.07 22.50
N LEU A 59 14.08 -48.09 22.88
CA LEU A 59 13.56 -49.47 22.88
C LEU A 59 12.28 -49.68 23.68
N PRO A 60 12.23 -49.18 24.93
CA PRO A 60 11.02 -49.34 25.77
C PRO A 60 9.80 -48.66 25.11
N GLN A 61 10.02 -47.44 24.64
CA GLN A 61 8.95 -46.68 23.99
C GLN A 61 8.52 -47.38 22.72
N ALA A 62 9.49 -47.90 21.98
CA ALA A 62 9.21 -48.60 20.73
C ALA A 62 8.36 -49.83 20.97
N ILE A 63 8.67 -50.59 22.03
CA ILE A 63 7.88 -51.78 22.32
C ILE A 63 6.48 -51.36 22.69
N GLU A 64 6.39 -50.29 23.49
CA GLU A 64 5.09 -49.75 23.90
C GLU A 64 4.22 -49.47 22.69
N PHE A 65 4.77 -48.73 21.73
CA PHE A 65 4.02 -48.41 20.51
C PHE A 65 3.55 -49.66 19.81
N VAL A 66 4.50 -50.56 19.58
CA VAL A 66 4.17 -51.80 18.90
C VAL A 66 3.04 -52.50 19.65
N ASN A 67 3.16 -52.56 20.98
CA ASN A 67 2.13 -53.18 21.80
C ASN A 67 0.80 -52.44 21.61
N GLN A 68 0.85 -51.12 21.61
CA GLN A 68 -0.35 -50.33 21.42
C GLN A 68 -0.96 -50.59 20.03
N TYR A 69 -0.11 -50.60 19.01
CA TYR A 69 -0.58 -50.82 17.65
C TYR A 69 -1.28 -52.16 17.48
N TYR A 70 -0.65 -53.23 17.96
CA TYR A 70 -1.26 -54.56 17.83
C TYR A 70 -2.48 -54.74 18.73
N GLY A 71 -2.49 -54.02 19.85
CA GLY A 71 -3.63 -54.11 20.75
C GLY A 71 -4.89 -53.55 20.10
N SER A 72 -4.69 -52.57 19.23
CA SER A 72 -5.78 -51.90 18.54
C SER A 72 -6.52 -52.78 17.54
N PHE A 73 -6.10 -54.03 17.42
CA PHE A 73 -6.73 -54.93 16.45
C PHE A 73 -8.00 -55.62 16.94
N LYS A 74 -8.99 -55.69 16.04
CA LYS A 74 -10.28 -56.31 16.33
C LYS A 74 -10.13 -57.83 16.50
N GLU A 75 -9.11 -58.38 15.86
CA GLU A 75 -8.83 -59.82 15.95
C GLU A 75 -7.33 -59.98 16.11
N ALA A 76 -6.89 -60.19 17.35
CA ALA A 76 -5.47 -60.34 17.65
C ALA A 76 -4.68 -61.15 16.63
N LYS A 77 -3.40 -60.81 16.52
CA LYS A 77 -2.47 -61.47 15.61
C LYS A 77 -1.16 -61.54 16.38
N ILE A 78 -1.16 -62.44 17.37
CA ILE A 78 -0.04 -62.64 18.28
C ILE A 78 1.30 -62.96 17.62
N GLU A 79 1.27 -63.79 16.60
CA GLU A 79 2.51 -64.17 15.93
C GLU A 79 3.21 -62.96 15.31
N GLU A 80 2.43 -62.18 14.56
CA GLU A 80 2.94 -60.98 13.91
C GLU A 80 3.40 -59.96 14.94
N HIS A 81 2.63 -59.85 16.02
CA HIS A 81 2.96 -58.95 17.11
C HIS A 81 4.34 -59.35 17.64
N LEU A 82 4.54 -60.66 17.82
CA LEU A 82 5.80 -61.21 18.32
C LEU A 82 6.95 -60.90 17.36
N ALA A 83 6.70 -61.15 16.08
CA ALA A 83 7.70 -60.92 15.05
C ALA A 83 8.16 -59.46 15.06
N ARG A 84 7.17 -58.55 15.04
CA ARG A 84 7.46 -57.13 15.03
C ARG A 84 8.32 -56.72 16.23
N VAL A 85 7.98 -57.20 17.42
CA VAL A 85 8.76 -56.86 18.60
C VAL A 85 10.23 -57.25 18.41
N GLU A 86 10.45 -58.41 17.81
CA GLU A 86 11.82 -58.89 17.57
C GLU A 86 12.50 -57.98 16.55
N ALA A 87 11.87 -57.84 15.38
CA ALA A 87 12.39 -57.01 14.30
C ALA A 87 12.82 -55.62 14.79
N VAL A 88 11.92 -54.96 15.51
CA VAL A 88 12.20 -53.64 16.00
C VAL A 88 13.36 -53.63 16.99
N THR A 89 13.43 -54.67 17.81
CA THR A 89 14.50 -54.76 18.80
C THR A 89 15.86 -54.90 18.13
N LYS A 90 15.94 -55.82 17.16
CA LYS A 90 17.19 -56.04 16.46
C LYS A 90 17.57 -54.81 15.66
N GLU A 91 16.57 -54.22 15.00
CA GLU A 91 16.79 -53.03 14.18
C GLU A 91 17.38 -51.90 15.02
N ILE A 92 16.77 -51.64 16.17
CA ILE A 92 17.26 -50.58 17.04
C ILE A 92 18.69 -50.91 17.47
N GLU A 93 19.00 -52.20 17.47
CA GLU A 93 20.30 -52.68 17.88
C GLU A 93 21.35 -52.55 16.77
N THR A 94 20.98 -52.95 15.57
CA THR A 94 21.90 -52.89 14.43
C THR A 94 21.97 -51.53 13.71
N THR A 95 21.04 -50.63 14.01
CA THR A 95 21.04 -49.31 13.35
C THR A 95 20.92 -48.15 14.33
N GLY A 96 20.32 -48.40 15.48
CA GLY A 96 20.17 -47.34 16.46
C GLY A 96 18.79 -46.70 16.47
N THR A 97 17.96 -47.06 15.50
CA THR A 97 16.62 -46.51 15.42
C THR A 97 15.78 -47.51 14.64
N TYR A 98 14.52 -47.20 14.40
CA TYR A 98 13.69 -48.10 13.61
C TYR A 98 12.79 -47.31 12.66
N GLN A 99 12.15 -48.03 11.76
CA GLN A 99 11.28 -47.43 10.76
C GLN A 99 9.90 -47.99 10.99
N LEU A 100 8.89 -47.14 10.89
CA LEU A 100 7.53 -47.60 11.06
C LEU A 100 7.14 -48.16 9.72
N THR A 101 6.20 -49.09 9.71
CA THR A 101 5.73 -49.63 8.46
C THR A 101 4.67 -48.65 7.98
N GLY A 102 4.17 -48.85 6.77
CA GLY A 102 3.15 -47.97 6.26
C GLY A 102 1.93 -47.89 7.15
N ASP A 103 1.39 -49.04 7.55
CA ASP A 103 0.19 -49.01 8.36
C ASP A 103 0.38 -48.53 9.79
N GLU A 104 1.59 -48.68 10.31
CA GLU A 104 1.86 -48.20 11.65
C GLU A 104 1.87 -46.67 11.63
N LEU A 105 2.29 -46.09 10.51
CA LEU A 105 2.34 -44.64 10.36
C LEU A 105 0.92 -44.08 10.27
N ILE A 106 0.07 -44.74 9.50
CA ILE A 106 -1.30 -44.33 9.36
C ILE A 106 -1.92 -44.39 10.74
N PHE A 107 -1.79 -45.54 11.40
CA PHE A 107 -2.31 -45.70 12.73
C PHE A 107 -1.81 -44.58 13.63
N ALA A 108 -0.51 -44.33 13.61
CA ALA A 108 0.08 -43.32 14.47
C ALA A 108 -0.46 -41.89 14.27
N THR A 109 -0.69 -41.49 13.03
CA THR A 109 -1.16 -40.13 12.77
C THR A 109 -2.58 -39.94 13.26
N LYS A 110 -3.43 -40.94 13.06
CA LYS A 110 -4.81 -40.89 13.49
C LYS A 110 -4.93 -40.92 15.02
N GLN A 111 -4.09 -41.72 15.67
CA GLN A 111 -4.14 -41.81 17.13
C GLN A 111 -3.65 -40.51 17.74
N ALA A 112 -2.65 -39.90 17.12
CA ALA A 112 -2.11 -38.65 17.63
C ALA A 112 -3.20 -37.55 17.55
N TRP A 113 -4.05 -37.62 16.53
CA TRP A 113 -5.13 -36.65 16.32
C TRP A 113 -6.19 -36.94 17.39
N ARG A 114 -6.47 -38.22 17.54
CA ARG A 114 -7.42 -38.67 18.53
C ARG A 114 -6.96 -38.22 19.91
N ASN A 115 -5.65 -38.12 20.09
CA ASN A 115 -5.07 -37.73 21.37
C ASN A 115 -4.82 -36.24 21.52
N ALA A 116 -5.25 -35.44 20.55
CA ALA A 116 -5.02 -33.99 20.60
C ALA A 116 -6.09 -33.31 21.49
N PRO A 117 -5.69 -32.93 22.72
CA PRO A 117 -6.57 -32.31 23.70
C PRO A 117 -7.23 -31.01 23.27
N ARG A 118 -6.53 -30.24 22.45
CA ARG A 118 -7.01 -28.94 22.02
C ARG A 118 -7.77 -28.91 20.69
N CYS A 119 -8.14 -30.07 20.18
CA CYS A 119 -8.82 -30.15 18.91
C CYS A 119 -10.27 -30.52 19.10
N ILE A 120 -11.17 -29.66 18.67
CA ILE A 120 -12.59 -29.92 18.83
C ILE A 120 -13.16 -30.75 17.68
N GLY A 121 -12.44 -30.88 16.58
CA GLY A 121 -12.99 -31.65 15.47
C GLY A 121 -12.59 -33.12 15.44
N ARG A 122 -12.29 -33.69 16.61
CA ARG A 122 -11.82 -35.06 16.68
C ARG A 122 -12.76 -36.18 16.32
N ILE A 123 -14.04 -35.89 16.16
CA ILE A 123 -14.97 -36.95 15.79
C ILE A 123 -14.61 -37.55 14.41
N GLN A 124 -13.85 -36.81 13.62
CA GLN A 124 -13.43 -37.23 12.27
C GLN A 124 -12.08 -37.93 12.25
N TRP A 125 -11.51 -38.22 13.42
CA TRP A 125 -10.17 -38.80 13.52
C TRP A 125 -9.81 -40.03 12.68
N SER A 126 -10.77 -40.88 12.38
CA SER A 126 -10.46 -42.09 11.60
C SER A 126 -10.48 -41.77 10.10
N ASN A 127 -10.97 -40.59 9.76
CA ASN A 127 -11.04 -40.17 8.38
C ASN A 127 -9.91 -39.19 8.07
N LEU A 128 -8.75 -39.73 7.72
CA LEU A 128 -7.58 -38.91 7.45
C LEU A 128 -6.71 -39.50 6.33
N GLN A 129 -6.46 -38.72 5.30
CA GLN A 129 -5.60 -39.14 4.21
C GLN A 129 -4.16 -38.96 4.68
N VAL A 130 -3.32 -39.98 4.53
CA VAL A 130 -1.94 -39.86 4.95
C VAL A 130 -0.99 -39.97 3.77
N PHE A 131 -0.24 -38.90 3.49
CA PHE A 131 0.73 -38.92 2.40
C PHE A 131 2.06 -39.27 3.01
N ASP A 132 2.63 -40.40 2.58
CA ASP A 132 3.91 -40.84 3.13
C ASP A 132 5.07 -40.26 2.36
N ALA A 133 5.69 -39.22 2.90
CA ALA A 133 6.79 -38.59 2.20
C ALA A 133 8.11 -38.80 2.94
N ARG A 134 8.25 -39.97 3.57
CA ARG A 134 9.48 -40.24 4.31
C ARG A 134 10.75 -40.46 3.47
N SER A 135 10.60 -40.73 2.18
CA SER A 135 11.80 -40.93 1.36
C SER A 135 12.22 -39.64 0.62
N CYS A 136 11.68 -38.52 1.08
CA CYS A 136 11.97 -37.22 0.50
C CYS A 136 13.39 -36.77 0.85
N SER A 137 14.09 -36.07 -0.05
CA SER A 137 15.43 -35.64 0.27
C SER A 137 15.80 -34.19 -0.01
N THR A 138 15.03 -33.50 -0.86
CA THR A 138 15.32 -32.11 -1.16
C THR A 138 14.15 -31.17 -0.83
N ALA A 139 14.47 -29.90 -0.65
CA ALA A 139 13.46 -28.89 -0.35
C ALA A 139 12.44 -28.80 -1.50
N ARG A 140 12.91 -29.00 -2.73
CA ARG A 140 12.06 -28.95 -3.89
C ARG A 140 11.04 -30.08 -3.84
N GLU A 141 11.48 -31.28 -3.47
CA GLU A 141 10.54 -32.42 -3.37
C GLU A 141 9.52 -32.10 -2.28
N MET A 142 9.97 -31.43 -1.22
CA MET A 142 9.07 -31.05 -0.13
C MET A 142 7.97 -30.16 -0.70
N PHE A 143 8.37 -29.17 -1.49
CA PHE A 143 7.44 -28.26 -2.12
C PHE A 143 6.41 -29.02 -2.93
N GLU A 144 6.88 -29.97 -3.75
CA GLU A 144 5.94 -30.72 -4.58
C GLU A 144 5.00 -31.60 -3.76
N HIS A 145 5.49 -32.14 -2.64
CA HIS A 145 4.61 -32.95 -1.80
C HIS A 145 3.53 -32.04 -1.21
N ILE A 146 3.93 -30.84 -0.82
CA ILE A 146 2.97 -29.89 -0.25
C ILE A 146 1.90 -29.43 -1.26
N CYS A 147 2.28 -29.19 -2.51
CA CYS A 147 1.30 -28.77 -3.51
C CYS A 147 0.29 -29.88 -3.74
N ARG A 148 0.74 -31.12 -3.72
CA ARG A 148 -0.14 -32.26 -3.92
C ARG A 148 -1.15 -32.36 -2.76
N HIS A 149 -0.62 -32.16 -1.55
CA HIS A 149 -1.43 -32.19 -0.34
C HIS A 149 -2.52 -31.11 -0.44
N VAL A 150 -2.10 -29.88 -0.73
CA VAL A 150 -3.02 -28.76 -0.84
C VAL A 150 -4.10 -28.96 -1.90
N ARG A 151 -3.70 -29.48 -3.06
CA ARG A 151 -4.65 -29.72 -4.14
C ARG A 151 -5.66 -30.78 -3.71
N TYR A 152 -5.16 -31.88 -3.15
CA TYR A 152 -6.01 -32.97 -2.68
C TYR A 152 -7.01 -32.52 -1.60
N SER A 153 -6.50 -31.79 -0.62
CA SER A 153 -7.32 -31.32 0.49
C SER A 153 -8.34 -30.26 0.10
N THR A 154 -7.96 -29.34 -0.78
CA THR A 154 -8.89 -28.28 -1.18
C THR A 154 -10.05 -28.90 -1.93
N ASN A 155 -9.74 -29.78 -2.88
CA ASN A 155 -10.76 -30.52 -3.58
C ASN A 155 -11.95 -29.66 -4.04
N ASN A 156 -11.66 -28.49 -4.57
CA ASN A 156 -12.67 -27.58 -5.06
C ASN A 156 -13.74 -27.18 -4.04
N GLY A 157 -13.34 -26.99 -2.79
CA GLY A 157 -14.31 -26.59 -1.79
C GLY A 157 -14.80 -27.69 -0.91
N ASN A 158 -14.71 -28.93 -1.37
CA ASN A 158 -15.15 -30.06 -0.54
C ASN A 158 -13.92 -30.55 0.22
N ILE A 159 -13.50 -29.74 1.20
CA ILE A 159 -12.30 -30.00 1.99
C ILE A 159 -12.21 -31.40 2.60
N ARG A 160 -11.03 -31.99 2.49
CA ARG A 160 -10.75 -33.32 3.04
C ARG A 160 -9.54 -33.18 3.97
N SER A 161 -9.54 -33.91 5.07
CA SER A 161 -8.43 -33.86 6.01
C SER A 161 -7.27 -34.69 5.48
N ALA A 162 -6.06 -34.19 5.68
CA ALA A 162 -4.87 -34.89 5.27
C ALA A 162 -3.66 -34.46 6.06
N ILE A 163 -2.66 -35.34 6.09
CA ILE A 163 -1.38 -35.03 6.73
C ILE A 163 -0.26 -35.54 5.80
N THR A 164 0.85 -34.82 5.72
CA THR A 164 1.98 -35.23 4.91
C THR A 164 3.13 -35.44 5.90
N VAL A 165 3.69 -36.65 5.90
CA VAL A 165 4.76 -36.95 6.83
C VAL A 165 6.13 -37.01 6.18
N PHE A 166 7.02 -36.13 6.62
CA PHE A 166 8.37 -36.07 6.09
C PHE A 166 9.29 -36.98 6.93
N PRO A 167 10.56 -37.13 6.52
CA PRO A 167 11.51 -37.99 7.25
C PRO A 167 11.66 -37.75 8.75
N GLN A 168 11.75 -38.84 9.51
CA GLN A 168 11.91 -38.73 10.96
C GLN A 168 13.21 -38.09 11.30
N ARG A 169 13.30 -37.54 12.50
CA ARG A 169 14.53 -36.90 12.95
C ARG A 169 15.61 -37.98 13.17
N SER A 170 16.86 -37.66 12.83
CA SER A 170 17.98 -38.61 13.01
C SER A 170 18.91 -38.06 14.10
N ASP A 171 19.93 -37.29 13.72
CA ASP A 171 20.82 -36.75 14.74
C ASP A 171 20.41 -35.31 15.14
N GLY A 172 19.26 -34.86 14.64
CA GLY A 172 18.79 -33.53 14.98
C GLY A 172 19.47 -32.42 14.22
N LYS A 173 20.30 -32.78 13.25
CA LYS A 173 21.00 -31.79 12.45
C LYS A 173 20.61 -31.96 10.99
N HIS A 174 19.65 -32.84 10.75
CA HIS A 174 19.16 -33.09 9.40
C HIS A 174 17.65 -32.99 9.39
N ASP A 175 17.11 -32.08 10.18
CA ASP A 175 15.66 -31.94 10.27
C ASP A 175 15.00 -31.51 8.98
N PHE A 176 13.88 -32.14 8.69
CA PHE A 176 13.09 -31.75 7.52
C PHE A 176 11.91 -30.99 8.14
N ARG A 177 11.77 -29.71 7.83
CA ARG A 177 10.64 -28.98 8.38
C ARG A 177 10.16 -27.77 7.60
N VAL A 178 8.92 -27.38 7.91
CA VAL A 178 8.30 -26.22 7.29
C VAL A 178 8.37 -25.15 8.37
N TRP A 179 9.08 -24.07 8.08
CA TRP A 179 9.22 -23.00 9.05
C TRP A 179 7.92 -22.24 9.34
N ASN A 180 7.03 -22.13 8.34
CA ASN A 180 5.74 -21.45 8.48
C ASN A 180 4.89 -22.10 9.57
N ALA A 181 4.16 -21.30 10.33
CA ALA A 181 3.28 -21.83 11.36
C ALA A 181 2.12 -22.56 10.65
N GLN A 182 1.68 -22.00 9.51
CA GLN A 182 0.62 -22.57 8.69
C GLN A 182 1.04 -22.62 7.22
N LEU A 183 0.42 -23.47 6.41
CA LEU A 183 0.76 -23.56 5.01
C LEU A 183 0.27 -22.33 4.26
N ILE A 184 -0.90 -21.83 4.64
CA ILE A 184 -1.43 -20.64 3.96
C ILE A 184 -1.63 -19.59 5.04
N ARG A 185 -1.01 -18.42 4.86
CA ARG A 185 -1.13 -17.33 5.82
C ARG A 185 -0.86 -16.01 5.07
N TYR A 186 -1.48 -14.92 5.51
CA TYR A 186 -1.29 -13.62 4.89
C TYR A 186 -0.13 -12.86 5.54
N ALA A 187 0.55 -12.06 4.73
CA ALA A 187 1.68 -11.26 5.20
C ALA A 187 1.25 -10.12 6.11
N GLY A 188 2.22 -9.60 6.85
CA GLY A 188 2.00 -8.48 7.72
C GLY A 188 3.20 -7.58 7.46
N TYR A 189 2.98 -6.34 7.05
CA TYR A 189 4.11 -5.45 6.76
C TYR A 189 4.17 -4.24 7.70
N GLN A 190 5.36 -3.90 8.15
CA GLN A 190 5.49 -2.71 8.97
C GLN A 190 5.84 -1.60 7.99
N MET A 191 5.08 -0.52 7.98
CA MET A 191 5.34 0.56 7.05
C MET A 191 6.37 1.58 7.58
N PRO A 192 6.97 2.38 6.69
CA PRO A 192 7.96 3.37 7.12
C PRO A 192 7.49 4.24 8.29
N ASP A 193 6.20 4.55 8.37
CA ASP A 193 5.71 5.39 9.46
C ASP A 193 5.41 4.60 10.74
N GLY A 194 5.63 3.28 10.70
CA GLY A 194 5.38 2.49 11.88
C GLY A 194 4.05 1.78 11.86
N SER A 195 3.13 2.22 11.01
CA SER A 195 1.83 1.55 10.94
C SER A 195 2.00 0.12 10.38
N ILE A 196 0.95 -0.70 10.48
CA ILE A 196 1.00 -2.07 10.00
C ILE A 196 -0.04 -2.34 8.93
N ARG A 197 0.38 -2.99 7.85
CA ARG A 197 -0.55 -3.34 6.80
C ARG A 197 -0.64 -4.87 6.72
N GLY A 198 -1.86 -5.40 6.75
CA GLY A 198 -2.02 -6.84 6.71
C GLY A 198 -2.21 -7.45 8.08
N ASP A 199 -1.77 -8.70 8.26
CA ASP A 199 -1.91 -9.40 9.53
C ASP A 199 -0.80 -8.93 10.50
N PRO A 200 -1.13 -8.09 11.49
CA PRO A 200 -0.04 -7.68 12.37
C PRO A 200 0.64 -8.79 13.15
N ALA A 201 -0.02 -9.94 13.31
CA ALA A 201 0.61 -11.04 14.04
C ALA A 201 1.60 -11.81 13.19
N ASN A 202 1.72 -11.46 11.91
CA ASN A 202 2.64 -12.17 11.04
C ASN A 202 3.76 -11.28 10.55
N VAL A 203 4.00 -10.19 11.26
CA VAL A 203 5.04 -9.26 10.87
C VAL A 203 6.45 -9.83 10.94
N GLU A 204 6.76 -10.53 12.01
CA GLU A 204 8.09 -11.08 12.15
C GLU A 204 8.40 -12.10 11.07
N PHE A 205 7.50 -13.04 10.84
CA PHE A 205 7.75 -14.06 9.84
C PHE A 205 7.80 -13.50 8.41
N THR A 206 6.97 -12.50 8.13
CA THR A 206 6.97 -11.90 6.80
C THR A 206 8.32 -11.20 6.57
N GLN A 207 8.84 -10.57 7.61
CA GLN A 207 10.13 -9.89 7.49
C GLN A 207 11.22 -10.93 7.18
N LEU A 208 11.16 -12.08 7.85
CA LEU A 208 12.13 -13.13 7.58
C LEU A 208 12.07 -13.51 6.10
N CYS A 209 10.87 -13.68 5.57
CA CYS A 209 10.70 -14.04 4.16
C CYS A 209 11.34 -13.00 3.25
N ILE A 210 11.17 -11.73 3.62
CA ILE A 210 11.73 -10.64 2.85
C ILE A 210 13.26 -10.71 2.91
N ASP A 211 13.81 -10.88 4.10
CA ASP A 211 15.27 -10.95 4.24
C ASP A 211 15.85 -12.10 3.44
N LEU A 212 15.02 -13.08 3.10
CA LEU A 212 15.48 -14.24 2.32
C LEU A 212 15.22 -14.08 0.83
N GLY A 213 14.70 -12.93 0.43
CA GLY A 213 14.50 -12.71 -0.99
C GLY A 213 13.10 -12.50 -1.54
N TRP A 214 12.08 -12.70 -0.72
CA TRP A 214 10.72 -12.54 -1.20
C TRP A 214 10.43 -11.05 -1.42
N LYS A 215 9.81 -10.73 -2.54
CA LYS A 215 9.47 -9.34 -2.83
C LYS A 215 8.12 -9.03 -2.22
N PRO A 216 8.06 -8.07 -1.29
CA PRO A 216 6.80 -7.69 -0.63
C PRO A 216 5.86 -6.97 -1.60
N LYS A 217 4.56 -7.08 -1.38
CA LYS A 217 3.55 -6.46 -2.24
C LYS A 217 2.74 -5.42 -1.48
N TYR A 218 3.01 -5.30 -0.18
CA TYR A 218 2.35 -4.33 0.68
C TYR A 218 0.85 -4.33 0.61
N GLY A 219 0.28 -5.50 0.37
CA GLY A 219 -1.16 -5.65 0.31
C GLY A 219 -1.70 -6.05 1.67
N ARG A 220 -3.01 -6.18 1.75
CA ARG A 220 -3.69 -6.53 2.98
C ARG A 220 -3.86 -8.06 3.12
N PHE A 221 -3.86 -8.75 1.98
CA PHE A 221 -4.05 -10.19 1.96
C PHE A 221 -3.07 -10.89 1.01
N ASP A 222 -1.77 -10.69 1.19
CA ASP A 222 -0.78 -11.34 0.34
C ASP A 222 -0.36 -12.65 1.00
N VAL A 223 -0.47 -13.75 0.27
CA VAL A 223 -0.09 -15.06 0.78
C VAL A 223 1.43 -15.17 0.82
N VAL A 224 2.00 -15.47 1.99
CA VAL A 224 3.44 -15.56 2.08
C VAL A 224 3.98 -16.86 1.50
N PRO A 225 5.25 -16.87 1.11
CA PRO A 225 5.83 -18.08 0.54
C PRO A 225 6.14 -19.13 1.61
N LEU A 226 6.32 -20.36 1.15
CA LEU A 226 6.69 -21.46 2.01
C LEU A 226 8.22 -21.39 2.20
N VAL A 227 8.66 -21.46 3.45
CA VAL A 227 10.10 -21.46 3.78
C VAL A 227 10.30 -22.92 4.20
N LEU A 228 10.99 -23.69 3.35
CA LEU A 228 11.21 -25.12 3.57
C LEU A 228 12.64 -25.54 3.86
N GLN A 229 12.83 -26.34 4.89
CA GLN A 229 14.16 -26.84 5.28
C GLN A 229 14.21 -28.35 5.07
N ALA A 230 15.19 -28.81 4.30
CA ALA A 230 15.33 -30.23 4.04
C ALA A 230 16.71 -30.70 4.50
N ASN A 231 16.76 -31.85 5.14
CA ASN A 231 18.02 -32.41 5.61
C ASN A 231 18.90 -31.45 6.42
N GLY A 232 18.27 -30.63 7.27
CA GLY A 232 19.02 -29.69 8.09
C GLY A 232 19.67 -28.54 7.36
N ARG A 233 19.51 -28.48 6.05
CA ARG A 233 20.12 -27.42 5.27
C ARG A 233 19.43 -26.06 5.48
N ASP A 234 20.05 -24.99 5.00
CA ASP A 234 19.41 -23.67 5.11
C ASP A 234 18.11 -23.74 4.32
N PRO A 235 17.09 -22.99 4.76
CA PRO A 235 15.78 -22.97 4.10
C PRO A 235 15.73 -22.39 2.70
N GLU A 236 14.79 -22.88 1.91
CA GLU A 236 14.59 -22.39 0.54
C GLU A 236 13.17 -21.85 0.46
N LEU A 237 12.95 -20.80 -0.34
CA LEU A 237 11.62 -20.22 -0.49
C LEU A 237 10.88 -20.74 -1.69
N PHE A 238 9.59 -20.97 -1.54
CA PHE A 238 8.77 -21.44 -2.64
C PHE A 238 7.44 -20.74 -2.53
N GLU A 239 6.98 -20.17 -3.61
CA GLU A 239 5.69 -19.51 -3.59
C GLU A 239 4.65 -20.50 -4.02
N ILE A 240 3.52 -20.52 -3.32
CA ILE A 240 2.47 -21.45 -3.68
C ILE A 240 1.79 -20.91 -4.94
N PRO A 241 1.57 -21.76 -5.95
CA PRO A 241 0.91 -21.30 -7.18
C PRO A 241 -0.44 -20.72 -6.79
N PRO A 242 -0.72 -19.47 -7.19
CA PRO A 242 -1.99 -18.81 -6.87
C PRO A 242 -3.24 -19.64 -7.10
N ASP A 243 -3.22 -20.49 -8.12
CA ASP A 243 -4.40 -21.29 -8.39
C ASP A 243 -4.65 -22.38 -7.37
N LEU A 244 -3.69 -22.64 -6.49
CA LEU A 244 -3.91 -23.67 -5.50
C LEU A 244 -4.49 -23.10 -4.22
N VAL A 245 -4.54 -21.77 -4.15
CA VAL A 245 -5.07 -21.11 -2.96
C VAL A 245 -6.53 -20.66 -3.08
N LEU A 246 -7.46 -21.46 -2.57
CA LEU A 246 -8.87 -21.09 -2.64
C LEU A 246 -9.20 -20.05 -1.57
N GLU A 247 -9.85 -18.95 -1.96
CA GLU A 247 -10.22 -17.87 -1.02
C GLU A 247 -11.70 -17.55 -1.13
N VAL A 248 -12.30 -17.14 -0.01
CA VAL A 248 -13.71 -16.79 0.03
C VAL A 248 -13.87 -15.28 0.30
N ALA A 249 -14.54 -14.59 -0.62
CA ALA A 249 -14.78 -13.16 -0.50
C ALA A 249 -15.91 -13.03 0.50
N MET A 250 -15.82 -12.09 1.43
CA MET A 250 -16.85 -11.95 2.46
C MET A 250 -18.03 -11.03 2.13
N GLU A 251 -19.25 -11.51 2.36
CA GLU A 251 -20.49 -10.76 2.16
C GLU A 251 -21.44 -11.07 3.31
N HIS A 252 -22.39 -10.16 3.54
CA HIS A 252 -23.39 -10.36 4.58
C HIS A 252 -24.74 -10.54 3.89
N PRO A 253 -25.56 -11.49 4.36
CA PRO A 253 -26.86 -11.72 3.74
C PRO A 253 -27.83 -10.53 3.76
N LYS A 254 -27.79 -9.71 4.81
CA LYS A 254 -28.67 -8.55 4.91
C LYS A 254 -27.96 -7.21 4.67
N TYR A 255 -26.72 -7.07 5.09
CA TYR A 255 -26.01 -5.81 4.90
C TYR A 255 -25.17 -5.74 3.63
N GLU A 256 -25.67 -5.01 2.64
CA GLU A 256 -24.97 -4.87 1.37
C GLU A 256 -23.63 -4.14 1.52
N TRP A 257 -23.52 -3.26 2.50
CA TRP A 257 -22.27 -2.53 2.66
C TRP A 257 -21.10 -3.42 3.14
N PHE A 258 -21.42 -4.61 3.66
CA PHE A 258 -20.38 -5.48 4.17
C PHE A 258 -19.29 -5.75 3.14
N ARG A 259 -19.68 -5.92 1.88
CA ARG A 259 -18.71 -6.19 0.84
C ARG A 259 -17.74 -5.03 0.62
N GLU A 260 -18.14 -3.83 1.00
CA GLU A 260 -17.29 -2.65 0.86
C GLU A 260 -16.07 -2.71 1.77
N LEU A 261 -16.11 -3.60 2.76
CA LEU A 261 -14.96 -3.75 3.65
C LEU A 261 -13.89 -4.49 2.86
N GLU A 262 -14.32 -5.14 1.78
CA GLU A 262 -13.43 -5.90 0.92
C GLU A 262 -12.60 -6.92 1.69
N LEU A 263 -13.29 -7.81 2.39
CA LEU A 263 -12.60 -8.80 3.17
C LEU A 263 -12.69 -10.18 2.55
N LYS A 264 -11.65 -10.99 2.81
CA LYS A 264 -11.65 -12.38 2.34
C LYS A 264 -10.77 -13.20 3.28
N TRP A 265 -10.77 -14.51 3.06
CA TRP A 265 -9.95 -15.39 3.85
C TRP A 265 -9.74 -16.69 3.08
N TYR A 266 -8.67 -17.41 3.39
CA TYR A 266 -8.39 -18.67 2.72
C TYR A 266 -9.26 -19.78 3.30
N ALA A 267 -9.55 -20.77 2.49
CA ALA A 267 -10.43 -21.88 2.89
C ALA A 267 -9.76 -23.03 3.63
N LEU A 268 -8.45 -23.13 3.52
CA LEU A 268 -7.75 -24.27 4.08
C LEU A 268 -6.94 -23.99 5.34
N PRO A 269 -7.40 -24.46 6.50
CA PRO A 269 -6.62 -24.20 7.71
C PRO A 269 -5.61 -25.35 7.83
N ALA A 270 -4.33 -25.03 7.76
CA ALA A 270 -3.32 -26.08 7.85
C ALA A 270 -2.18 -25.76 8.83
N VAL A 271 -2.01 -26.58 9.84
CA VAL A 271 -0.94 -26.40 10.85
C VAL A 271 0.31 -27.06 10.29
N ALA A 272 1.39 -26.31 10.17
CA ALA A 272 2.59 -26.86 9.56
C ALA A 272 3.87 -26.97 10.40
N ASN A 273 3.84 -26.47 11.63
CA ASN A 273 5.05 -26.45 12.43
C ASN A 273 5.09 -27.37 13.65
N MET A 274 4.16 -28.30 13.74
CA MET A 274 4.16 -29.21 14.87
C MET A 274 4.99 -30.48 14.64
N LEU A 275 5.30 -31.16 15.75
CA LEU A 275 6.12 -32.36 15.71
C LEU A 275 5.32 -33.57 16.13
N LEU A 276 5.41 -34.64 15.35
CA LEU A 276 4.69 -35.87 15.67
C LEU A 276 5.65 -36.80 16.43
N GLU A 277 5.21 -37.27 17.59
CA GLU A 277 6.00 -38.17 18.44
C GLU A 277 5.30 -39.52 18.46
N VAL A 278 6.04 -40.59 18.17
CA VAL A 278 5.49 -41.94 18.15
C VAL A 278 6.58 -42.98 18.44
N GLY A 279 6.31 -43.86 19.40
CA GLY A 279 7.26 -44.89 19.81
C GLY A 279 8.66 -44.33 20.04
N GLY A 280 8.73 -43.13 20.58
CA GLY A 280 10.04 -42.52 20.81
C GLY A 280 10.59 -41.83 19.58
N LEU A 281 10.02 -42.12 18.42
CA LEU A 281 10.43 -41.49 17.16
C LEU A 281 9.89 -40.04 17.07
N GLU A 282 10.65 -39.15 16.43
CA GLU A 282 10.24 -37.76 16.28
C GLU A 282 10.15 -37.31 14.81
N PHE A 283 8.96 -36.87 14.38
CA PHE A 283 8.76 -36.35 13.02
C PHE A 283 8.49 -34.84 13.11
N PRO A 284 9.53 -34.03 12.93
CA PRO A 284 9.38 -32.57 13.00
C PRO A 284 8.72 -31.90 11.78
N GLY A 285 8.42 -32.70 10.76
CA GLY A 285 7.79 -32.17 9.56
C GLY A 285 6.56 -33.01 9.23
N CYS A 286 5.38 -32.48 9.56
CA CYS A 286 4.16 -33.23 9.32
C CYS A 286 2.93 -32.32 9.22
N PRO A 287 2.89 -31.44 8.18
CA PRO A 287 1.74 -30.55 8.03
C PRO A 287 0.44 -31.30 7.84
N PHE A 288 -0.60 -30.83 8.52
CA PHE A 288 -1.91 -31.45 8.41
C PHE A 288 -3.00 -30.36 8.30
N ASN A 289 -4.16 -30.74 7.76
CA ASN A 289 -5.25 -29.79 7.64
C ASN A 289 -6.58 -30.43 7.95
N GLY A 290 -7.56 -29.60 8.28
CA GLY A 290 -8.91 -30.05 8.49
C GLY A 290 -9.70 -29.01 7.70
N TRP A 291 -10.85 -28.60 8.18
CA TRP A 291 -11.63 -27.52 7.56
C TRP A 291 -11.91 -26.56 8.71
N TYR A 292 -12.22 -25.32 8.40
CA TYR A 292 -12.45 -24.29 9.42
C TYR A 292 -13.70 -24.39 10.28
N MET A 293 -13.60 -23.81 11.48
CA MET A 293 -14.77 -23.66 12.33
C MET A 293 -14.89 -22.14 12.16
N GLY A 294 -16.08 -21.66 11.80
CA GLY A 294 -16.30 -20.22 11.57
C GLY A 294 -15.78 -19.18 12.57
N THR A 295 -15.91 -19.47 13.86
CA THR A 295 -15.44 -18.54 14.87
C THR A 295 -13.95 -18.24 14.76
N GLU A 296 -13.20 -19.17 14.19
CA GLU A 296 -11.76 -18.97 14.05
C GLU A 296 -11.47 -17.70 13.22
N ILE A 297 -12.24 -17.52 12.15
CA ILE A 297 -12.07 -16.37 11.27
C ILE A 297 -12.88 -15.15 11.75
N GLY A 298 -14.17 -15.38 12.01
CA GLY A 298 -15.05 -14.30 12.44
C GLY A 298 -14.66 -13.62 13.75
N VAL A 299 -14.40 -14.43 14.77
CA VAL A 299 -14.03 -13.88 16.06
C VAL A 299 -12.53 -13.60 16.18
N ARG A 300 -11.69 -14.63 16.02
CA ARG A 300 -10.26 -14.43 16.21
C ARG A 300 -9.54 -13.61 15.15
N ASP A 301 -9.52 -14.07 13.90
CA ASP A 301 -8.81 -13.31 12.85
C ASP A 301 -9.34 -11.90 12.64
N PHE A 302 -10.66 -11.75 12.55
CA PHE A 302 -11.26 -10.44 12.27
C PHE A 302 -11.46 -9.51 13.46
N CYS A 303 -11.78 -10.07 14.63
CA CYS A 303 -12.03 -9.22 15.79
C CYS A 303 -10.97 -9.10 16.88
N ASP A 304 -9.94 -9.94 16.89
CA ASP A 304 -8.88 -9.81 17.90
C ASP A 304 -8.24 -8.45 17.70
N VAL A 305 -7.99 -7.71 18.78
CA VAL A 305 -7.37 -6.39 18.63
C VAL A 305 -5.95 -6.49 18.06
N GLN A 306 -5.27 -7.59 18.32
CA GLN A 306 -3.92 -7.75 17.80
C GLN A 306 -3.91 -8.33 16.37
N ARG A 307 -5.08 -8.56 15.78
CA ARG A 307 -5.16 -9.12 14.42
C ARG A 307 -5.80 -8.10 13.46
N TYR A 308 -6.79 -8.49 12.64
CA TYR A 308 -7.37 -7.52 11.69
C TYR A 308 -8.22 -6.43 12.35
N ASN A 309 -8.66 -6.68 13.56
CA ASN A 309 -9.37 -5.66 14.35
C ASN A 309 -10.42 -4.78 13.67
N ILE A 310 -11.43 -5.39 13.04
CA ILE A 310 -12.46 -4.63 12.32
C ILE A 310 -13.74 -4.39 13.11
N LEU A 311 -13.75 -4.77 14.38
CA LEU A 311 -14.95 -4.63 15.20
C LEU A 311 -15.60 -3.24 15.24
N GLU A 312 -14.80 -2.21 15.49
CA GLU A 312 -15.34 -0.87 15.59
C GLU A 312 -15.93 -0.36 14.28
N GLU A 313 -15.29 -0.70 13.17
CA GLU A 313 -15.78 -0.27 11.88
C GLU A 313 -17.14 -0.89 11.56
N VAL A 314 -17.30 -2.18 11.84
CA VAL A 314 -18.56 -2.84 11.58
C VAL A 314 -19.65 -2.28 12.50
N GLY A 315 -19.28 -1.94 13.74
CA GLY A 315 -20.23 -1.39 14.68
C GLY A 315 -20.76 -0.05 14.17
N ARG A 316 -19.87 0.79 13.64
CA ARG A 316 -20.27 2.08 13.10
C ARG A 316 -21.24 1.92 11.93
N ARG A 317 -20.88 1.06 10.98
CA ARG A 317 -21.73 0.81 9.81
C ARG A 317 -23.11 0.32 10.18
N MET A 318 -23.21 -0.40 11.29
CA MET A 318 -24.49 -0.91 11.74
C MET A 318 -25.30 0.20 12.44
N GLY A 319 -24.62 1.29 12.78
CA GLY A 319 -25.29 2.39 13.45
C GLY A 319 -25.55 2.11 14.92
N LEU A 320 -24.60 1.45 15.57
CA LEU A 320 -24.73 1.10 16.98
C LEU A 320 -24.05 2.17 17.83
N GLU A 321 -24.40 2.20 19.11
CA GLU A 321 -23.81 3.16 20.05
C GLU A 321 -22.46 2.65 20.49
N THR A 322 -21.45 2.82 19.64
CA THR A 322 -20.12 2.34 19.96
C THR A 322 -19.39 3.11 21.06
N HIS A 323 -20.07 4.08 21.67
CA HIS A 323 -19.45 4.87 22.76
C HIS A 323 -19.82 4.28 24.12
N LYS A 324 -20.74 3.32 24.14
CA LYS A 324 -21.19 2.69 25.38
C LYS A 324 -20.95 1.18 25.39
N LEU A 325 -20.02 0.73 26.22
CA LEU A 325 -19.77 -0.70 26.30
C LEU A 325 -21.05 -1.41 26.69
N ALA A 326 -21.82 -0.81 27.59
CA ALA A 326 -23.05 -1.41 28.08
C ALA A 326 -24.16 -1.58 27.08
N SER A 327 -24.05 -1.02 25.88
CA SER A 327 -25.13 -1.21 24.91
C SER A 327 -24.89 -2.58 24.27
N LEU A 328 -23.73 -3.15 24.54
CA LEU A 328 -23.31 -4.44 24.00
C LEU A 328 -23.22 -4.40 22.48
N TRP A 329 -22.74 -3.29 21.92
CA TRP A 329 -22.62 -3.21 20.46
C TRP A 329 -21.56 -4.20 19.97
N LYS A 330 -20.52 -4.41 20.77
CA LYS A 330 -19.46 -5.35 20.39
C LYS A 330 -20.05 -6.75 20.18
N ASP A 331 -20.93 -7.16 21.09
CA ASP A 331 -21.55 -8.47 20.98
C ASP A 331 -22.44 -8.57 19.75
N GLN A 332 -23.23 -7.53 19.46
CA GLN A 332 -24.08 -7.58 18.28
C GLN A 332 -23.24 -7.63 17.02
N ALA A 333 -22.17 -6.84 16.99
CA ALA A 333 -21.31 -6.82 15.83
C ALA A 333 -20.56 -8.15 15.59
N VAL A 334 -20.04 -8.81 16.64
CA VAL A 334 -19.34 -10.07 16.39
C VAL A 334 -20.28 -11.11 15.82
N VAL A 335 -21.53 -11.10 16.28
CA VAL A 335 -22.50 -12.06 15.75
C VAL A 335 -22.74 -11.86 14.25
N GLU A 336 -22.92 -10.61 13.82
CA GLU A 336 -23.14 -10.29 12.41
C GLU A 336 -21.93 -10.70 11.56
N ILE A 337 -20.74 -10.37 12.05
CA ILE A 337 -19.50 -10.74 11.35
C ILE A 337 -19.40 -12.26 11.17
N ASN A 338 -19.80 -13.02 12.19
CA ASN A 338 -19.75 -14.46 12.11
C ASN A 338 -20.82 -15.04 11.22
N ILE A 339 -21.96 -14.35 11.12
CA ILE A 339 -23.03 -14.80 10.23
C ILE A 339 -22.50 -14.60 8.81
N ALA A 340 -21.80 -13.49 8.59
CA ALA A 340 -21.23 -13.23 7.28
C ALA A 340 -20.25 -14.35 6.86
N VAL A 341 -19.37 -14.75 7.78
CA VAL A 341 -18.39 -15.79 7.48
C VAL A 341 -19.08 -17.09 7.03
N LEU A 342 -20.04 -17.55 7.81
CA LEU A 342 -20.73 -18.78 7.46
C LEU A 342 -21.49 -18.66 6.14
N HIS A 343 -22.16 -17.53 5.94
CA HIS A 343 -22.90 -17.30 4.72
C HIS A 343 -21.98 -17.30 3.51
N SER A 344 -20.87 -16.57 3.59
CA SER A 344 -19.95 -16.49 2.47
C SER A 344 -19.37 -17.85 2.09
N PHE A 345 -18.97 -18.66 3.07
CA PHE A 345 -18.41 -19.96 2.74
C PHE A 345 -19.47 -20.81 2.08
N GLN A 346 -20.66 -20.80 2.67
CA GLN A 346 -21.77 -21.58 2.16
C GLN A 346 -22.14 -21.20 0.74
N LYS A 347 -22.21 -19.90 0.49
CA LYS A 347 -22.56 -19.41 -0.82
C LYS A 347 -21.54 -19.85 -1.87
N GLN A 348 -20.28 -20.00 -1.47
CA GLN A 348 -19.28 -20.44 -2.43
C GLN A 348 -19.03 -21.94 -2.37
N ASN A 349 -19.91 -22.66 -1.66
CA ASN A 349 -19.78 -24.10 -1.53
C ASN A 349 -18.45 -24.61 -0.97
N VAL A 350 -17.94 -23.95 0.06
CA VAL A 350 -16.69 -24.34 0.70
C VAL A 350 -17.02 -24.85 2.10
N THR A 351 -16.59 -26.07 2.42
CA THR A 351 -16.89 -26.65 3.74
C THR A 351 -16.45 -25.72 4.87
N ILE A 352 -17.33 -25.54 5.83
CA ILE A 352 -17.06 -24.71 6.99
C ILE A 352 -17.98 -25.30 8.05
N MET A 353 -17.66 -25.10 9.32
CA MET A 353 -18.48 -25.64 10.38
C MET A 353 -18.74 -24.57 11.44
N ASP A 354 -20.01 -24.36 11.81
CA ASP A 354 -20.37 -23.39 12.84
C ASP A 354 -19.98 -24.02 14.20
N HIS A 355 -19.79 -23.17 15.21
CA HIS A 355 -19.40 -23.65 16.53
C HIS A 355 -20.41 -24.48 17.31
N HIS A 356 -21.70 -24.36 17.01
CA HIS A 356 -22.73 -25.17 17.72
C HIS A 356 -22.66 -26.61 17.25
N SER A 357 -22.62 -26.80 15.95
CA SER A 357 -22.53 -28.15 15.40
C SER A 357 -21.21 -28.77 15.86
N ALA A 358 -20.13 -28.01 15.81
CA ALA A 358 -18.85 -28.54 16.25
C ALA A 358 -18.96 -29.01 17.69
N ALA A 359 -19.54 -28.16 18.55
CA ALA A 359 -19.68 -28.52 19.97
C ALA A 359 -20.51 -29.78 20.17
N GLU A 360 -21.63 -29.90 19.45
CA GLU A 360 -22.47 -31.08 19.56
C GLU A 360 -21.73 -32.35 19.13
N SER A 361 -21.02 -32.28 18.00
CA SER A 361 -20.32 -33.46 17.54
C SER A 361 -19.24 -33.85 18.53
N PHE A 362 -18.60 -32.87 19.16
CA PHE A 362 -17.57 -33.19 20.12
C PHE A 362 -18.14 -33.96 21.31
N MET A 363 -19.35 -33.60 21.74
CA MET A 363 -19.98 -34.30 22.86
C MET A 363 -20.22 -35.78 22.51
N LYS A 364 -20.61 -36.06 21.26
CA LYS A 364 -20.84 -37.43 20.81
C LYS A 364 -19.52 -38.19 20.84
N TYR A 365 -18.50 -37.56 20.28
CA TYR A 365 -17.17 -38.14 20.22
C TYR A 365 -16.63 -38.46 21.61
N MET A 366 -16.78 -37.53 22.53
CA MET A 366 -16.30 -37.71 23.88
C MET A 366 -16.98 -38.91 24.56
N GLN A 367 -18.27 -39.07 24.29
CA GLN A 367 -19.07 -40.15 24.82
C GLN A 367 -18.51 -41.50 24.30
N ASN A 368 -18.28 -41.58 23.00
CA ASN A 368 -17.72 -42.77 22.38
C ASN A 368 -16.34 -43.07 22.93
N GLU A 369 -15.54 -42.02 23.13
CA GLU A 369 -14.19 -42.23 23.65
C GLU A 369 -14.21 -42.86 25.02
N TYR A 370 -15.15 -42.43 25.86
CA TYR A 370 -15.22 -43.00 27.18
C TYR A 370 -15.69 -44.46 27.12
N ARG A 371 -16.62 -44.76 26.20
CA ARG A 371 -17.11 -46.13 26.03
C ARG A 371 -16.02 -47.00 25.42
N SER A 372 -15.16 -46.40 24.61
CA SER A 372 -14.09 -47.15 23.93
C SER A 372 -12.83 -47.36 24.74
N ARG A 373 -12.32 -46.30 25.36
CA ARG A 373 -11.09 -46.46 26.12
C ARG A 373 -11.04 -45.80 27.47
N GLY A 374 -12.22 -45.51 28.03
CA GLY A 374 -12.31 -44.90 29.35
C GLY A 374 -11.47 -43.66 29.51
N GLY A 375 -11.49 -42.80 28.50
CA GLY A 375 -10.71 -41.58 28.58
C GLY A 375 -10.82 -40.75 27.32
N CYS A 376 -10.47 -39.49 27.45
CA CYS A 376 -10.51 -38.54 26.35
C CYS A 376 -9.79 -37.29 26.84
N PRO A 377 -8.50 -37.14 26.49
CA PRO A 377 -7.78 -35.94 26.93
C PRO A 377 -8.47 -34.73 26.29
N ALA A 378 -8.81 -33.74 27.11
CA ALA A 378 -9.50 -32.54 26.63
C ALA A 378 -9.07 -31.30 27.40
N ASP A 379 -8.75 -30.24 26.67
CA ASP A 379 -8.33 -28.96 27.24
C ASP A 379 -9.53 -27.99 27.15
N TRP A 380 -10.28 -27.87 28.25
CA TRP A 380 -11.48 -27.05 28.31
C TRP A 380 -11.29 -25.68 27.69
N ILE A 381 -10.19 -25.02 28.06
CA ILE A 381 -9.88 -23.69 27.59
C ILE A 381 -9.82 -23.49 26.07
N TRP A 382 -9.40 -24.53 25.35
CA TRP A 382 -9.32 -24.44 23.89
C TRP A 382 -10.55 -25.01 23.21
N LEU A 383 -11.30 -25.84 23.91
CA LEU A 383 -12.47 -26.46 23.32
C LEU A 383 -13.75 -25.60 23.33
N VAL A 384 -13.94 -24.78 24.36
CA VAL A 384 -15.09 -23.87 24.45
C VAL A 384 -14.86 -22.79 23.39
N PRO A 385 -15.83 -22.58 22.47
CA PRO A 385 -15.65 -21.56 21.43
C PRO A 385 -15.48 -20.17 22.02
N PRO A 386 -14.82 -19.26 21.31
CA PRO A 386 -14.56 -17.89 21.77
C PRO A 386 -15.76 -16.92 21.77
N MET A 387 -16.95 -17.43 21.47
CA MET A 387 -18.18 -16.62 21.53
C MET A 387 -19.28 -17.60 21.91
N SER A 388 -20.29 -17.11 22.61
CA SER A 388 -21.43 -17.92 23.03
C SER A 388 -21.02 -19.17 23.83
N GLY A 389 -19.93 -19.04 24.59
CA GLY A 389 -19.43 -20.14 25.37
C GLY A 389 -20.44 -21.06 26.06
N SER A 390 -21.17 -20.54 27.04
CA SER A 390 -22.09 -21.42 27.76
C SER A 390 -23.32 -21.87 27.00
N ILE A 391 -23.52 -21.36 25.79
CA ILE A 391 -24.67 -21.75 24.98
C ILE A 391 -24.37 -23.08 24.27
N THR A 392 -23.12 -23.54 24.35
CA THR A 392 -22.73 -24.81 23.74
C THR A 392 -22.56 -25.81 24.88
N PRO A 393 -22.83 -27.08 24.62
CA PRO A 393 -22.70 -28.11 25.66
C PRO A 393 -21.31 -28.34 26.25
N VAL A 394 -20.24 -28.05 25.51
CA VAL A 394 -18.90 -28.29 26.04
C VAL A 394 -18.56 -27.41 27.25
N PHE A 395 -19.22 -26.27 27.35
CA PHE A 395 -18.96 -25.37 28.46
C PHE A 395 -19.27 -26.03 29.81
N HIS A 396 -20.34 -26.82 29.81
CA HIS A 396 -20.81 -27.50 30.99
C HIS A 396 -20.16 -28.85 31.27
N GLN A 397 -19.22 -29.25 30.43
CA GLN A 397 -18.55 -30.53 30.58
C GLN A 397 -17.21 -30.47 31.31
N GLU A 398 -17.09 -31.16 32.44
CA GLU A 398 -15.79 -31.18 33.15
C GLU A 398 -14.85 -32.08 32.32
N MET A 399 -13.58 -31.71 32.23
CA MET A 399 -12.65 -32.47 31.43
C MET A 399 -11.29 -32.64 32.08
N LEU A 400 -10.58 -33.69 31.66
CA LEU A 400 -9.24 -33.96 32.17
C LEU A 400 -8.25 -33.75 31.03
N ASN A 401 -7.23 -32.95 31.25
CA ASN A 401 -6.22 -32.69 30.23
C ASN A 401 -4.96 -33.49 30.58
N TYR A 402 -4.52 -34.35 29.66
CA TYR A 402 -3.31 -35.13 29.86
C TYR A 402 -2.67 -35.56 28.54
N VAL A 403 -1.36 -35.77 28.57
CA VAL A 403 -0.59 -36.13 27.39
C VAL A 403 -0.28 -37.61 27.18
N LEU A 404 -0.79 -38.17 26.09
CA LEU A 404 -0.57 -39.57 25.73
C LEU A 404 0.49 -39.70 24.63
N SER A 405 0.49 -40.84 23.95
CA SER A 405 1.42 -41.08 22.84
C SER A 405 0.74 -42.07 21.93
N PRO A 406 0.76 -41.84 20.61
CA PRO A 406 1.37 -40.75 19.82
C PRO A 406 0.76 -39.39 20.17
N PHE A 407 1.50 -38.32 19.90
CA PHE A 407 1.04 -36.97 20.22
C PHE A 407 1.66 -35.90 19.29
N TYR A 408 0.98 -34.77 19.14
CA TYR A 408 1.48 -33.66 18.33
C TYR A 408 1.97 -32.59 19.30
N TYR A 409 3.27 -32.35 19.29
CA TYR A 409 3.90 -31.37 20.15
C TYR A 409 4.21 -30.08 19.40
N TYR A 410 4.40 -28.99 20.14
CA TYR A 410 4.80 -27.73 19.57
C TYR A 410 6.32 -27.84 19.41
N GLN A 411 6.93 -26.92 18.67
CA GLN A 411 8.38 -26.92 18.51
C GLN A 411 8.81 -25.50 18.73
N VAL A 412 10.11 -25.28 18.80
CA VAL A 412 10.61 -23.92 18.96
C VAL A 412 10.69 -23.41 17.52
N GLU A 413 10.32 -22.16 17.28
CA GLU A 413 10.40 -21.65 15.92
C GLU A 413 11.78 -21.91 15.33
N ALA A 414 11.79 -22.55 14.17
CA ALA A 414 13.05 -22.91 13.51
C ALA A 414 14.05 -21.76 13.35
N TRP A 415 13.60 -20.55 13.07
CA TRP A 415 14.55 -19.47 12.87
C TRP A 415 15.31 -19.08 14.13
N LYS A 416 14.74 -19.39 15.29
CA LYS A 416 15.38 -19.07 16.56
C LYS A 416 16.51 -20.04 16.89
N THR A 417 16.43 -21.27 16.39
CA THR A 417 17.46 -22.25 16.70
C THR A 417 18.35 -22.68 15.55
N HIS A 418 18.00 -22.32 14.32
CA HIS A 418 18.80 -22.74 13.18
C HIS A 418 20.17 -22.09 13.15
N VAL A 419 21.18 -22.88 12.79
CA VAL A 419 22.54 -22.37 12.66
C VAL A 419 22.79 -22.32 11.16
N TRP A 420 22.82 -21.11 10.61
CA TRP A 420 23.01 -20.92 9.19
C TRP A 420 24.37 -21.37 8.65
N GLN A 421 24.31 -22.14 7.57
CA GLN A 421 25.51 -22.66 6.92
C GLN A 421 26.11 -21.58 6.03
N ASP A 422 25.30 -21.04 5.12
CA ASP A 422 25.77 -20.00 4.22
C ASP A 422 25.53 -18.62 4.85
N ARG B 2 12.69 -18.77 39.86
CA ARG B 2 12.19 -18.08 41.08
C ARG B 2 10.74 -17.67 40.91
N HIS B 3 10.32 -17.56 39.65
CA HIS B 3 8.95 -17.17 39.35
C HIS B 3 8.42 -17.79 38.06
N VAL B 4 7.14 -17.58 37.80
CA VAL B 4 6.51 -18.06 36.58
C VAL B 4 6.17 -16.82 35.79
N ARG B 5 6.53 -16.82 34.52
CA ARG B 5 6.28 -15.70 33.62
C ARG B 5 4.88 -15.81 33.02
N ILE B 6 4.14 -14.71 33.08
CA ILE B 6 2.76 -14.66 32.59
C ILE B 6 2.61 -13.63 31.48
N LYS B 7 2.02 -14.04 30.37
CA LYS B 7 1.86 -13.11 29.26
C LYS B 7 0.41 -12.81 28.85
N ASN B 8 0.21 -11.60 28.33
CA ASN B 8 -1.08 -11.18 27.82
C ASN B 8 -0.86 -11.08 26.32
N TRP B 9 -1.44 -11.99 25.57
CA TRP B 9 -1.27 -12.01 24.13
C TRP B 9 -1.98 -10.88 23.40
N GLY B 10 -2.80 -10.13 24.11
CA GLY B 10 -3.50 -9.04 23.48
C GLY B 10 -2.74 -7.73 23.51
N SER B 11 -1.84 -7.58 24.48
CA SER B 11 -1.05 -6.36 24.63
C SER B 11 0.43 -6.65 24.68
N GLY B 12 0.80 -7.91 24.80
CA GLY B 12 2.21 -8.26 24.87
C GLY B 12 2.81 -8.14 26.27
N MET B 13 2.08 -7.51 27.19
CA MET B 13 2.54 -7.34 28.57
C MET B 13 2.81 -8.66 29.29
N THR B 14 3.80 -8.64 30.17
CA THR B 14 4.20 -9.80 30.97
C THR B 14 4.17 -9.45 32.47
N PHE B 15 4.06 -10.46 33.31
CA PHE B 15 4.04 -10.29 34.76
C PHE B 15 4.90 -11.41 35.28
N GLN B 16 5.51 -11.21 36.44
CA GLN B 16 6.33 -12.24 37.06
C GLN B 16 5.58 -12.64 38.33
N ASP B 17 5.23 -13.92 38.47
CA ASP B 17 4.52 -14.33 39.66
C ASP B 17 5.37 -15.06 40.69
N THR B 18 5.58 -14.39 41.82
CA THR B 18 6.36 -14.93 42.93
C THR B 18 5.42 -15.31 44.07
N LEU B 19 4.31 -14.59 44.18
CA LEU B 19 3.34 -14.81 45.24
C LEU B 19 2.86 -16.24 45.33
N HIS B 20 2.92 -17.00 44.24
CA HIS B 20 2.44 -18.37 44.28
C HIS B 20 3.20 -19.28 45.23
N HIS B 21 4.41 -18.90 45.62
CA HIS B 21 5.19 -19.75 46.53
C HIS B 21 4.59 -19.83 47.93
N LYS B 22 3.80 -18.84 48.31
CA LYS B 22 3.15 -18.84 49.62
C LYS B 22 1.90 -19.71 49.58
N ALA B 23 1.49 -20.11 48.38
CA ALA B 23 0.30 -20.93 48.22
C ALA B 23 0.34 -22.24 48.97
N LYS B 24 -0.83 -22.72 49.34
CA LYS B 24 -0.97 -23.99 50.05
C LYS B 24 -0.93 -25.13 49.02
N GLY B 25 -0.42 -26.29 49.42
CA GLY B 25 -0.33 -27.39 48.49
C GLY B 25 -1.54 -28.30 48.50
N ILE B 26 -2.70 -27.76 48.12
CA ILE B 26 -3.92 -28.55 48.11
C ILE B 26 -4.55 -28.88 46.75
N LEU B 27 -4.07 -28.25 45.68
CA LEU B 27 -4.61 -28.51 44.35
C LEU B 27 -4.35 -29.95 43.95
N THR B 28 -5.33 -30.58 43.30
CA THR B 28 -5.22 -31.98 42.89
C THR B 28 -4.58 -32.16 41.51
N CYS B 29 -3.92 -31.13 41.00
CA CYS B 29 -3.25 -31.22 39.71
C CYS B 29 -1.85 -31.80 39.89
N ARG B 30 -1.50 -32.70 38.97
CA ARG B 30 -0.20 -33.37 38.98
C ARG B 30 0.47 -33.27 37.60
N SER B 31 1.64 -33.88 37.45
CA SER B 31 2.35 -33.84 36.17
C SER B 31 1.67 -34.76 35.17
N LYS B 32 0.90 -35.71 35.70
CA LYS B 32 0.19 -36.68 34.88
C LYS B 32 -1.11 -36.15 34.26
N SER B 33 -1.82 -35.27 34.96
CA SER B 33 -3.06 -34.72 34.44
C SER B 33 -3.47 -33.40 35.09
N CYS B 34 -4.22 -32.60 34.33
CA CYS B 34 -4.68 -31.31 34.80
C CYS B 34 -6.17 -31.38 35.11
N LEU B 35 -6.51 -31.05 36.35
CA LEU B 35 -7.90 -31.08 36.84
C LEU B 35 -8.51 -29.67 36.97
N GLY B 36 -7.81 -28.67 36.45
CA GLY B 36 -8.29 -27.31 36.52
C GLY B 36 -9.75 -27.04 36.20
N SER B 37 -10.37 -27.84 35.32
CA SER B 37 -11.78 -27.60 34.97
C SER B 37 -12.85 -28.23 35.86
N ILE B 38 -12.47 -28.88 36.96
CA ILE B 38 -13.45 -29.48 37.86
C ILE B 38 -14.22 -28.35 38.55
N MET B 39 -15.55 -28.40 38.50
CA MET B 39 -16.40 -27.38 39.11
C MET B 39 -16.22 -27.18 40.61
N THR B 40 -16.46 -28.24 41.37
CA THR B 40 -16.32 -28.18 42.83
C THR B 40 -15.24 -29.14 43.31
N PRO B 41 -13.97 -28.79 43.09
CA PRO B 41 -12.90 -29.69 43.54
C PRO B 41 -12.84 -29.78 45.05
N LYS B 42 -12.51 -30.97 45.57
CA LYS B 42 -12.40 -31.16 47.00
C LYS B 42 -11.25 -30.33 47.58
N SER B 43 -10.30 -29.97 46.73
CA SER B 43 -9.17 -29.17 47.18
C SER B 43 -9.65 -27.77 47.57
N LEU B 44 -10.82 -27.38 47.07
CA LEU B 44 -11.36 -26.07 47.38
C LEU B 44 -12.48 -26.17 48.43
N THR B 45 -12.78 -27.39 48.84
CA THR B 45 -13.81 -27.65 49.84
C THR B 45 -13.21 -27.82 51.23
N ARG B 46 -13.98 -27.47 52.25
CA ARG B 46 -13.56 -27.62 53.63
C ARG B 46 -14.75 -28.24 54.34
N GLY B 47 -14.69 -29.56 54.51
CA GLY B 47 -15.77 -30.30 55.16
C GLY B 47 -15.92 -30.12 56.66
N PRO B 48 -16.90 -30.80 57.27
CA PRO B 48 -17.14 -30.69 58.72
C PRO B 48 -16.10 -31.38 59.60
N ARG B 49 -16.18 -31.12 60.91
CA ARG B 49 -15.28 -31.71 61.92
C ARG B 49 -16.10 -32.09 63.13
N ASP B 50 -15.62 -33.06 63.90
CA ASP B 50 -16.31 -33.48 65.11
C ASP B 50 -15.42 -33.23 66.33
N LYS B 51 -14.25 -32.64 66.07
CA LYS B 51 -13.29 -32.30 67.12
C LYS B 51 -12.64 -30.96 66.80
N PRO B 52 -12.14 -30.26 67.83
CA PRO B 52 -11.49 -28.96 67.64
C PRO B 52 -10.16 -29.08 66.90
N THR B 53 -9.66 -27.96 66.41
CA THR B 53 -8.38 -27.93 65.71
C THR B 53 -7.27 -27.98 66.75
N PRO B 54 -6.45 -29.05 66.73
CA PRO B 54 -5.35 -29.21 67.69
C PRO B 54 -4.54 -27.92 67.79
N PRO B 55 -4.33 -27.42 69.03
CA PRO B 55 -3.57 -26.18 69.28
C PRO B 55 -2.23 -26.30 68.60
N ASP B 56 -1.84 -27.55 68.40
CA ASP B 56 -0.60 -27.96 67.74
C ASP B 56 -0.54 -27.35 66.33
N GLU B 57 -1.54 -27.70 65.52
CA GLU B 57 -1.66 -27.24 64.14
C GLU B 57 -2.07 -25.78 64.03
N LEU B 58 -2.89 -25.33 64.97
CA LEU B 58 -3.41 -23.97 64.98
C LEU B 58 -2.43 -22.84 65.22
N LEU B 59 -1.54 -23.01 66.21
CA LEU B 59 -0.59 -21.98 66.58
C LEU B 59 0.25 -21.37 65.43
N PRO B 60 0.77 -22.22 64.55
CA PRO B 60 1.58 -21.70 63.43
C PRO B 60 0.74 -20.78 62.51
N GLN B 61 -0.42 -21.29 62.09
CA GLN B 61 -1.34 -20.55 61.21
C GLN B 61 -1.73 -19.21 61.84
N ALA B 62 -2.04 -19.26 63.13
CA ALA B 62 -2.42 -18.05 63.85
C ALA B 62 -1.31 -17.02 63.78
N ILE B 63 -0.08 -17.45 64.05
CA ILE B 63 1.07 -16.54 64.04
C ILE B 63 1.29 -16.03 62.61
N GLU B 64 1.17 -16.96 61.68
CA GLU B 64 1.31 -16.64 60.27
C GLU B 64 0.30 -15.52 59.91
N PHE B 65 -0.94 -15.67 60.36
CA PHE B 65 -1.95 -14.66 60.08
C PHE B 65 -1.61 -13.32 60.72
N VAL B 66 -1.27 -13.36 62.01
CA VAL B 66 -0.93 -12.13 62.75
C VAL B 66 0.20 -11.39 62.02
N ASN B 67 1.17 -12.15 61.51
CA ASN B 67 2.28 -11.55 60.79
C ASN B 67 1.77 -10.89 59.52
N GLN B 68 0.88 -11.59 58.81
CA GLN B 68 0.30 -11.05 57.58
C GLN B 68 -0.45 -9.77 57.89
N TYR B 69 -1.22 -9.78 58.97
CA TYR B 69 -1.97 -8.60 59.37
C TYR B 69 -1.09 -7.41 59.71
N TYR B 70 -0.10 -7.60 60.57
CA TYR B 70 0.77 -6.48 60.94
C TYR B 70 1.69 -6.03 59.81
N GLY B 71 2.07 -6.96 58.94
CA GLY B 71 2.92 -6.60 57.83
C GLY B 71 2.22 -5.66 56.87
N SER B 72 0.89 -5.75 56.80
CA SER B 72 0.12 -4.90 55.90
C SER B 72 0.15 -3.42 56.27
N PHE B 73 0.50 -3.14 57.52
CA PHE B 73 0.54 -1.75 57.98
C PHE B 73 1.61 -0.92 57.29
N LYS B 74 1.22 0.28 56.89
CA LYS B 74 2.13 1.21 56.21
C LYS B 74 3.37 1.49 57.04
N GLU B 75 3.26 1.28 58.36
CA GLU B 75 4.38 1.52 59.27
C GLU B 75 4.42 0.44 60.36
N ALA B 76 5.56 -0.24 60.46
CA ALA B 76 5.74 -1.29 61.44
C ALA B 76 5.31 -0.88 62.84
N LYS B 77 4.89 -1.85 63.64
CA LYS B 77 4.46 -1.61 65.01
C LYS B 77 4.86 -2.84 65.82
N ILE B 78 6.18 -3.04 65.86
CA ILE B 78 6.84 -4.14 66.54
C ILE B 78 6.26 -4.48 67.90
N GLU B 79 6.09 -3.44 68.72
CA GLU B 79 5.54 -3.61 70.06
C GLU B 79 4.18 -4.32 69.96
N GLU B 80 3.21 -3.64 69.37
CA GLU B 80 1.86 -4.16 69.17
C GLU B 80 1.91 -5.51 68.49
N HIS B 81 2.70 -5.60 67.42
CA HIS B 81 2.87 -6.84 66.69
C HIS B 81 3.34 -7.93 67.65
N LEU B 82 4.51 -7.72 68.26
CA LEU B 82 5.09 -8.68 69.21
C LEU B 82 4.11 -9.03 70.33
N ALA B 83 3.46 -8.00 70.90
CA ALA B 83 2.50 -8.21 71.98
C ALA B 83 1.33 -9.08 71.53
N ARG B 84 0.84 -8.84 70.31
CA ARG B 84 -0.28 -9.59 69.76
C ARG B 84 0.14 -11.04 69.53
N VAL B 85 1.37 -11.23 69.03
CA VAL B 85 1.87 -12.58 68.80
C VAL B 85 1.92 -13.35 70.11
N GLU B 86 2.16 -12.61 71.19
CA GLU B 86 2.25 -13.17 72.52
C GLU B 86 0.86 -13.52 73.04
N ALA B 87 -0.06 -12.56 72.92
CA ALA B 87 -1.44 -12.74 73.37
C ALA B 87 -2.11 -13.95 72.74
N VAL B 88 -1.93 -14.09 71.43
CA VAL B 88 -2.52 -15.18 70.67
C VAL B 88 -2.00 -16.54 71.12
N THR B 89 -0.70 -16.59 71.37
CA THR B 89 -0.03 -17.82 71.80
C THR B 89 -0.58 -18.30 73.13
N LYS B 90 -0.63 -17.40 74.11
CA LYS B 90 -1.14 -17.74 75.42
C LYS B 90 -2.60 -18.15 75.35
N GLU B 91 -3.37 -17.42 74.55
CA GLU B 91 -4.79 -17.74 74.41
C GLU B 91 -5.00 -19.13 73.84
N ILE B 92 -4.23 -19.49 72.81
CA ILE B 92 -4.40 -20.80 72.22
C ILE B 92 -4.07 -21.89 73.23
N GLU B 93 -3.10 -21.61 74.10
CA GLU B 93 -2.69 -22.57 75.12
C GLU B 93 -3.68 -22.67 76.27
N THR B 94 -4.13 -21.53 76.77
CA THR B 94 -5.06 -21.52 77.90
C THR B 94 -6.55 -21.72 77.56
N THR B 95 -6.91 -21.65 76.28
CA THR B 95 -8.31 -21.86 75.90
C THR B 95 -8.48 -22.92 74.81
N GLY B 96 -7.45 -23.10 73.99
CA GLY B 96 -7.51 -24.09 72.93
C GLY B 96 -7.81 -23.49 71.57
N THR B 97 -8.01 -22.18 71.55
CA THR B 97 -8.30 -21.46 70.31
C THR B 97 -8.09 -19.97 70.58
N TYR B 98 -8.47 -19.11 69.64
CA TYR B 98 -8.32 -17.68 69.85
C TYR B 98 -9.42 -16.88 69.17
N GLN B 99 -9.50 -15.60 69.50
CA GLN B 99 -10.50 -14.69 68.95
C GLN B 99 -9.82 -13.58 68.18
N LEU B 100 -10.37 -13.24 67.03
CA LEU B 100 -9.81 -12.18 66.23
C LEU B 100 -10.38 -10.88 66.75
N THR B 101 -9.64 -9.79 66.58
CA THR B 101 -10.15 -8.50 67.00
C THR B 101 -11.05 -8.02 65.86
N GLY B 102 -11.85 -6.99 66.13
CA GLY B 102 -12.72 -6.49 65.10
C GLY B 102 -11.92 -6.11 63.86
N ASP B 103 -10.85 -5.35 64.06
CA ASP B 103 -10.00 -4.91 62.97
C ASP B 103 -9.34 -6.03 62.19
N GLU B 104 -9.01 -7.12 62.87
CA GLU B 104 -8.38 -8.24 62.19
C GLU B 104 -9.43 -8.92 61.31
N LEU B 105 -10.69 -8.96 61.79
CA LEU B 105 -11.77 -9.59 61.04
C LEU B 105 -12.05 -8.81 59.76
N ILE B 106 -12.00 -7.49 59.84
CA ILE B 106 -12.23 -6.64 58.69
C ILE B 106 -11.16 -6.93 57.65
N PHE B 107 -9.91 -6.92 58.11
CA PHE B 107 -8.77 -7.21 57.25
C PHE B 107 -8.92 -8.59 56.61
N ALA B 108 -9.25 -9.59 57.41
CA ALA B 108 -9.39 -10.94 56.93
C ALA B 108 -10.45 -11.10 55.85
N THR B 109 -11.65 -10.54 56.07
CA THR B 109 -12.71 -10.66 55.08
C THR B 109 -12.31 -10.00 53.76
N LYS B 110 -11.65 -8.84 53.83
CA LYS B 110 -11.21 -8.18 52.60
C LYS B 110 -10.12 -8.96 51.89
N GLN B 111 -9.16 -9.50 52.65
CA GLN B 111 -8.07 -10.28 52.06
C GLN B 111 -8.57 -11.57 51.43
N ALA B 112 -9.54 -12.21 52.07
CA ALA B 112 -10.08 -13.45 51.53
C ALA B 112 -10.76 -13.15 50.17
N TRP B 113 -11.38 -11.97 50.06
CA TRP B 113 -12.04 -11.57 48.82
C TRP B 113 -10.95 -11.36 47.77
N ARG B 114 -9.91 -10.63 48.18
CA ARG B 114 -8.78 -10.33 47.32
C ARG B 114 -8.12 -11.63 46.82
N ASN B 115 -8.20 -12.69 47.62
CA ASN B 115 -7.62 -13.97 47.26
C ASN B 115 -8.59 -14.92 46.58
N ALA B 116 -9.79 -14.46 46.21
CA ALA B 116 -10.77 -15.32 45.55
C ALA B 116 -10.46 -15.34 44.05
N PRO B 117 -9.90 -16.45 43.55
CA PRO B 117 -9.51 -16.63 42.13
C PRO B 117 -10.67 -16.59 41.14
N ARG B 118 -11.83 -17.01 41.59
CA ARG B 118 -12.98 -17.08 40.72
C ARG B 118 -13.86 -15.83 40.69
N CYS B 119 -13.40 -14.76 41.31
CA CYS B 119 -14.20 -13.53 41.34
C CYS B 119 -13.68 -12.41 40.47
N ILE B 120 -14.46 -12.04 39.46
CA ILE B 120 -14.04 -10.99 38.56
C ILE B 120 -14.20 -9.57 39.13
N GLY B 121 -14.98 -9.42 40.19
CA GLY B 121 -15.19 -8.07 40.73
C GLY B 121 -14.24 -7.64 41.84
N ARG B 122 -13.06 -8.26 41.93
CA ARG B 122 -12.11 -7.93 43.00
C ARG B 122 -11.53 -6.52 43.05
N ILE B 123 -11.69 -5.72 42.01
CA ILE B 123 -11.13 -4.39 42.11
C ILE B 123 -11.81 -3.60 43.23
N GLN B 124 -12.97 -4.06 43.65
CA GLN B 124 -13.74 -3.41 44.71
C GLN B 124 -13.40 -3.96 46.09
N TRP B 125 -12.42 -4.85 46.18
CA TRP B 125 -12.08 -5.49 47.44
C TRP B 125 -11.91 -4.64 48.71
N SER B 126 -11.52 -3.38 48.57
CA SER B 126 -11.34 -2.55 49.75
C SER B 126 -12.63 -1.89 50.23
N ASN B 127 -13.69 -1.92 49.42
CA ASN B 127 -14.98 -1.34 49.81
C ASN B 127 -15.91 -2.48 50.22
N LEU B 128 -15.84 -2.86 51.48
CA LEU B 128 -16.64 -3.94 51.98
C LEU B 128 -17.15 -3.62 53.37
N GLN B 129 -18.46 -3.75 53.58
CA GLN B 129 -19.04 -3.51 54.89
C GLN B 129 -19.01 -4.84 55.63
N VAL B 130 -18.50 -4.83 56.86
CA VAL B 130 -18.42 -6.03 57.67
C VAL B 130 -19.34 -6.00 58.88
N PHE B 131 -20.26 -6.98 58.97
CA PHE B 131 -21.18 -7.06 60.10
C PHE B 131 -20.69 -8.17 61.04
N ASP B 132 -20.21 -7.76 62.21
CA ASP B 132 -19.67 -8.68 63.19
C ASP B 132 -20.80 -9.32 64.01
N ALA B 133 -21.21 -10.52 63.63
CA ALA B 133 -22.29 -11.20 64.33
C ALA B 133 -21.74 -12.40 65.10
N ARG B 134 -20.49 -12.29 65.54
CA ARG B 134 -19.85 -13.38 66.27
C ARG B 134 -20.46 -13.72 67.64
N SER B 135 -21.29 -12.82 68.19
CA SER B 135 -21.93 -13.08 69.47
C SER B 135 -23.35 -13.59 69.28
N CYS B 136 -23.70 -13.97 68.06
CA CYS B 136 -25.04 -14.46 67.75
C CYS B 136 -25.24 -15.81 68.46
N SER B 137 -26.47 -16.09 68.91
CA SER B 137 -26.70 -17.35 69.59
C SER B 137 -27.96 -18.11 69.25
N THR B 138 -28.88 -17.50 68.47
CA THR B 138 -30.10 -18.22 68.09
C THR B 138 -30.41 -18.07 66.62
N ALA B 139 -31.25 -18.96 66.11
CA ALA B 139 -31.64 -18.94 64.72
C ALA B 139 -32.40 -17.66 64.42
N ARG B 140 -33.33 -17.28 65.29
CA ARG B 140 -34.08 -16.05 65.04
C ARG B 140 -33.15 -14.85 65.02
N GLU B 141 -32.14 -14.86 65.85
CA GLU B 141 -31.18 -13.75 65.88
C GLU B 141 -30.42 -13.75 64.55
N MET B 142 -30.14 -14.93 64.00
CA MET B 142 -29.43 -15.03 62.73
C MET B 142 -30.29 -14.37 61.66
N PHE B 143 -31.58 -14.69 61.68
CA PHE B 143 -32.53 -14.12 60.73
C PHE B 143 -32.53 -12.59 60.78
N GLU B 144 -32.46 -12.05 61.99
CA GLU B 144 -32.46 -10.60 62.14
C GLU B 144 -31.20 -9.97 61.57
N HIS B 145 -30.05 -10.61 61.78
CA HIS B 145 -28.79 -10.08 61.24
C HIS B 145 -28.88 -10.13 59.72
N ILE B 146 -29.40 -11.22 59.20
CA ILE B 146 -29.51 -11.36 57.76
C ILE B 146 -30.45 -10.31 57.15
N CYS B 147 -31.56 -9.99 57.81
CA CYS B 147 -32.48 -8.99 57.26
C CYS B 147 -31.81 -7.64 57.25
N ARG B 148 -31.00 -7.37 58.27
CA ARG B 148 -30.27 -6.12 58.38
C ARG B 148 -29.29 -6.04 57.22
N HIS B 149 -28.59 -7.14 56.97
CA HIS B 149 -27.63 -7.22 55.89
C HIS B 149 -28.36 -6.93 54.55
N VAL B 150 -29.43 -7.68 54.28
CA VAL B 150 -30.16 -7.50 53.04
C VAL B 150 -30.60 -6.05 52.84
N ARG B 151 -31.17 -5.44 53.88
CA ARG B 151 -31.61 -4.05 53.78
C ARG B 151 -30.42 -3.10 53.51
N TYR B 152 -29.32 -3.28 54.23
CA TYR B 152 -28.14 -2.42 54.05
C TYR B 152 -27.56 -2.49 52.64
N SER B 153 -27.43 -3.71 52.12
CA SER B 153 -26.83 -3.91 50.81
C SER B 153 -27.77 -3.55 49.68
N THR B 154 -29.07 -3.82 49.83
CA THR B 154 -29.98 -3.49 48.73
C THR B 154 -30.00 -1.98 48.55
N ASN B 155 -30.14 -1.25 49.65
CA ASN B 155 -30.04 0.21 49.60
C ASN B 155 -30.81 0.90 48.46
N ASN B 156 -32.08 0.54 48.31
CA ASN B 156 -32.94 1.12 47.27
C ASN B 156 -32.41 0.98 45.85
N GLY B 157 -31.62 -0.05 45.57
CA GLY B 157 -31.10 -0.21 44.22
C GLY B 157 -29.66 0.21 44.04
N ASN B 158 -29.14 0.98 44.98
CA ASN B 158 -27.77 1.41 44.88
C ASN B 158 -26.97 0.41 45.71
N ILE B 159 -26.85 -0.79 45.17
CA ILE B 159 -26.20 -1.92 45.82
C ILE B 159 -24.83 -1.68 46.45
N ARG B 160 -24.66 -2.18 47.68
CA ARG B 160 -23.40 -2.09 48.43
C ARG B 160 -22.95 -3.50 48.82
N SER B 161 -21.64 -3.74 48.81
CA SER B 161 -21.10 -5.04 49.17
C SER B 161 -20.99 -5.21 50.67
N ALA B 162 -21.33 -6.38 51.17
CA ALA B 162 -21.23 -6.60 52.60
C ALA B 162 -21.15 -8.09 52.94
N ILE B 163 -20.68 -8.36 54.15
CA ILE B 163 -20.56 -9.72 54.64
C ILE B 163 -20.97 -9.72 56.12
N THR B 164 -21.69 -10.77 56.52
CA THR B 164 -22.11 -10.92 57.90
C THR B 164 -21.33 -12.12 58.42
N VAL B 165 -20.59 -11.95 59.51
CA VAL B 165 -19.81 -13.06 60.07
C VAL B 165 -20.39 -13.63 61.37
N PHE B 166 -20.84 -14.88 61.31
CA PHE B 166 -21.39 -15.56 62.46
C PHE B 166 -20.25 -16.22 63.27
N PRO B 167 -20.55 -16.83 64.43
CA PRO B 167 -19.50 -17.45 65.26
C PRO B 167 -18.59 -18.47 64.57
N GLN B 168 -17.30 -18.43 64.94
CA GLN B 168 -16.33 -19.36 64.38
C GLN B 168 -16.66 -20.77 64.81
N ARG B 169 -16.07 -21.74 64.13
CA ARG B 169 -16.33 -23.12 64.45
C ARG B 169 -15.55 -23.48 65.71
N SER B 170 -16.18 -24.25 66.59
CA SER B 170 -15.54 -24.66 67.83
C SER B 170 -15.14 -26.13 67.69
N ASP B 171 -16.00 -27.03 68.14
CA ASP B 171 -15.69 -28.45 68.03
C ASP B 171 -16.33 -29.04 66.79
N GLY B 172 -16.95 -28.18 65.98
CA GLY B 172 -17.59 -28.63 64.76
C GLY B 172 -18.99 -29.19 64.95
N LYS B 173 -19.48 -29.16 66.19
CA LYS B 173 -20.81 -29.68 66.49
C LYS B 173 -21.82 -28.58 66.81
N HIS B 174 -21.33 -27.34 66.82
CA HIS B 174 -22.19 -26.20 67.12
C HIS B 174 -22.08 -25.17 66.00
N ASP B 175 -22.00 -25.66 64.76
CA ASP B 175 -21.87 -24.77 63.61
C ASP B 175 -23.04 -23.82 63.41
N PHE B 176 -22.70 -22.60 63.04
CA PHE B 176 -23.69 -21.60 62.72
C PHE B 176 -23.59 -21.47 61.20
N ARG B 177 -24.65 -21.83 60.49
CA ARG B 177 -24.63 -21.66 59.04
C ARG B 177 -25.98 -21.54 58.38
N VAL B 178 -25.98 -21.09 57.13
CA VAL B 178 -27.23 -21.02 56.43
C VAL B 178 -27.11 -22.05 55.33
N TRP B 179 -28.10 -22.94 55.27
CA TRP B 179 -28.13 -24.03 54.31
C TRP B 179 -28.30 -23.60 52.86
N ASN B 180 -29.05 -22.52 52.63
CA ASN B 180 -29.26 -22.03 51.26
C ASN B 180 -27.91 -21.70 50.64
N ALA B 181 -27.80 -21.93 49.33
CA ALA B 181 -26.59 -21.64 48.57
C ALA B 181 -26.51 -20.12 48.42
N GLN B 182 -27.67 -19.49 48.31
CA GLN B 182 -27.77 -18.03 48.17
C GLN B 182 -28.79 -17.47 49.16
N LEU B 183 -28.74 -16.17 49.43
CA LEU B 183 -29.72 -15.56 50.32
C LEU B 183 -31.08 -15.42 49.63
N ILE B 184 -31.09 -14.99 48.36
CA ILE B 184 -32.32 -14.84 47.58
C ILE B 184 -32.22 -15.85 46.43
N ARG B 185 -33.27 -16.63 46.22
CA ARG B 185 -33.28 -17.66 45.18
C ARG B 185 -34.72 -18.11 44.94
N TYR B 186 -35.08 -18.39 43.70
CA TYR B 186 -36.44 -18.84 43.41
C TYR B 186 -36.60 -20.35 43.54
N ALA B 187 -37.82 -20.77 43.86
CA ALA B 187 -38.12 -22.18 44.02
C ALA B 187 -38.25 -22.92 42.69
N GLY B 188 -38.17 -24.24 42.77
CA GLY B 188 -38.32 -25.09 41.59
C GLY B 188 -39.26 -26.20 42.03
N TYR B 189 -40.31 -26.46 41.27
CA TYR B 189 -41.25 -27.50 41.66
C TYR B 189 -41.49 -28.55 40.60
N GLN B 190 -41.59 -29.80 41.01
CA GLN B 190 -41.91 -30.84 40.05
C GLN B 190 -43.43 -31.04 40.09
N MET B 191 -44.10 -30.56 39.04
CA MET B 191 -45.56 -30.64 38.93
C MET B 191 -46.13 -32.04 38.71
N PRO B 192 -47.41 -32.25 39.10
CA PRO B 192 -48.10 -33.53 38.97
C PRO B 192 -48.08 -34.08 37.54
N ASP B 193 -48.13 -33.18 36.56
CA ASP B 193 -48.12 -33.57 35.16
C ASP B 193 -46.73 -33.93 34.64
N GLY B 194 -45.72 -33.88 35.51
CA GLY B 194 -44.37 -34.23 35.09
C GLY B 194 -43.52 -33.06 34.63
N SER B 195 -44.08 -31.86 34.59
CA SER B 195 -43.34 -30.68 34.15
C SER B 195 -42.63 -30.04 35.34
N ILE B 196 -41.70 -29.13 35.08
CA ILE B 196 -41.01 -28.46 36.17
C ILE B 196 -41.35 -26.98 36.14
N ARG B 197 -41.83 -26.46 37.26
CA ARG B 197 -42.15 -25.04 37.33
C ARG B 197 -41.15 -24.30 38.20
N GLY B 198 -40.66 -23.15 37.71
CA GLY B 198 -39.70 -22.34 38.44
C GLY B 198 -38.27 -22.65 38.02
N ASP B 199 -37.33 -22.52 38.97
CA ASP B 199 -35.92 -22.78 38.68
C ASP B 199 -35.64 -24.30 38.80
N PRO B 200 -35.52 -24.98 37.66
CA PRO B 200 -35.27 -26.42 37.72
C PRO B 200 -34.06 -26.88 38.52
N ALA B 201 -33.06 -26.02 38.69
CA ALA B 201 -31.86 -26.40 39.44
C ALA B 201 -32.05 -26.30 40.95
N ASN B 202 -33.21 -25.82 41.38
CA ASN B 202 -33.47 -25.68 42.80
C ASN B 202 -34.55 -26.62 43.33
N VAL B 203 -34.94 -27.60 42.53
CA VAL B 203 -35.98 -28.54 42.92
C VAL B 203 -35.62 -29.30 44.21
N GLU B 204 -34.39 -29.80 44.28
CA GLU B 204 -33.96 -30.56 45.45
C GLU B 204 -34.05 -29.74 46.73
N PHE B 205 -33.50 -28.52 46.73
CA PHE B 205 -33.55 -27.69 47.94
C PHE B 205 -34.97 -27.24 48.26
N THR B 206 -35.75 -26.93 47.24
CA THR B 206 -37.13 -26.50 47.45
C THR B 206 -37.90 -27.64 48.14
N GLN B 207 -37.67 -28.87 47.69
CA GLN B 207 -38.32 -30.03 48.26
C GLN B 207 -37.93 -30.16 49.73
N LEU B 208 -36.68 -29.86 50.05
CA LEU B 208 -36.23 -29.92 51.42
C LEU B 208 -37.00 -28.93 52.27
N CYS B 209 -37.28 -27.76 51.70
CA CYS B 209 -38.01 -26.73 52.44
C CYS B 209 -39.43 -27.22 52.70
N ILE B 210 -40.04 -27.81 51.69
CA ILE B 210 -41.39 -28.32 51.83
C ILE B 210 -41.40 -29.34 52.97
N ASP B 211 -40.50 -30.31 52.90
CA ASP B 211 -40.41 -31.34 53.92
C ASP B 211 -40.21 -30.75 55.31
N LEU B 212 -39.72 -29.51 55.38
CA LEU B 212 -39.51 -28.87 56.67
C LEU B 212 -40.71 -28.03 57.06
N GLY B 213 -41.75 -28.08 56.25
CA GLY B 213 -42.95 -27.31 56.60
C GLY B 213 -43.32 -26.09 55.79
N TRP B 214 -42.49 -25.69 54.83
CA TRP B 214 -42.82 -24.52 54.03
C TRP B 214 -43.96 -24.86 53.07
N LYS B 215 -44.86 -23.91 52.83
CA LYS B 215 -45.99 -24.13 51.93
C LYS B 215 -45.66 -23.74 50.49
N PRO B 216 -45.52 -24.72 49.60
CA PRO B 216 -45.21 -24.38 48.21
C PRO B 216 -46.30 -23.50 47.63
N LYS B 217 -45.88 -22.45 46.93
CA LYS B 217 -46.82 -21.52 46.30
C LYS B 217 -46.95 -21.81 44.80
N TYR B 218 -46.24 -22.83 44.33
CA TYR B 218 -46.26 -23.26 42.93
C TYR B 218 -46.20 -22.16 41.87
N GLY B 219 -45.46 -21.08 42.18
CA GLY B 219 -45.30 -20.00 41.24
C GLY B 219 -44.02 -20.21 40.46
N ARG B 220 -43.74 -19.28 39.56
CA ARG B 220 -42.56 -19.33 38.70
C ARG B 220 -41.34 -18.62 39.33
N PHE B 221 -41.60 -17.67 40.21
CA PHE B 221 -40.56 -16.89 40.88
C PHE B 221 -40.86 -16.75 42.36
N ASP B 222 -40.97 -17.87 43.06
CA ASP B 222 -41.23 -17.84 44.48
C ASP B 222 -39.90 -17.85 45.24
N VAL B 223 -39.71 -16.88 46.12
CA VAL B 223 -38.48 -16.83 46.90
C VAL B 223 -38.52 -17.91 47.99
N VAL B 224 -37.53 -18.78 48.02
CA VAL B 224 -37.54 -19.82 49.06
C VAL B 224 -37.17 -19.22 50.40
N PRO B 225 -37.58 -19.88 51.49
CA PRO B 225 -37.26 -19.37 52.83
C PRO B 225 -35.82 -19.68 53.22
N LEU B 226 -35.36 -18.99 54.25
CA LEU B 226 -34.02 -19.22 54.75
C LEU B 226 -34.08 -20.43 55.67
N VAL B 227 -33.14 -21.34 55.51
CA VAL B 227 -33.08 -22.51 56.38
C VAL B 227 -31.85 -22.20 57.22
N LEU B 228 -32.07 -21.76 58.46
CA LEU B 228 -30.98 -21.36 59.35
C LEU B 228 -30.62 -22.36 60.48
N GLN B 229 -29.33 -22.60 60.62
CA GLN B 229 -28.84 -23.54 61.61
C GLN B 229 -28.04 -22.78 62.63
N ALA B 230 -28.52 -22.81 63.88
CA ALA B 230 -27.84 -22.12 64.95
C ALA B 230 -27.23 -23.06 65.99
N ASN B 231 -25.97 -22.77 66.32
CA ASN B 231 -25.29 -23.54 67.36
C ASN B 231 -25.38 -25.04 67.17
N GLY B 232 -25.25 -25.50 65.93
CA GLY B 232 -25.32 -26.93 65.66
C GLY B 232 -26.67 -27.59 65.78
N ARG B 233 -27.71 -26.81 66.12
CA ARG B 233 -29.07 -27.35 66.28
C ARG B 233 -29.72 -27.61 64.93
N ASP B 234 -30.87 -28.29 64.95
CA ASP B 234 -31.60 -28.56 63.71
C ASP B 234 -31.98 -27.20 63.11
N PRO B 235 -32.08 -27.12 61.78
CA PRO B 235 -32.42 -25.89 61.05
C PRO B 235 -33.85 -25.41 61.25
N GLU B 236 -34.03 -24.09 61.17
CA GLU B 236 -35.34 -23.45 61.32
C GLU B 236 -35.63 -22.56 60.11
N LEU B 237 -36.87 -22.60 59.60
CA LEU B 237 -37.27 -21.81 58.45
C LEU B 237 -37.72 -20.40 58.79
N PHE B 238 -37.32 -19.46 57.96
CA PHE B 238 -37.67 -18.06 58.13
C PHE B 238 -37.88 -17.51 56.73
N GLU B 239 -38.98 -16.78 56.53
CA GLU B 239 -39.23 -16.20 55.22
C GLU B 239 -38.81 -14.76 55.22
N ILE B 240 -38.09 -14.37 54.19
CA ILE B 240 -37.63 -12.99 54.08
C ILE B 240 -38.87 -12.16 53.78
N PRO B 241 -39.03 -11.02 54.47
CA PRO B 241 -40.19 -10.17 54.21
C PRO B 241 -40.15 -9.75 52.72
N PRO B 242 -41.30 -9.76 52.04
CA PRO B 242 -41.34 -9.38 50.62
C PRO B 242 -40.77 -7.99 50.33
N ASP B 243 -41.06 -7.05 51.21
CA ASP B 243 -40.59 -5.68 51.03
C ASP B 243 -39.07 -5.53 50.99
N LEU B 244 -38.34 -6.55 51.42
CA LEU B 244 -36.88 -6.49 51.43
C LEU B 244 -36.26 -7.12 50.17
N VAL B 245 -37.05 -7.86 49.41
CA VAL B 245 -36.56 -8.49 48.20
C VAL B 245 -36.82 -7.63 46.96
N LEU B 246 -35.85 -6.82 46.59
CA LEU B 246 -36.00 -5.98 45.41
C LEU B 246 -35.90 -6.85 44.13
N GLU B 247 -36.86 -6.67 43.22
CA GLU B 247 -36.87 -7.41 41.96
C GLU B 247 -36.94 -6.47 40.75
N VAL B 248 -36.41 -6.90 39.62
CA VAL B 248 -36.40 -6.10 38.41
C VAL B 248 -37.22 -6.85 37.37
N ALA B 249 -38.20 -6.17 36.79
CA ALA B 249 -39.04 -6.80 35.76
C ALA B 249 -38.31 -6.58 34.45
N MET B 250 -38.27 -7.60 33.62
CA MET B 250 -37.54 -7.52 32.36
C MET B 250 -38.31 -6.99 31.16
N GLU B 251 -37.70 -6.02 30.48
CA GLU B 251 -38.24 -5.42 29.28
C GLU B 251 -37.09 -5.25 28.29
N HIS B 252 -37.42 -5.13 27.01
CA HIS B 252 -36.39 -4.92 26.00
C HIS B 252 -36.63 -3.53 25.44
N PRO B 253 -35.57 -2.76 25.20
CA PRO B 253 -35.75 -1.41 24.67
C PRO B 253 -36.44 -1.29 23.29
N LYS B 254 -36.56 -2.40 22.57
CA LYS B 254 -37.20 -2.38 21.25
C LYS B 254 -38.37 -3.36 21.20
N TYR B 255 -38.07 -4.64 21.40
CA TYR B 255 -39.10 -5.67 21.37
C TYR B 255 -40.06 -5.50 22.53
N GLU B 256 -41.21 -4.90 22.23
CA GLU B 256 -42.21 -4.69 23.26
C GLU B 256 -42.84 -6.00 23.70
N TRP B 257 -42.80 -7.02 22.84
CA TRP B 257 -43.36 -8.31 23.21
C TRP B 257 -42.55 -8.96 24.34
N PHE B 258 -41.33 -8.46 24.58
CA PHE B 258 -40.48 -9.03 25.62
C PHE B 258 -41.14 -9.05 26.99
N ARG B 259 -41.74 -7.93 27.40
CA ARG B 259 -42.40 -7.90 28.70
C ARG B 259 -43.50 -8.96 28.76
N GLU B 260 -43.95 -9.44 27.62
CA GLU B 260 -45.00 -10.46 27.61
C GLU B 260 -44.52 -11.81 28.12
N LEU B 261 -43.20 -11.98 28.22
CA LEU B 261 -42.61 -13.21 28.71
C LEU B 261 -42.77 -13.23 30.23
N GLU B 262 -43.06 -12.05 30.78
CA GLU B 262 -43.27 -11.90 32.22
C GLU B 262 -42.07 -12.38 33.04
N LEU B 263 -40.88 -11.92 32.69
CA LEU B 263 -39.70 -12.34 33.40
C LEU B 263 -39.23 -11.28 34.39
N LYS B 264 -38.60 -11.74 35.46
CA LYS B 264 -38.02 -10.83 36.45
C LYS B 264 -36.89 -11.57 37.18
N TRP B 265 -36.10 -10.82 37.94
CA TRP B 265 -35.03 -11.41 38.70
C TRP B 265 -34.73 -10.53 39.89
N TYR B 266 -34.16 -11.11 40.94
CA TYR B 266 -33.81 -10.34 42.14
C TYR B 266 -32.54 -9.55 41.85
N ALA B 267 -32.39 -8.41 42.52
CA ALA B 267 -31.25 -7.54 42.32
C ALA B 267 -29.99 -7.87 43.13
N LEU B 268 -30.16 -8.63 44.21
CA LEU B 268 -29.06 -8.94 45.12
C LEU B 268 -28.42 -10.32 45.01
N PRO B 269 -27.19 -10.39 44.48
CA PRO B 269 -26.53 -11.69 44.37
C PRO B 269 -25.77 -11.94 45.69
N ALA B 270 -26.18 -12.93 46.47
CA ALA B 270 -25.51 -13.20 47.74
C ALA B 270 -25.15 -14.68 47.95
N VAL B 271 -23.87 -14.94 48.14
CA VAL B 271 -23.40 -16.30 48.37
C VAL B 271 -23.51 -16.52 49.87
N ALA B 272 -24.25 -17.55 50.26
CA ALA B 272 -24.51 -17.80 51.67
C ALA B 272 -23.94 -19.06 52.27
N ASN B 273 -23.35 -19.92 51.46
CA ASN B 273 -22.91 -21.22 51.97
C ASN B 273 -21.42 -21.55 51.95
N MET B 274 -20.57 -20.53 51.86
CA MET B 274 -19.15 -20.77 51.84
C MET B 274 -18.55 -20.63 53.24
N LEU B 275 -17.27 -20.98 53.36
CA LEU B 275 -16.59 -20.93 54.66
C LEU B 275 -15.36 -20.06 54.58
N LEU B 276 -15.24 -19.17 55.55
CA LEU B 276 -14.09 -18.27 55.63
C LEU B 276 -13.00 -18.90 56.51
N GLU B 277 -11.80 -19.06 55.95
CA GLU B 277 -10.67 -19.64 56.68
C GLU B 277 -9.69 -18.52 56.95
N VAL B 278 -9.32 -18.33 58.20
CA VAL B 278 -8.36 -17.30 58.54
C VAL B 278 -7.52 -17.73 59.75
N GLY B 279 -6.20 -17.64 59.58
CA GLY B 279 -5.25 -18.03 60.60
C GLY B 279 -5.61 -19.34 61.27
N GLY B 280 -6.08 -20.32 60.51
CA GLY B 280 -6.45 -21.59 61.12
C GLY B 280 -7.88 -21.62 61.64
N LEU B 281 -8.49 -20.44 61.78
CA LEU B 281 -9.87 -20.35 62.25
C LEU B 281 -10.84 -20.63 61.09
N GLU B 282 -11.97 -21.22 61.39
CA GLU B 282 -12.95 -21.52 60.36
C GLU B 282 -14.31 -20.91 60.69
N PHE B 283 -14.83 -20.11 59.76
CA PHE B 283 -16.15 -19.51 59.95
C PHE B 283 -17.11 -20.11 58.91
N PRO B 284 -17.94 -21.08 59.32
CA PRO B 284 -18.90 -21.73 58.42
C PRO B 284 -20.14 -20.89 58.05
N GLY B 285 -20.33 -19.76 58.74
CA GLY B 285 -21.47 -18.90 58.45
C GLY B 285 -20.96 -17.50 58.15
N CYS B 286 -20.96 -17.12 56.88
CA CYS B 286 -20.47 -15.80 56.48
C CYS B 286 -21.05 -15.36 55.14
N PRO B 287 -22.37 -15.18 55.04
CA PRO B 287 -22.97 -14.75 53.76
C PRO B 287 -22.43 -13.40 53.33
N PHE B 288 -22.15 -13.26 52.04
CA PHE B 288 -21.66 -12.00 51.53
C PHE B 288 -22.35 -11.69 50.20
N ASN B 289 -22.30 -10.43 49.79
CA ASN B 289 -22.90 -10.06 48.53
C ASN B 289 -22.11 -8.96 47.84
N GLY B 290 -22.35 -8.81 46.55
CA GLY B 290 -21.76 -7.76 45.75
C GLY B 290 -22.93 -7.39 44.86
N TRP B 291 -22.68 -6.99 43.62
CA TRP B 291 -23.78 -6.71 42.71
C TRP B 291 -23.56 -7.59 41.48
N TYR B 292 -24.59 -7.71 40.67
CA TYR B 292 -24.59 -8.54 39.49
C TYR B 292 -23.79 -8.13 38.27
N MET B 293 -23.35 -9.15 37.53
CA MET B 293 -22.70 -8.94 36.24
C MET B 293 -23.84 -9.46 35.35
N GLY B 294 -24.23 -8.67 34.36
CA GLY B 294 -25.33 -9.00 33.47
C GLY B 294 -25.46 -10.41 32.95
N THR B 295 -24.36 -10.97 32.49
CA THR B 295 -24.35 -12.31 31.91
C THR B 295 -24.77 -13.40 32.90
N GLU B 296 -24.66 -13.16 34.19
CA GLU B 296 -25.07 -14.18 35.14
C GLU B 296 -26.56 -14.46 34.96
N ILE B 297 -27.32 -13.39 34.73
CA ILE B 297 -28.76 -13.52 34.57
C ILE B 297 -29.16 -13.81 33.12
N GLY B 298 -28.68 -12.95 32.22
CA GLY B 298 -29.01 -13.10 30.81
C GLY B 298 -28.55 -14.39 30.16
N VAL B 299 -27.32 -14.81 30.47
CA VAL B 299 -26.80 -16.05 29.89
C VAL B 299 -27.08 -17.32 30.68
N ARG B 300 -26.66 -17.36 31.95
CA ARG B 300 -26.82 -18.57 32.76
C ARG B 300 -28.25 -18.84 33.26
N ASP B 301 -28.83 -17.91 34.02
CA ASP B 301 -30.20 -18.12 34.51
C ASP B 301 -31.29 -18.27 33.42
N PHE B 302 -31.23 -17.44 32.39
CA PHE B 302 -32.23 -17.48 31.35
C PHE B 302 -31.96 -18.44 30.20
N CYS B 303 -30.68 -18.65 29.86
CA CYS B 303 -30.35 -19.51 28.73
C CYS B 303 -29.75 -20.90 28.96
N ASP B 304 -29.32 -21.22 30.18
CA ASP B 304 -28.80 -22.57 30.44
C ASP B 304 -29.98 -23.53 30.19
N VAL B 305 -29.72 -24.64 29.52
CA VAL B 305 -30.79 -25.59 29.27
C VAL B 305 -31.34 -26.17 30.58
N GLN B 306 -30.50 -26.26 31.59
CA GLN B 306 -30.92 -26.81 32.88
C GLN B 306 -31.50 -25.74 33.82
N ARG B 307 -31.70 -24.53 33.31
CA ARG B 307 -32.26 -23.43 34.11
C ARG B 307 -33.59 -22.96 33.47
N TYR B 308 -33.84 -21.66 33.39
CA TYR B 308 -35.11 -21.21 32.81
C TYR B 308 -35.27 -21.52 31.33
N ASN B 309 -34.16 -21.84 30.67
CA ASN B 309 -34.16 -22.27 29.28
C ASN B 309 -35.19 -21.56 28.37
N ILE B 310 -35.09 -20.24 28.25
CA ILE B 310 -36.03 -19.46 27.43
C ILE B 310 -35.53 -19.12 26.03
N LEU B 311 -34.34 -19.60 25.66
CA LEU B 311 -33.76 -19.26 24.38
C LEU B 311 -34.61 -19.51 23.13
N GLU B 312 -35.21 -20.69 23.02
CA GLU B 312 -36.02 -20.99 21.85
C GLU B 312 -37.24 -20.10 21.68
N GLU B 313 -37.90 -19.78 22.78
CA GLU B 313 -39.05 -18.92 22.72
C GLU B 313 -38.66 -17.50 22.27
N VAL B 314 -37.56 -16.96 22.79
CA VAL B 314 -37.15 -15.63 22.36
C VAL B 314 -36.78 -15.67 20.88
N GLY B 315 -36.21 -16.81 20.45
CA GLY B 315 -35.83 -16.98 19.07
C GLY B 315 -37.02 -16.89 18.12
N ARG B 316 -38.07 -17.65 18.42
CA ARG B 316 -39.27 -17.62 17.59
C ARG B 316 -39.81 -16.20 17.51
N ARG B 317 -40.01 -15.58 18.67
CA ARG B 317 -40.54 -14.23 18.69
C ARG B 317 -39.75 -13.20 17.92
N MET B 318 -38.46 -13.44 17.70
CA MET B 318 -37.65 -12.50 16.94
C MET B 318 -37.78 -12.86 15.47
N GLY B 319 -38.41 -14.00 15.19
CA GLY B 319 -38.61 -14.45 13.83
C GLY B 319 -37.37 -15.07 13.21
N LEU B 320 -36.55 -15.73 14.01
CA LEU B 320 -35.34 -16.34 13.49
C LEU B 320 -35.58 -17.76 13.05
N GLU B 321 -34.65 -18.29 12.26
CA GLU B 321 -34.73 -19.66 11.76
C GLU B 321 -34.20 -20.63 12.82
N THR B 322 -34.98 -20.85 13.87
CA THR B 322 -34.58 -21.71 14.97
C THR B 322 -34.45 -23.18 14.65
N HIS B 323 -34.48 -23.51 13.37
CA HIS B 323 -34.36 -24.91 12.98
C HIS B 323 -32.96 -25.14 12.41
N LYS B 324 -32.25 -24.04 12.15
CA LYS B 324 -30.91 -24.12 11.60
C LYS B 324 -29.84 -23.50 12.50
N LEU B 325 -29.04 -24.35 13.14
CA LEU B 325 -27.96 -23.91 14.02
C LEU B 325 -26.99 -22.96 13.32
N ALA B 326 -26.60 -23.30 12.10
CA ALA B 326 -25.66 -22.49 11.34
C ALA B 326 -26.18 -21.07 11.04
N SER B 327 -27.43 -20.77 11.37
CA SER B 327 -27.93 -19.42 11.13
C SER B 327 -27.51 -18.53 12.29
N LEU B 328 -26.99 -19.17 13.35
CA LEU B 328 -26.54 -18.47 14.56
C LEU B 328 -27.67 -17.74 15.24
N TRP B 329 -28.89 -18.26 15.10
CA TRP B 329 -30.04 -17.63 15.73
C TRP B 329 -29.85 -17.61 17.25
N LYS B 330 -29.23 -18.67 17.79
CA LYS B 330 -29.02 -18.73 19.24
C LYS B 330 -28.17 -17.58 19.74
N ASP B 331 -27.08 -17.30 19.03
CA ASP B 331 -26.17 -16.21 19.40
C ASP B 331 -26.85 -14.86 19.29
N GLN B 332 -27.75 -14.71 18.32
CA GLN B 332 -28.45 -13.44 18.16
C GLN B 332 -29.43 -13.26 19.29
N ALA B 333 -30.09 -14.34 19.66
CA ALA B 333 -31.04 -14.26 20.74
C ALA B 333 -30.36 -13.97 22.10
N VAL B 334 -29.26 -14.64 22.41
CA VAL B 334 -28.60 -14.40 23.70
C VAL B 334 -28.17 -12.93 23.84
N VAL B 335 -27.66 -12.31 22.78
CA VAL B 335 -27.30 -10.89 22.89
C VAL B 335 -28.53 -10.03 23.24
N GLU B 336 -29.66 -10.23 22.56
CA GLU B 336 -30.87 -9.46 22.84
C GLU B 336 -31.35 -9.68 24.27
N ILE B 337 -31.36 -10.93 24.72
CA ILE B 337 -31.79 -11.21 26.09
C ILE B 337 -30.90 -10.45 27.08
N ASN B 338 -29.60 -10.39 26.78
CA ASN B 338 -28.66 -9.72 27.65
C ASN B 338 -28.78 -8.22 27.60
N ILE B 339 -29.16 -7.70 26.44
CA ILE B 339 -29.38 -6.27 26.30
C ILE B 339 -30.58 -5.91 27.19
N ALA B 340 -31.60 -6.76 27.18
CA ALA B 340 -32.78 -6.53 27.99
C ALA B 340 -32.46 -6.50 29.48
N VAL B 341 -31.54 -7.36 29.92
CA VAL B 341 -31.19 -7.40 31.34
C VAL B 341 -30.52 -6.10 31.75
N LEU B 342 -29.56 -5.62 30.97
CA LEU B 342 -28.87 -4.39 31.34
C LEU B 342 -29.81 -3.20 31.30
N HIS B 343 -30.67 -3.19 30.30
CA HIS B 343 -31.63 -2.11 30.13
C HIS B 343 -32.62 -2.02 31.29
N SER B 344 -33.19 -3.16 31.65
CA SER B 344 -34.14 -3.22 32.75
C SER B 344 -33.54 -2.80 34.09
N PHE B 345 -32.30 -3.20 34.36
CA PHE B 345 -31.66 -2.82 35.62
C PHE B 345 -31.44 -1.31 35.65
N GLN B 346 -30.91 -0.78 34.56
CA GLN B 346 -30.63 0.64 34.46
C GLN B 346 -31.91 1.45 34.53
N LYS B 347 -32.94 1.02 33.80
CA LYS B 347 -34.20 1.74 33.82
C LYS B 347 -34.75 1.90 35.23
N GLN B 348 -34.60 0.88 36.07
CA GLN B 348 -35.08 0.96 37.43
C GLN B 348 -34.02 1.42 38.44
N ASN B 349 -32.90 1.93 37.93
CA ASN B 349 -31.82 2.41 38.79
C ASN B 349 -31.22 1.40 39.76
N VAL B 350 -30.97 0.18 39.29
CA VAL B 350 -30.38 -0.81 40.16
C VAL B 350 -28.99 -1.10 39.64
N THR B 351 -28.00 -1.08 40.52
CA THR B 351 -26.63 -1.34 40.08
C THR B 351 -26.46 -2.69 39.37
N ILE B 352 -25.75 -2.67 38.27
CA ILE B 352 -25.45 -3.87 37.51
C ILE B 352 -24.21 -3.54 36.70
N MET B 353 -23.52 -4.56 36.21
CA MET B 353 -22.30 -4.32 35.48
C MET B 353 -22.29 -5.20 34.24
N ASP B 354 -21.92 -4.64 33.09
CA ASP B 354 -21.86 -5.45 31.89
C ASP B 354 -20.50 -6.19 31.92
N HIS B 355 -20.38 -7.27 31.15
CA HIS B 355 -19.17 -8.06 31.14
C HIS B 355 -17.94 -7.40 30.53
N HIS B 356 -18.13 -6.43 29.65
CA HIS B 356 -16.98 -5.72 29.07
C HIS B 356 -16.31 -4.86 30.13
N SER B 357 -17.12 -4.05 30.83
CA SER B 357 -16.62 -3.19 31.89
C SER B 357 -15.99 -4.02 33.01
N ALA B 358 -16.61 -5.13 33.35
CA ALA B 358 -16.07 -5.99 34.41
C ALA B 358 -14.70 -6.53 33.99
N ALA B 359 -14.57 -6.94 32.73
CA ALA B 359 -13.32 -7.50 32.24
C ALA B 359 -12.24 -6.42 32.27
N GLU B 360 -12.59 -5.22 31.85
CA GLU B 360 -11.63 -4.13 31.86
C GLU B 360 -11.17 -3.76 33.26
N SER B 361 -12.10 -3.65 34.21
CA SER B 361 -11.69 -3.28 35.55
C SER B 361 -10.83 -4.38 36.17
N PHE B 362 -11.07 -5.63 35.79
CA PHE B 362 -10.28 -6.70 36.35
C PHE B 362 -8.83 -6.64 35.87
N MET B 363 -8.62 -6.19 34.62
CA MET B 363 -7.26 -6.08 34.08
C MET B 363 -6.50 -5.01 34.87
N LYS B 364 -7.18 -3.93 35.23
CA LYS B 364 -6.55 -2.88 36.01
C LYS B 364 -6.18 -3.48 37.37
N TYR B 365 -7.15 -4.13 38.00
CA TYR B 365 -6.94 -4.75 39.29
C TYR B 365 -5.76 -5.71 39.23
N MET B 366 -5.73 -6.58 38.22
CA MET B 366 -4.68 -7.55 38.10
C MET B 366 -3.30 -6.90 38.05
N GLN B 367 -3.19 -5.82 37.26
CA GLN B 367 -1.93 -5.12 37.13
C GLN B 367 -1.47 -4.54 38.47
N ASN B 368 -2.42 -4.01 39.25
CA ASN B 368 -2.07 -3.45 40.54
C ASN B 368 -1.62 -4.53 41.51
N GLU B 369 -2.22 -5.70 41.41
CA GLU B 369 -1.86 -6.80 42.31
C GLU B 369 -0.46 -7.35 42.05
N TYR B 370 -0.01 -7.27 40.80
CA TYR B 370 1.33 -7.77 40.50
C TYR B 370 2.37 -6.77 40.99
N ARG B 371 2.06 -5.49 40.85
CA ARG B 371 2.98 -4.46 41.31
C ARG B 371 2.93 -4.25 42.81
N SER B 372 1.86 -4.71 43.47
CA SER B 372 1.74 -4.53 44.90
C SER B 372 2.20 -5.75 45.69
N ARG B 373 1.98 -6.94 45.14
CA ARG B 373 2.38 -8.11 45.87
C ARG B 373 2.89 -9.28 45.03
N GLY B 374 3.33 -8.98 43.82
CA GLY B 374 3.88 -10.01 42.94
C GLY B 374 3.02 -11.20 42.64
N GLY B 375 1.71 -10.99 42.57
CA GLY B 375 0.82 -12.09 42.26
C GLY B 375 -0.65 -11.72 42.29
N CYS B 376 -1.45 -12.59 41.69
CA CYS B 376 -2.89 -12.43 41.63
C CYS B 376 -3.48 -13.79 41.32
N PRO B 377 -3.91 -14.54 42.35
CA PRO B 377 -4.49 -15.85 42.02
C PRO B 377 -5.72 -15.63 41.11
N ALA B 378 -5.81 -16.39 40.01
CA ALA B 378 -6.91 -16.21 39.08
C ALA B 378 -7.26 -17.49 38.35
N ASP B 379 -8.55 -17.76 38.24
CA ASP B 379 -9.03 -18.95 37.56
C ASP B 379 -9.70 -18.53 36.24
N TRP B 380 -8.91 -18.58 35.17
CA TRP B 380 -9.31 -18.23 33.82
C TRP B 380 -10.70 -18.76 33.45
N ILE B 381 -10.93 -20.03 33.76
CA ILE B 381 -12.19 -20.68 33.44
C ILE B 381 -13.43 -19.99 34.04
N TRP B 382 -13.27 -19.36 35.20
CA TRP B 382 -14.37 -18.66 35.82
C TRP B 382 -14.37 -17.18 35.52
N LEU B 383 -13.22 -16.61 35.17
CA LEU B 383 -13.14 -15.18 34.89
C LEU B 383 -13.59 -14.77 33.47
N VAL B 384 -13.33 -15.60 32.46
CA VAL B 384 -13.77 -15.26 31.10
C VAL B 384 -15.30 -15.38 31.10
N PRO B 385 -15.99 -14.30 30.67
CA PRO B 385 -17.46 -14.24 30.62
C PRO B 385 -18.02 -15.37 29.77
N PRO B 386 -19.25 -15.84 30.08
CA PRO B 386 -19.94 -16.92 29.36
C PRO B 386 -20.40 -16.61 27.94
N MET B 387 -20.23 -15.36 27.50
CA MET B 387 -20.56 -14.97 26.11
C MET B 387 -19.46 -14.02 25.64
N SER B 388 -19.21 -13.95 24.33
CA SER B 388 -18.19 -13.08 23.73
C SER B 388 -16.84 -13.13 24.46
N GLY B 389 -16.39 -14.33 24.83
CA GLY B 389 -15.14 -14.46 25.54
C GLY B 389 -13.91 -13.74 25.03
N SER B 390 -13.47 -14.02 23.80
CA SER B 390 -12.25 -13.38 23.28
C SER B 390 -12.38 -11.90 22.92
N ILE B 391 -13.59 -11.36 23.01
CA ILE B 391 -13.77 -9.95 22.73
C ILE B 391 -13.37 -9.19 24.01
N THR B 392 -13.27 -9.91 25.13
CA THR B 392 -12.86 -9.26 26.37
C THR B 392 -11.37 -9.48 26.61
N PRO B 393 -10.71 -8.49 27.24
CA PRO B 393 -9.27 -8.56 27.52
C PRO B 393 -8.79 -9.76 28.37
N VAL B 394 -9.64 -10.27 29.26
CA VAL B 394 -9.24 -11.41 30.09
C VAL B 394 -9.00 -12.70 29.33
N PHE B 395 -9.70 -12.86 28.22
CA PHE B 395 -9.51 -14.07 27.43
C PHE B 395 -8.04 -14.27 27.03
N HIS B 396 -7.37 -13.18 26.69
CA HIS B 396 -6.00 -13.26 26.21
C HIS B 396 -4.90 -13.23 27.28
N GLN B 397 -5.34 -13.27 28.53
CA GLN B 397 -4.45 -13.20 29.68
C GLN B 397 -4.14 -14.55 30.30
N GLU B 398 -2.85 -14.90 30.36
CA GLU B 398 -2.45 -16.14 31.01
C GLU B 398 -2.55 -15.86 32.49
N MET B 399 -2.95 -16.86 33.26
CA MET B 399 -3.12 -16.69 34.70
C MET B 399 -2.68 -17.93 35.47
N LEU B 400 -2.37 -17.72 36.75
CA LEU B 400 -1.98 -18.80 37.64
C LEU B 400 -3.08 -18.92 38.70
N ASN B 401 -3.49 -20.13 38.97
CA ASN B 401 -4.52 -20.35 39.96
C ASN B 401 -3.90 -21.01 41.18
N TYR B 402 -4.10 -20.42 42.36
CA TYR B 402 -3.56 -20.99 43.61
C TYR B 402 -4.30 -20.49 44.85
N VAL B 403 -4.27 -21.29 45.90
CA VAL B 403 -4.95 -20.99 47.15
C VAL B 403 -4.08 -20.34 48.23
N LEU B 404 -4.45 -19.14 48.66
CA LEU B 404 -3.71 -18.45 49.69
C LEU B 404 -4.54 -18.53 50.96
N SER B 405 -4.25 -17.69 51.95
CA SER B 405 -5.03 -17.67 53.19
C SER B 405 -4.94 -16.23 53.66
N PRO B 406 -6.05 -15.65 54.16
CA PRO B 406 -7.42 -16.15 54.34
C PRO B 406 -8.03 -16.53 52.97
N PHE B 407 -9.04 -17.39 52.98
CA PHE B 407 -9.65 -17.84 51.73
C PHE B 407 -11.13 -18.24 51.95
N TYR B 408 -11.95 -18.13 50.90
CA TYR B 408 -13.35 -18.53 50.98
C TYR B 408 -13.43 -19.91 50.33
N TYR B 409 -13.78 -20.92 51.12
CA TYR B 409 -13.87 -22.29 50.63
C TYR B 409 -15.29 -22.76 50.50
N TYR B 410 -15.46 -23.84 49.75
CA TYR B 410 -16.77 -24.47 49.60
C TYR B 410 -16.96 -25.35 50.84
N GLN B 411 -18.17 -25.88 51.00
CA GLN B 411 -18.48 -26.77 52.11
C GLN B 411 -19.39 -27.83 51.52
N VAL B 412 -19.63 -28.90 52.26
CA VAL B 412 -20.52 -29.92 51.75
C VAL B 412 -21.90 -29.46 52.18
N GLU B 413 -22.91 -29.61 51.32
CA GLU B 413 -24.26 -29.18 51.71
C GLU B 413 -24.57 -29.70 53.11
N ALA B 414 -25.11 -28.82 53.94
CA ALA B 414 -25.42 -29.14 55.32
C ALA B 414 -26.34 -30.35 55.50
N TRP B 415 -27.34 -30.49 54.64
CA TRP B 415 -28.26 -31.60 54.78
C TRP B 415 -27.66 -32.98 54.49
N LYS B 416 -26.50 -33.04 53.84
CA LYS B 416 -25.88 -34.32 53.56
C LYS B 416 -25.17 -34.86 54.79
N THR B 417 -24.68 -33.95 55.64
CA THR B 417 -23.94 -34.36 56.82
C THR B 417 -24.59 -34.01 58.17
N HIS B 418 -25.83 -33.51 58.15
CA HIS B 418 -26.47 -33.16 59.41
C HIS B 418 -27.08 -34.34 60.13
N VAL B 419 -26.81 -34.42 61.43
CA VAL B 419 -27.37 -35.47 62.26
C VAL B 419 -28.57 -34.84 62.99
N TRP B 420 -29.76 -35.12 62.48
CA TRP B 420 -30.97 -34.53 63.07
C TRP B 420 -31.17 -34.90 64.53
N GLN B 421 -31.31 -33.86 65.36
CA GLN B 421 -31.50 -34.03 66.80
C GLN B 421 -32.94 -34.47 67.10
N ASP B 422 -33.89 -34.02 66.29
CA ASP B 422 -35.29 -34.37 66.48
C ASP B 422 -35.92 -34.79 65.15
N ARG C 2 33.23 27.86 -17.54
CA ARG C 2 34.05 26.61 -17.60
C ARG C 2 33.28 25.54 -18.36
N HIS C 3 31.99 25.41 -18.05
CA HIS C 3 31.15 24.42 -18.71
C HIS C 3 29.68 24.59 -18.36
N VAL C 4 28.81 24.24 -19.29
CA VAL C 4 27.39 24.32 -19.06
C VAL C 4 26.94 22.93 -18.69
N ARG C 5 26.00 22.84 -17.76
CA ARG C 5 25.50 21.57 -17.31
C ARG C 5 24.15 21.27 -17.94
N ILE C 6 23.98 20.06 -18.45
CA ILE C 6 22.71 19.69 -19.05
C ILE C 6 22.19 18.41 -18.42
N LYS C 7 20.87 18.36 -18.23
CA LYS C 7 20.26 17.22 -17.57
C LYS C 7 19.27 16.44 -18.45
N ASN C 8 19.16 15.14 -18.20
CA ASN C 8 18.18 14.32 -18.90
C ASN C 8 17.14 14.13 -17.81
N TRP C 9 15.98 14.76 -17.97
CA TRP C 9 14.93 14.68 -16.97
C TRP C 9 14.21 13.35 -16.85
N GLY C 10 14.48 12.43 -17.78
CA GLY C 10 13.83 11.14 -17.69
C GLY C 10 14.67 10.11 -16.96
N SER C 11 15.97 10.31 -16.93
CA SER C 11 16.86 9.37 -16.27
C SER C 11 17.67 10.00 -15.15
N GLY C 12 17.69 11.33 -15.08
CA GLY C 12 18.45 12.01 -14.04
C GLY C 12 19.91 12.21 -14.41
N MET C 13 20.38 11.49 -15.41
CA MET C 13 21.75 11.61 -15.86
C MET C 13 22.12 13.05 -16.18
N THR C 14 23.38 13.42 -15.97
CA THR C 14 23.85 14.77 -16.24
C THR C 14 25.15 14.80 -17.07
N PHE C 15 25.34 15.88 -17.82
CA PHE C 15 26.54 16.05 -18.66
C PHE C 15 27.11 17.43 -18.44
N GLN C 16 28.41 17.54 -18.64
CA GLN C 16 29.10 18.81 -18.53
C GLN C 16 29.71 19.09 -19.90
N ASP C 17 29.22 20.14 -20.55
CA ASP C 17 29.68 20.49 -21.87
C ASP C 17 30.76 21.55 -21.83
N THR C 18 31.93 21.22 -22.38
CA THR C 18 33.04 22.16 -22.44
C THR C 18 33.37 22.44 -23.91
N LEU C 19 32.98 21.51 -24.78
CA LEU C 19 33.26 21.61 -26.21
C LEU C 19 32.64 22.84 -26.86
N HIS C 20 31.54 23.34 -26.30
CA HIS C 20 30.90 24.51 -26.87
C HIS C 20 31.82 25.74 -26.88
N HIS C 21 32.97 25.64 -26.22
CA HIS C 21 33.94 26.74 -26.16
C HIS C 21 34.69 26.96 -27.47
N LYS C 22 34.86 25.88 -28.22
CA LYS C 22 35.55 25.95 -29.50
C LYS C 22 34.60 26.37 -30.64
N ALA C 23 33.34 26.57 -30.30
CA ALA C 23 32.34 26.94 -31.28
C ALA C 23 32.59 28.31 -31.89
N LYS C 24 32.10 28.50 -33.11
CA LYS C 24 32.24 29.78 -33.81
C LYS C 24 31.08 30.66 -33.34
N GLY C 25 31.38 31.93 -33.05
CA GLY C 25 30.34 32.84 -32.59
C GLY C 25 29.54 33.44 -33.72
N ILE C 26 28.70 32.62 -34.35
CA ILE C 26 27.89 33.10 -35.45
C ILE C 26 26.39 32.90 -35.29
N LEU C 27 25.93 32.40 -34.13
CA LEU C 27 24.50 32.22 -33.92
C LEU C 27 23.86 33.60 -33.74
N THR C 28 22.63 33.75 -34.21
CA THR C 28 21.93 35.03 -34.13
C THR C 28 21.06 35.19 -32.88
N CYS C 29 21.32 34.39 -31.86
CA CYS C 29 20.56 34.49 -30.62
C CYS C 29 21.25 35.49 -29.71
N ARG C 30 20.46 36.22 -28.94
CA ARG C 30 20.99 37.20 -28.00
C ARG C 30 20.35 36.98 -26.63
N SER C 31 20.76 37.78 -25.64
CA SER C 31 20.20 37.67 -24.31
C SER C 31 18.80 38.29 -24.39
N LYS C 32 18.55 39.05 -25.46
CA LYS C 32 17.25 39.68 -25.67
C LYS C 32 16.20 38.78 -26.31
N SER C 33 16.63 37.83 -27.14
CA SER C 33 15.69 36.93 -27.80
C SER C 33 16.36 35.67 -28.33
N CYS C 34 15.66 34.55 -28.22
CA CYS C 34 16.17 33.27 -28.70
C CYS C 34 15.53 32.94 -30.04
N LEU C 35 16.37 32.81 -31.07
CA LEU C 35 15.92 32.50 -32.42
C LEU C 35 16.11 31.03 -32.81
N GLY C 36 16.27 30.18 -31.80
CA GLY C 36 16.46 28.76 -32.03
C GLY C 36 15.48 28.05 -32.97
N SER C 37 14.22 28.49 -33.05
CA SER C 37 13.23 27.82 -33.90
C SER C 37 13.20 28.21 -35.38
N ILE C 38 14.17 29.00 -35.83
CA ILE C 38 14.21 29.40 -37.23
C ILE C 38 14.76 28.26 -38.07
N MET C 39 14.00 27.83 -39.08
CA MET C 39 14.43 26.72 -39.94
C MET C 39 15.76 26.92 -40.66
N THR C 40 15.83 27.95 -41.48
CA THR C 40 17.03 28.23 -42.26
C THR C 40 17.67 29.55 -41.86
N PRO C 41 18.30 29.59 -40.68
CA PRO C 41 18.93 30.84 -40.23
C PRO C 41 20.15 31.23 -41.05
N LYS C 42 20.39 32.53 -41.12
CA LYS C 42 21.53 33.02 -41.88
C LYS C 42 22.84 32.45 -41.33
N SER C 43 22.88 32.26 -40.01
CA SER C 43 24.09 31.75 -39.39
C SER C 43 24.54 30.38 -39.89
N LEU C 44 23.59 29.54 -40.27
CA LEU C 44 23.93 28.21 -40.75
C LEU C 44 24.02 28.18 -42.26
N THR C 45 24.11 29.36 -42.87
CA THR C 45 24.21 29.47 -44.31
C THR C 45 25.59 30.02 -44.70
N ARG C 46 26.11 29.56 -45.83
CA ARG C 46 27.40 30.02 -46.32
C ARG C 46 27.12 30.30 -47.76
N GLY C 47 26.95 31.58 -48.09
CA GLY C 47 26.64 32.00 -49.44
C GLY C 47 27.78 32.02 -50.43
N PRO C 48 27.54 32.57 -51.63
CA PRO C 48 28.53 32.67 -52.71
C PRO C 48 29.56 33.76 -52.49
N ARG C 49 30.60 33.76 -53.33
CA ARG C 49 31.68 34.76 -53.27
C ARG C 49 32.03 35.10 -54.70
N ASP C 50 32.83 36.12 -54.91
CA ASP C 50 33.29 36.45 -56.26
C ASP C 50 34.79 36.68 -56.23
N LYS C 51 35.38 36.45 -55.05
CA LYS C 51 36.81 36.59 -54.84
C LYS C 51 37.28 35.45 -53.95
N PRO C 52 38.53 34.98 -54.12
CA PRO C 52 39.03 33.89 -53.29
C PRO C 52 39.04 34.33 -51.84
N THR C 53 39.28 33.39 -50.94
CA THR C 53 39.35 33.68 -49.53
C THR C 53 40.71 34.29 -49.25
N PRO C 54 40.74 35.46 -48.60
CA PRO C 54 41.96 36.20 -48.23
C PRO C 54 42.86 35.39 -47.31
N PRO C 55 44.13 35.18 -47.71
CA PRO C 55 45.10 34.42 -46.91
C PRO C 55 45.14 34.76 -45.42
N ASP C 56 44.80 35.98 -45.03
CA ASP C 56 44.82 36.30 -43.60
C ASP C 56 43.68 35.55 -42.90
N GLU C 57 42.63 35.24 -43.64
CA GLU C 57 41.54 34.50 -43.03
C GLU C 57 41.79 33.00 -43.17
N LEU C 58 42.39 32.61 -44.28
CA LEU C 58 42.64 31.21 -44.57
C LEU C 58 43.68 30.51 -43.71
N LEU C 59 44.86 31.11 -43.59
CA LEU C 59 45.95 30.50 -42.83
C LEU C 59 45.62 30.03 -41.41
N PRO C 60 45.02 30.90 -40.58
CA PRO C 60 44.68 30.47 -39.21
C PRO C 60 43.76 29.23 -39.16
N GLN C 61 42.79 29.17 -40.08
CA GLN C 61 41.85 28.06 -40.10
C GLN C 61 42.50 26.78 -40.58
N ALA C 62 43.40 26.90 -41.54
CA ALA C 62 44.13 25.74 -42.05
C ALA C 62 44.97 25.13 -40.94
N ILE C 63 45.70 25.97 -40.19
CA ILE C 63 46.56 25.48 -39.10
C ILE C 63 45.67 24.79 -38.08
N GLU C 64 44.56 25.45 -37.77
CA GLU C 64 43.60 24.91 -36.81
C GLU C 64 43.15 23.50 -37.26
N PHE C 65 42.76 23.34 -38.52
CA PHE C 65 42.32 22.03 -39.02
C PHE C 65 43.43 20.98 -38.96
N VAL C 66 44.64 21.36 -39.39
CA VAL C 66 45.75 20.44 -39.37
C VAL C 66 45.97 19.97 -37.94
N ASN C 67 45.91 20.88 -36.97
CA ASN C 67 46.09 20.48 -35.57
C ASN C 67 44.97 19.55 -35.13
N GLN C 68 43.74 19.85 -35.54
CA GLN C 68 42.61 19.00 -35.18
C GLN C 68 42.79 17.60 -35.77
N TYR C 69 43.22 17.52 -37.03
CA TYR C 69 43.44 16.25 -37.71
C TYR C 69 44.52 15.40 -37.04
N TYR C 70 45.71 15.96 -36.82
CA TYR C 70 46.78 15.21 -36.15
C TYR C 70 46.43 14.91 -34.71
N GLY C 71 45.63 15.78 -34.10
CA GLY C 71 45.26 15.55 -32.72
C GLY C 71 44.30 14.39 -32.55
N SER C 72 43.80 13.86 -33.66
CA SER C 72 42.84 12.75 -33.62
C SER C 72 43.50 11.40 -33.53
N PHE C 73 44.81 11.35 -33.74
CA PHE C 73 45.54 10.09 -33.68
C PHE C 73 45.81 9.57 -32.27
N LYS C 74 45.58 8.27 -32.10
CA LYS C 74 45.78 7.63 -30.80
C LYS C 74 47.25 7.78 -30.41
N GLU C 75 48.12 7.77 -31.41
CA GLU C 75 49.54 7.93 -31.21
C GLU C 75 50.03 9.15 -31.98
N ALA C 76 50.47 10.17 -31.24
CA ALA C 76 50.96 11.40 -31.86
C ALA C 76 52.06 11.12 -32.88
N LYS C 77 52.03 11.89 -33.96
CA LYS C 77 53.03 11.77 -35.02
C LYS C 77 53.52 13.19 -35.22
N ILE C 78 54.24 13.67 -34.22
CA ILE C 78 54.77 15.02 -34.16
C ILE C 78 55.54 15.58 -35.36
N GLU C 79 56.40 14.77 -35.96
CA GLU C 79 57.18 15.23 -37.10
C GLU C 79 56.30 15.44 -38.32
N GLU C 80 55.41 14.50 -38.58
CA GLU C 80 54.49 14.61 -39.71
C GLU C 80 53.58 15.81 -39.48
N HIS C 81 53.17 15.99 -38.23
CA HIS C 81 52.30 17.10 -37.86
C HIS C 81 53.00 18.42 -38.20
N LEU C 82 54.23 18.57 -37.72
CA LEU C 82 55.02 19.78 -37.96
C LEU C 82 55.30 19.92 -39.45
N ALA C 83 55.66 18.81 -40.09
CA ALA C 83 55.94 18.84 -41.51
C ALA C 83 54.71 19.31 -42.30
N ARG C 84 53.52 18.87 -41.88
CA ARG C 84 52.29 19.26 -42.57
C ARG C 84 51.97 20.75 -42.37
N VAL C 85 52.19 21.26 -41.16
CA VAL C 85 51.93 22.67 -40.91
C VAL C 85 52.80 23.52 -41.85
N GLU C 86 54.06 23.14 -42.00
CA GLU C 86 54.96 23.89 -42.87
C GLU C 86 54.51 23.82 -44.32
N ALA C 87 54.13 22.62 -44.76
CA ALA C 87 53.70 22.44 -46.13
C ALA C 87 52.48 23.28 -46.46
N VAL C 88 51.54 23.34 -45.54
CA VAL C 88 50.31 24.09 -45.73
C VAL C 88 50.55 25.59 -45.75
N THR C 89 51.47 26.03 -44.90
CA THR C 89 51.80 27.45 -44.81
C THR C 89 52.42 27.91 -46.13
N LYS C 90 53.33 27.11 -46.67
CA LYS C 90 54.01 27.43 -47.92
C LYS C 90 53.09 27.36 -49.14
N GLU C 91 52.16 26.42 -49.14
CA GLU C 91 51.22 26.28 -50.25
C GLU C 91 50.33 27.52 -50.30
N ILE C 92 49.82 27.93 -49.15
CA ILE C 92 48.95 29.08 -49.10
C ILE C 92 49.64 30.34 -49.63
N GLU C 93 50.92 30.48 -49.34
CA GLU C 93 51.66 31.65 -49.81
C GLU C 93 51.92 31.62 -51.31
N THR C 94 52.35 30.47 -51.82
CA THR C 94 52.66 30.37 -53.24
C THR C 94 51.49 30.13 -54.20
N THR C 95 50.33 29.76 -53.66
CA THR C 95 49.17 29.51 -54.52
C THR C 95 47.92 30.20 -54.00
N GLY C 96 47.97 30.68 -52.77
CA GLY C 96 46.82 31.36 -52.20
C GLY C 96 45.75 30.45 -51.63
N THR C 97 46.00 29.14 -51.68
CA THR C 97 45.07 28.15 -51.17
C THR C 97 45.82 26.87 -50.90
N TYR C 98 45.15 25.86 -50.36
CA TYR C 98 45.83 24.58 -50.13
C TYR C 98 44.92 23.42 -50.48
N GLN C 99 45.53 22.25 -50.68
CA GLN C 99 44.79 21.02 -51.01
C GLN C 99 44.84 20.05 -49.86
N LEU C 100 43.73 19.40 -49.59
CA LEU C 100 43.69 18.42 -48.51
C LEU C 100 44.21 17.10 -49.05
N THR C 101 44.77 16.28 -48.18
CA THR C 101 45.24 14.98 -48.62
C THR C 101 43.98 14.09 -48.61
N GLY C 102 44.08 12.95 -49.26
CA GLY C 102 42.95 12.04 -49.29
C GLY C 102 42.46 11.67 -47.90
N ASP C 103 43.37 11.39 -46.97
CA ASP C 103 42.96 11.03 -45.62
C ASP C 103 42.37 12.19 -44.83
N GLU C 104 42.88 13.40 -45.08
CA GLU C 104 42.36 14.58 -44.39
C GLU C 104 40.92 14.80 -44.82
N LEU C 105 40.64 14.56 -46.10
CA LEU C 105 39.30 14.73 -46.65
C LEU C 105 38.32 13.72 -46.01
N ILE C 106 38.80 12.49 -45.79
CA ILE C 106 37.96 11.45 -45.18
C ILE C 106 37.65 11.80 -43.71
N PHE C 107 38.67 12.26 -43.00
CA PHE C 107 38.48 12.65 -41.62
C PHE C 107 37.52 13.84 -41.57
N ALA C 108 37.68 14.77 -42.51
CA ALA C 108 36.85 15.96 -42.54
C ALA C 108 35.35 15.67 -42.80
N THR C 109 35.04 14.80 -43.77
CA THR C 109 33.66 14.49 -44.05
C THR C 109 33.00 13.79 -42.85
N LYS C 110 33.74 12.92 -42.17
CA LYS C 110 33.21 12.23 -40.98
C LYS C 110 33.02 13.16 -39.79
N GLN C 111 33.98 14.06 -39.55
CA GLN C 111 33.87 15.01 -38.46
C GLN C 111 32.71 15.98 -38.70
N ALA C 112 32.53 16.41 -39.94
CA ALA C 112 31.43 17.32 -40.23
C ALA C 112 30.09 16.61 -39.95
N TRP C 113 30.03 15.31 -40.20
CA TRP C 113 28.80 14.56 -39.95
C TRP C 113 28.59 14.50 -38.45
N ARG C 114 29.67 14.19 -37.75
CA ARG C 114 29.67 14.09 -36.32
C ARG C 114 29.29 15.45 -35.70
N ASN C 115 29.62 16.54 -36.39
CA ASN C 115 29.30 17.87 -35.90
C ASN C 115 27.94 18.40 -36.36
N ALA C 116 27.14 17.59 -37.08
CA ALA C 116 25.83 18.04 -37.58
C ALA C 116 24.77 18.00 -36.48
N PRO C 117 24.42 19.17 -35.92
CA PRO C 117 23.42 19.27 -34.83
C PRO C 117 22.04 18.75 -35.15
N ARG C 118 21.66 18.83 -36.42
CA ARG C 118 20.31 18.40 -36.80
C ARG C 118 20.15 16.96 -37.26
N CYS C 119 21.19 16.15 -37.10
CA CYS C 119 21.18 14.76 -37.54
C CYS C 119 21.10 13.75 -36.41
N ILE C 120 19.99 13.03 -36.36
CA ILE C 120 19.79 12.04 -35.32
C ILE C 120 20.56 10.74 -35.58
N GLY C 121 21.02 10.52 -36.82
CA GLY C 121 21.71 9.28 -37.10
C GLY C 121 23.22 9.30 -36.95
N ARG C 122 23.75 10.19 -36.11
CA ARG C 122 25.19 10.28 -35.97
C ARG C 122 25.93 9.14 -35.31
N ILE C 123 25.23 8.15 -34.78
CA ILE C 123 25.98 7.05 -34.19
C ILE C 123 26.72 6.28 -35.29
N GLN C 124 26.34 6.52 -36.54
CA GLN C 124 26.95 5.87 -37.69
C GLN C 124 28.10 6.66 -38.30
N TRP C 125 28.45 7.81 -37.74
CA TRP C 125 29.49 8.67 -38.31
C TRP C 125 30.82 8.07 -38.77
N SER C 126 31.24 6.95 -38.20
CA SER C 126 32.52 6.36 -38.61
C SER C 126 32.38 5.48 -39.85
N ASN C 127 31.15 5.12 -40.22
CA ASN C 127 30.93 4.31 -41.39
C ASN C 127 30.48 5.19 -42.54
N LEU C 128 31.44 5.81 -43.20
CA LEU C 128 31.14 6.67 -44.33
C LEU C 128 32.07 6.38 -45.49
N GLN C 129 31.50 6.10 -46.66
CA GLN C 129 32.27 5.84 -47.86
C GLN C 129 32.46 7.21 -48.50
N VAL C 130 33.70 7.54 -48.84
CA VAL C 130 34.02 8.84 -49.44
C VAL C 130 34.51 8.72 -50.87
N PHE C 131 33.75 9.25 -51.82
CA PHE C 131 34.17 9.23 -53.20
C PHE C 131 34.83 10.57 -53.44
N ASP C 132 36.11 10.53 -53.77
CA ASP C 132 36.90 11.73 -54.00
C ASP C 132 36.77 12.14 -55.46
N ALA C 133 36.00 13.17 -55.76
CA ALA C 133 35.85 13.57 -57.16
C ALA C 133 36.36 14.99 -57.37
N ARG C 134 37.41 15.33 -56.64
CA ARG C 134 37.98 16.67 -56.71
C ARG C 134 38.69 16.99 -58.03
N SER C 135 38.84 16.01 -58.90
CA SER C 135 39.47 16.25 -60.19
C SER C 135 38.43 16.25 -61.30
N CYS C 136 37.16 16.25 -60.94
CA CYS C 136 36.07 16.28 -61.90
C CYS C 136 36.14 17.58 -62.69
N SER C 137 35.76 17.57 -63.96
CA SER C 137 35.82 18.83 -64.72
C SER C 137 34.64 19.15 -65.63
N THR C 138 33.73 18.20 -65.84
CA THR C 138 32.57 18.49 -66.68
C THR C 138 31.26 18.07 -66.01
N ALA C 139 30.16 18.55 -66.56
CA ALA C 139 28.85 18.24 -66.00
C ALA C 139 28.52 16.78 -66.20
N ARG C 140 28.83 16.25 -67.37
CA ARG C 140 28.55 14.86 -67.64
C ARG C 140 29.40 13.98 -66.71
N GLU C 141 30.62 14.40 -66.44
CA GLU C 141 31.48 13.64 -65.55
C GLU C 141 30.87 13.65 -64.14
N MET C 142 30.30 14.79 -63.73
CA MET C 142 29.65 14.86 -62.43
C MET C 142 28.52 13.83 -62.40
N PHE C 143 27.74 13.77 -63.48
CA PHE C 143 26.62 12.84 -63.58
C PHE C 143 27.10 11.39 -63.41
N GLU C 144 28.21 11.05 -64.04
CA GLU C 144 28.74 9.70 -63.90
C GLU C 144 29.12 9.43 -62.44
N HIS C 145 29.74 10.41 -61.79
CA HIS C 145 30.11 10.24 -60.38
C HIS C 145 28.86 10.00 -59.51
N ILE C 146 27.80 10.74 -59.80
CA ILE C 146 26.57 10.63 -59.03
C ILE C 146 25.91 9.27 -59.26
N CYS C 147 25.91 8.78 -60.50
CA CYS C 147 25.34 7.47 -60.79
C CYS C 147 26.10 6.39 -60.03
N ARG C 148 27.42 6.54 -59.92
CA ARG C 148 28.23 5.57 -59.19
C ARG C 148 27.86 5.58 -57.71
N HIS C 149 27.76 6.77 -57.14
CA HIS C 149 27.39 6.96 -55.74
C HIS C 149 26.01 6.33 -55.51
N VAL C 150 25.02 6.68 -56.34
CA VAL C 150 23.67 6.14 -56.18
C VAL C 150 23.65 4.62 -56.18
N ARG C 151 24.35 4.02 -57.13
CA ARG C 151 24.44 2.58 -57.27
C ARG C 151 25.07 1.96 -56.03
N TYR C 152 26.23 2.48 -55.64
CA TYR C 152 26.91 1.99 -54.46
C TYR C 152 26.05 2.08 -53.20
N SER C 153 25.44 3.24 -52.99
CA SER C 153 24.65 3.40 -51.78
C SER C 153 23.34 2.63 -51.78
N THR C 154 22.69 2.50 -52.94
CA THR C 154 21.41 1.77 -52.97
C THR C 154 21.69 0.31 -52.62
N ASN C 155 22.71 -0.26 -53.27
CA ASN C 155 23.15 -1.61 -52.97
C ASN C 155 21.98 -2.60 -52.82
N ASN C 156 21.09 -2.58 -53.81
CA ASN C 156 19.93 -3.48 -53.81
C ASN C 156 19.08 -3.47 -52.55
N GLY C 157 19.00 -2.31 -51.88
CA GLY C 157 18.20 -2.22 -50.67
C GLY C 157 18.98 -2.23 -49.37
N ASN C 158 20.20 -2.75 -49.36
CA ASN C 158 20.97 -2.76 -48.12
C ASN C 158 21.78 -1.44 -48.19
N ILE C 159 21.07 -0.35 -47.88
CA ILE C 159 21.61 0.99 -47.95
C ILE C 159 22.93 1.25 -47.21
N ARG C 160 23.83 1.93 -47.89
CA ARG C 160 25.14 2.27 -47.35
C ARG C 160 25.32 3.79 -47.43
N SER C 161 25.90 4.38 -46.40
CA SER C 161 26.13 5.83 -46.38
C SER C 161 27.34 6.21 -47.22
N ALA C 162 27.21 7.26 -48.03
CA ALA C 162 28.32 7.70 -48.85
C ALA C 162 28.22 9.18 -49.12
N ILE C 163 29.33 9.76 -49.54
CA ILE C 163 29.39 11.17 -49.88
C ILE C 163 30.35 11.32 -51.05
N THR C 164 29.99 12.15 -52.02
CA THR C 164 30.84 12.41 -53.16
C THR C 164 31.28 13.86 -53.04
N VAL C 165 32.59 14.09 -53.09
CA VAL C 165 33.09 15.45 -52.95
C VAL C 165 33.64 16.00 -54.26
N PHE C 166 33.04 17.08 -54.77
CA PHE C 166 33.50 17.69 -56.02
C PHE C 166 34.60 18.73 -55.68
N PRO C 167 35.18 19.39 -56.69
CA PRO C 167 36.24 20.38 -56.43
C PRO C 167 35.89 21.49 -55.45
N GLN C 168 36.88 21.93 -54.67
CA GLN C 168 36.62 23.01 -53.71
C GLN C 168 36.39 24.32 -54.46
N ARG C 169 35.82 25.28 -53.74
CA ARG C 169 35.55 26.60 -54.33
C ARG C 169 36.88 27.31 -54.56
N SER C 170 37.05 27.90 -55.74
CA SER C 170 38.28 28.64 -56.03
C SER C 170 37.99 30.14 -55.87
N ASP C 171 37.65 30.83 -56.94
CA ASP C 171 37.37 32.25 -56.83
C ASP C 171 35.89 32.53 -56.58
N GLY C 172 35.06 31.47 -56.62
CA GLY C 172 33.64 31.63 -56.38
C GLY C 172 32.86 31.76 -57.67
N LYS C 173 33.57 31.80 -58.79
CA LYS C 173 32.93 31.92 -60.09
C LYS C 173 33.02 30.62 -60.89
N HIS C 174 33.60 29.59 -60.27
CA HIS C 174 33.74 28.29 -60.94
C HIS C 174 33.22 27.13 -60.09
N ASP C 175 32.20 27.40 -59.28
CA ASP C 175 31.63 26.37 -58.41
C ASP C 175 31.06 25.13 -59.11
N PHE C 176 31.23 23.98 -58.46
CA PHE C 176 30.67 22.72 -58.94
C PHE C 176 29.51 22.50 -57.97
N ARG C 177 28.29 22.49 -58.50
CA ARG C 177 27.12 22.33 -57.68
C ARG C 177 25.97 21.52 -58.27
N VAL C 178 25.19 20.90 -57.39
CA VAL C 178 24.01 20.17 -57.81
C VAL C 178 22.93 21.15 -57.37
N TRP C 179 22.08 21.56 -58.31
CA TRP C 179 21.03 22.54 -57.99
C TRP C 179 19.89 21.91 -57.21
N ASN C 180 19.66 20.62 -57.39
CA ASN C 180 18.61 19.91 -56.67
C ASN C 180 18.88 19.88 -55.17
N ALA C 181 17.82 19.94 -54.37
CA ALA C 181 17.94 19.88 -52.91
C ALA C 181 18.28 18.42 -52.53
N GLN C 182 17.72 17.46 -53.27
CA GLN C 182 18.01 16.05 -53.03
C GLN C 182 18.41 15.39 -54.37
N LEU C 183 19.09 14.25 -54.32
CA LEU C 183 19.47 13.53 -55.53
C LEU C 183 18.23 12.90 -56.17
N ILE C 184 17.31 12.40 -55.33
CA ILE C 184 16.08 11.77 -55.80
C ILE C 184 14.89 12.55 -55.21
N ARG C 185 13.98 13.01 -56.05
CA ARG C 185 12.81 13.75 -55.59
C ARG C 185 11.72 13.68 -56.66
N TYR C 186 10.46 13.76 -56.25
CA TYR C 186 9.37 13.71 -57.21
C TYR C 186 8.96 15.10 -57.68
N ALA C 187 8.43 15.17 -58.90
CA ALA C 187 8.03 16.46 -59.46
C ALA C 187 6.71 16.95 -58.90
N GLY C 188 6.50 18.26 -59.04
CA GLY C 188 5.27 18.89 -58.59
C GLY C 188 4.78 19.69 -59.79
N TYR C 189 3.55 19.46 -60.22
CA TYR C 189 3.03 20.16 -61.39
C TYR C 189 1.85 21.08 -61.12
N GLN C 190 1.92 22.29 -61.67
CA GLN C 190 0.81 23.20 -61.52
C GLN C 190 -0.08 22.94 -62.74
N MET C 191 -1.24 22.34 -62.54
CA MET C 191 -2.13 22.02 -63.64
C MET C 191 -2.96 23.23 -64.08
N PRO C 192 -3.39 23.24 -65.36
CA PRO C 192 -4.20 24.32 -65.96
C PRO C 192 -5.42 24.71 -65.12
N ASP C 193 -6.19 23.73 -64.68
CA ASP C 193 -7.36 23.99 -63.87
C ASP C 193 -6.99 24.47 -62.47
N GLY C 194 -5.71 24.72 -62.24
CA GLY C 194 -5.26 25.21 -60.95
C GLY C 194 -4.82 24.17 -59.93
N SER C 195 -5.36 22.96 -60.02
CA SER C 195 -5.00 21.91 -59.08
C SER C 195 -3.50 21.57 -59.19
N ILE C 196 -2.97 20.91 -58.16
CA ILE C 196 -1.57 20.53 -58.12
C ILE C 196 -1.42 19.01 -58.16
N ARG C 197 -0.56 18.52 -59.04
CA ARG C 197 -0.33 17.08 -59.10
C ARG C 197 1.12 16.79 -58.69
N GLY C 198 1.32 15.69 -57.98
CA GLY C 198 2.66 15.36 -57.54
C GLY C 198 2.99 16.00 -56.20
N ASP C 199 4.25 16.35 -56.00
CA ASP C 199 4.70 16.93 -54.73
C ASP C 199 4.55 18.43 -54.78
N PRO C 200 3.50 18.98 -54.16
CA PRO C 200 3.29 20.44 -54.19
C PRO C 200 4.43 21.30 -53.69
N ALA C 201 5.32 20.75 -52.87
CA ALA C 201 6.43 21.57 -52.40
C ALA C 201 7.55 21.62 -53.42
N ASN C 202 7.41 20.88 -54.52
CA ASN C 202 8.47 20.88 -55.54
C ASN C 202 8.08 21.53 -56.86
N VAL C 203 7.00 22.28 -56.84
CA VAL C 203 6.50 22.96 -58.04
C VAL C 203 7.51 23.94 -58.61
N GLU C 204 8.08 24.81 -57.78
CA GLU C 204 9.05 25.78 -58.26
C GLU C 204 10.24 25.13 -58.96
N PHE C 205 10.87 24.14 -58.30
CA PHE C 205 12.03 23.50 -58.93
C PHE C 205 11.65 22.72 -60.18
N THR C 206 10.47 22.09 -60.16
CA THR C 206 10.03 21.33 -61.32
C THR C 206 9.85 22.28 -62.51
N GLN C 207 9.29 23.46 -62.25
CA GLN C 207 9.09 24.45 -63.31
C GLN C 207 10.43 24.85 -63.93
N LEU C 208 11.46 24.95 -63.09
CA LEU C 208 12.78 25.32 -63.57
C LEU C 208 13.31 24.25 -64.53
N CYS C 209 13.09 23.00 -64.19
CA CYS C 209 13.55 21.91 -65.03
C CYS C 209 12.85 21.96 -66.38
N ILE C 210 11.53 22.24 -66.36
CA ILE C 210 10.75 22.33 -67.59
C ILE C 210 11.29 23.49 -68.42
N ASP C 211 11.48 24.65 -67.79
CA ASP C 211 12.01 25.79 -68.51
C ASP C 211 13.42 25.53 -69.04
N LEU C 212 14.08 24.51 -68.53
CA LEU C 212 15.42 24.22 -69.03
C LEU C 212 15.48 23.11 -70.06
N GLY C 213 14.30 22.63 -70.49
CA GLY C 213 14.26 21.59 -71.51
C GLY C 213 13.65 20.26 -71.14
N TRP C 214 13.40 20.02 -69.87
CA TRP C 214 12.85 18.75 -69.46
C TRP C 214 11.40 18.61 -69.90
N LYS C 215 11.02 17.40 -70.32
CA LYS C 215 9.64 17.16 -70.74
C LYS C 215 8.85 16.55 -69.59
N PRO C 216 7.85 17.29 -69.08
CA PRO C 216 7.02 16.85 -67.96
C PRO C 216 6.16 15.65 -68.35
N LYS C 217 5.88 14.79 -67.38
CA LYS C 217 5.07 13.62 -67.66
C LYS C 217 3.77 13.67 -66.86
N TYR C 218 3.60 14.75 -66.10
CA TYR C 218 2.41 14.97 -65.31
C TYR C 218 1.96 13.80 -64.46
N GLY C 219 2.92 12.98 -64.05
CA GLY C 219 2.61 11.86 -63.18
C GLY C 219 2.59 12.36 -61.74
N ARG C 220 2.16 11.49 -60.84
CA ARG C 220 2.07 11.78 -59.42
C ARG C 220 3.44 11.59 -58.72
N PHE C 221 4.27 10.72 -59.31
CA PHE C 221 5.60 10.43 -58.79
C PHE C 221 6.66 10.39 -59.88
N ASP C 222 6.90 11.51 -60.56
CA ASP C 222 7.94 11.52 -61.59
C ASP C 222 9.25 12.01 -60.96
N VAL C 223 10.32 11.25 -61.14
CA VAL C 223 11.61 11.65 -60.60
C VAL C 223 12.14 12.81 -61.43
N VAL C 224 12.48 13.93 -60.79
CA VAL C 224 12.98 15.06 -61.56
C VAL C 224 14.41 14.85 -61.98
N PRO C 225 14.83 15.55 -63.03
CA PRO C 225 16.20 15.40 -63.49
C PRO C 225 17.21 16.10 -62.60
N LEU C 226 18.47 15.73 -62.76
CA LEU C 226 19.55 16.34 -62.01
C LEU C 226 19.95 17.60 -62.76
N VAL C 227 20.08 18.71 -62.06
CA VAL C 227 20.51 19.95 -62.68
C VAL C 227 21.93 20.16 -62.14
N LEU C 228 22.91 19.92 -63.00
CA LEU C 228 24.30 20.00 -62.62
C LEU C 228 25.10 21.19 -63.16
N GLN C 229 25.86 21.80 -62.29
CA GLN C 229 26.66 22.96 -62.65
C GLN C 229 28.12 22.59 -62.47
N ALA C 230 28.86 22.61 -63.57
CA ALA C 230 30.29 22.30 -63.55
C ALA C 230 31.12 23.56 -63.81
N ASN C 231 32.13 23.77 -62.96
CA ASN C 231 33.03 24.88 -63.12
C ASN C 231 32.36 26.25 -63.38
N GLY C 232 31.26 26.52 -62.70
CA GLY C 232 30.58 27.79 -62.87
C GLY C 232 29.72 27.98 -64.11
N ARG C 233 29.72 27.02 -65.02
CA ARG C 233 28.95 27.12 -66.25
C ARG C 233 27.44 27.04 -66.03
N ASP C 234 26.66 27.38 -67.04
CA ASP C 234 25.21 27.30 -66.93
C ASP C 234 24.97 25.80 -66.70
N PRO C 235 23.94 25.45 -65.94
CA PRO C 235 23.65 24.04 -65.67
C PRO C 235 23.13 23.22 -66.83
N GLU C 236 23.33 21.90 -66.75
CA GLU C 236 22.86 20.97 -67.77
C GLU C 236 21.97 19.94 -67.08
N LEU C 237 21.00 19.39 -67.81
CA LEU C 237 20.10 18.39 -67.24
C LEU C 237 20.46 16.95 -67.60
N PHE C 238 20.29 16.05 -66.64
CA PHE C 238 20.57 14.64 -66.85
C PHE C 238 19.50 13.87 -66.12
N GLU C 239 18.88 12.91 -66.81
CA GLU C 239 17.84 12.10 -66.19
C GLU C 239 18.49 10.87 -65.60
N ILE C 240 18.13 10.55 -64.37
CA ILE C 240 18.70 9.40 -63.70
C ILE C 240 18.10 8.16 -64.32
N PRO C 241 18.93 7.19 -64.69
CA PRO C 241 18.43 5.95 -65.29
C PRO C 241 17.41 5.31 -64.32
N PRO C 242 16.20 5.01 -64.81
CA PRO C 242 15.14 4.42 -64.00
C PRO C 242 15.60 3.23 -63.16
N ASP C 243 16.48 2.42 -63.72
CA ASP C 243 16.99 1.24 -63.03
C ASP C 243 17.81 1.57 -61.79
N LEU C 244 18.30 2.81 -61.67
CA LEU C 244 19.07 3.19 -60.50
C LEU C 244 18.19 3.73 -59.37
N VAL C 245 16.90 3.91 -59.64
CA VAL C 245 15.99 4.44 -58.63
C VAL C 245 15.14 3.39 -57.96
N LEU C 246 15.57 2.93 -56.80
CA LEU C 246 14.83 1.94 -56.07
C LEU C 246 13.63 2.60 -55.36
N GLU C 247 12.44 2.02 -55.56
CA GLU C 247 11.22 2.54 -54.96
C GLU C 247 10.47 1.45 -54.20
N VAL C 248 9.72 1.86 -53.19
CA VAL C 248 8.96 0.95 -52.35
C VAL C 248 7.48 1.29 -52.48
N ALA C 249 6.68 0.29 -52.88
CA ALA C 249 5.23 0.47 -53.03
C ALA C 249 4.65 0.31 -51.64
N MET C 250 3.71 1.17 -51.29
CA MET C 250 3.13 1.13 -49.95
C MET C 250 1.93 0.20 -49.72
N GLU C 251 2.07 -0.64 -48.70
CA GLU C 251 1.04 -1.59 -48.28
C GLU C 251 0.90 -1.52 -46.76
N HIS C 252 -0.22 -1.98 -46.24
CA HIS C 252 -0.45 -2.02 -44.81
C HIS C 252 -0.58 -3.51 -44.47
N PRO C 253 -0.10 -3.92 -43.29
CA PRO C 253 -0.20 -5.34 -42.92
C PRO C 253 -1.60 -5.83 -42.58
N LYS C 254 -2.56 -4.92 -42.44
CA LYS C 254 -3.93 -5.29 -42.12
C LYS C 254 -4.92 -4.73 -43.13
N TYR C 255 -4.83 -3.43 -43.41
CA TYR C 255 -5.75 -2.78 -44.34
C TYR C 255 -5.41 -3.00 -45.81
N GLU C 256 -5.98 -4.04 -46.41
CA GLU C 256 -5.74 -4.38 -47.81
C GLU C 256 -6.08 -3.24 -48.76
N TRP C 257 -6.92 -2.32 -48.33
CA TRP C 257 -7.29 -1.18 -49.18
C TRP C 257 -6.18 -0.13 -49.27
N PHE C 258 -5.14 -0.28 -48.45
CA PHE C 258 -4.05 0.68 -48.46
C PHE C 258 -3.40 0.65 -49.84
N ARG C 259 -3.16 -0.55 -50.36
CA ARG C 259 -2.58 -0.71 -51.70
C ARG C 259 -3.31 0.16 -52.71
N GLU C 260 -4.61 0.27 -52.54
CA GLU C 260 -5.44 1.05 -53.45
C GLU C 260 -5.13 2.53 -53.55
N LEU C 261 -4.39 3.06 -52.57
CA LEU C 261 -4.05 4.47 -52.60
C LEU C 261 -2.91 4.64 -53.60
N GLU C 262 -2.27 3.53 -53.93
CA GLU C 262 -1.16 3.51 -54.88
C GLU C 262 -0.05 4.51 -54.50
N LEU C 263 0.48 4.35 -53.30
CA LEU C 263 1.52 5.23 -52.84
C LEU C 263 2.85 4.50 -52.89
N LYS C 264 3.91 5.25 -53.15
CA LYS C 264 5.24 4.67 -53.14
C LYS C 264 6.24 5.79 -52.80
N TRP C 265 7.48 5.41 -52.48
CA TRP C 265 8.49 6.43 -52.19
C TRP C 265 9.83 5.86 -52.55
N TYR C 266 10.80 6.73 -52.77
CA TYR C 266 12.14 6.26 -53.09
C TYR C 266 12.85 5.82 -51.83
N ALA C 267 13.82 4.92 -51.99
CA ALA C 267 14.54 4.37 -50.85
C ALA C 267 15.74 5.17 -50.39
N LEU C 268 16.26 6.01 -51.27
CA LEU C 268 17.48 6.74 -50.97
C LEU C 268 17.33 8.20 -50.58
N PRO C 269 17.54 8.52 -49.29
CA PRO C 269 17.45 9.91 -48.84
C PRO C 269 18.85 10.52 -49.04
N ALA C 270 18.97 11.46 -49.96
CA ALA C 270 20.25 12.08 -50.23
C ALA C 270 20.17 13.60 -50.31
N VAL C 271 20.95 14.30 -49.48
CA VAL C 271 20.97 15.77 -49.48
C VAL C 271 22.05 16.19 -50.49
N ALA C 272 21.67 17.01 -51.46
CA ALA C 272 22.61 17.37 -52.52
C ALA C 272 23.05 18.81 -52.63
N ASN C 273 22.46 19.69 -51.83
CA ASN C 273 22.73 21.12 -51.96
C ASN C 273 23.43 21.82 -50.81
N MET C 274 24.13 21.09 -49.95
CA MET C 274 24.83 21.72 -48.84
C MET C 274 26.30 21.97 -49.15
N LEU C 275 26.97 22.67 -48.26
CA LEU C 275 28.37 23.00 -48.48
C LEU C 275 29.21 22.52 -47.30
N LEU C 276 30.32 21.88 -47.62
CA LEU C 276 31.22 21.39 -46.59
C LEU C 276 32.32 22.42 -46.36
N GLU C 277 32.48 22.87 -45.13
CA GLU C 277 33.53 23.83 -44.78
C GLU C 277 34.54 23.06 -43.97
N VAL C 278 35.81 23.17 -44.32
CA VAL C 278 36.86 22.49 -43.57
C VAL C 278 38.13 23.31 -43.67
N GLY C 279 38.65 23.74 -42.51
CA GLY C 279 39.86 24.54 -42.46
C GLY C 279 39.85 25.73 -43.39
N GLY C 280 38.74 26.45 -43.44
CA GLY C 280 38.65 27.60 -44.32
C GLY C 280 38.32 27.28 -45.77
N LEU C 281 38.48 26.02 -46.17
CA LEU C 281 38.15 25.63 -47.54
C LEU C 281 36.63 25.39 -47.67
N GLU C 282 36.07 25.64 -48.84
CA GLU C 282 34.64 25.45 -49.03
C GLU C 282 34.36 24.52 -50.21
N PHE C 283 33.53 23.51 -49.97
CA PHE C 283 33.16 22.54 -51.01
C PHE C 283 31.67 22.66 -51.25
N PRO C 284 31.27 23.42 -52.28
CA PRO C 284 29.83 23.58 -52.53
C PRO C 284 29.11 22.39 -53.18
N GLY C 285 29.85 21.39 -53.63
CA GLY C 285 29.27 20.21 -54.26
C GLY C 285 29.71 19.00 -53.45
N CYS C 286 28.82 18.46 -52.62
CA CYS C 286 29.19 17.31 -51.82
C CYS C 286 27.93 16.52 -51.41
N PRO C 287 27.17 16.02 -52.40
CA PRO C 287 25.95 15.26 -52.07
C PRO C 287 26.25 14.06 -51.16
N PHE C 288 25.40 13.82 -50.17
CA PHE C 288 25.63 12.68 -49.29
C PHE C 288 24.32 11.98 -49.00
N ASN C 289 24.40 10.72 -48.56
CA ASN C 289 23.18 9.99 -48.23
C ASN C 289 23.35 9.15 -46.97
N GLY C 290 22.21 8.75 -46.43
CA GLY C 290 22.17 7.85 -45.29
C GLY C 290 20.99 6.96 -45.67
N TRP C 291 20.22 6.50 -44.69
CA TRP C 291 19.03 5.72 -44.98
C TRP C 291 17.90 6.43 -44.22
N TYR C 292 16.67 6.16 -44.63
CA TYR C 292 15.50 6.79 -44.03
C TYR C 292 15.08 6.48 -42.60
N MET C 293 14.51 7.48 -41.94
CA MET C 293 13.93 7.25 -40.63
C MET C 293 12.43 7.28 -41.05
N GLY C 294 11.68 6.25 -40.67
CA GLY C 294 10.28 6.13 -41.05
C GLY C 294 9.38 7.35 -41.06
N THR C 295 9.40 8.13 -39.97
CA THR C 295 8.59 9.31 -39.84
C THR C 295 8.81 10.36 -40.91
N GLU C 296 9.95 10.34 -41.58
CA GLU C 296 10.19 11.35 -42.61
C GLU C 296 9.17 11.20 -43.77
N ILE C 297 8.87 9.95 -44.12
CA ILE C 297 7.94 9.65 -45.19
C ILE C 297 6.51 9.56 -44.64
N GLY C 298 6.34 8.74 -43.60
CA GLY C 298 5.02 8.57 -43.01
C GLY C 298 4.38 9.82 -42.43
N VAL C 299 5.15 10.65 -41.75
CA VAL C 299 4.58 11.84 -41.17
C VAL C 299 4.69 13.08 -42.04
N ARG C 300 5.91 13.42 -42.45
CA ARG C 300 6.09 14.64 -43.23
C ARG C 300 5.64 14.57 -44.71
N ASP C 301 6.16 13.61 -45.47
CA ASP C 301 5.82 13.52 -46.88
C ASP C 301 4.34 13.23 -47.12
N PHE C 302 3.80 12.27 -46.38
CA PHE C 302 2.41 11.89 -46.55
C PHE C 302 1.38 12.73 -45.79
N CYS C 303 1.73 13.25 -44.61
CA CYS C 303 0.76 14.00 -43.82
C CYS C 303 0.86 15.52 -43.69
N ASP C 304 1.97 16.13 -44.11
CA ASP C 304 2.06 17.59 -44.07
C ASP C 304 0.96 18.11 -45.01
N VAL C 305 0.22 19.12 -44.56
CA VAL C 305 -0.83 19.66 -45.39
C VAL C 305 -0.22 20.22 -46.69
N GLN C 306 0.98 20.79 -46.60
CA GLN C 306 1.62 21.34 -47.81
C GLN C 306 2.37 20.29 -48.67
N ARG C 307 2.18 19.01 -48.38
CA ARG C 307 2.83 17.96 -49.16
C ARG C 307 1.78 17.02 -49.76
N TYR C 308 1.95 15.70 -49.67
CA TYR C 308 0.94 14.82 -50.28
C TYR C 308 -0.39 14.78 -49.53
N ASN C 309 -0.38 15.28 -48.30
CA ASN C 309 -1.58 15.41 -47.48
C ASN C 309 -2.66 14.32 -47.68
N ILE C 310 -2.34 13.08 -47.36
CA ILE C 310 -3.29 11.98 -47.53
C ILE C 310 -4.01 11.60 -46.24
N LEU C 311 -3.82 12.39 -45.20
CA LEU C 311 -4.39 12.08 -43.90
C LEU C 311 -5.90 11.85 -43.85
N GLU C 312 -6.68 12.75 -44.45
CA GLU C 312 -8.12 12.59 -44.41
C GLU C 312 -8.69 11.41 -45.18
N GLU C 313 -8.06 11.04 -46.29
CA GLU C 313 -8.56 9.89 -47.02
C GLU C 313 -8.29 8.60 -46.24
N VAL C 314 -7.20 8.57 -45.49
CA VAL C 314 -6.88 7.39 -44.71
C VAL C 314 -7.87 7.32 -43.56
N GLY C 315 -8.22 8.48 -43.03
CA GLY C 315 -9.17 8.55 -41.94
C GLY C 315 -10.53 8.01 -42.36
N ARG C 316 -11.03 8.46 -43.50
CA ARG C 316 -12.33 8.00 -44.01
C ARG C 316 -12.30 6.50 -44.21
N ARG C 317 -11.33 6.03 -45.00
CA ARG C 317 -11.22 4.60 -45.26
C ARG C 317 -11.13 3.78 -44.00
N MET C 318 -10.67 4.37 -42.91
CA MET C 318 -10.60 3.65 -41.65
C MET C 318 -11.96 3.75 -40.96
N GLY C 319 -12.82 4.60 -41.50
CA GLY C 319 -14.14 4.80 -40.94
C GLY C 319 -14.09 5.49 -39.60
N LEU C 320 -13.29 6.53 -39.50
CA LEU C 320 -13.17 7.28 -38.24
C LEU C 320 -14.03 8.54 -38.30
N GLU C 321 -14.30 9.12 -37.13
CA GLU C 321 -15.11 10.34 -37.06
C GLU C 321 -14.24 11.52 -37.46
N THR C 322 -13.98 11.68 -38.76
CA THR C 322 -13.11 12.75 -39.23
C THR C 322 -13.70 14.15 -39.18
N HIS C 323 -14.87 14.29 -38.58
CA HIS C 323 -15.53 15.59 -38.48
C HIS C 323 -15.32 16.24 -37.12
N LYS C 324 -14.82 15.45 -36.16
CA LYS C 324 -14.55 15.93 -34.81
C LYS C 324 -13.10 15.69 -34.37
N LEU C 325 -12.35 16.77 -34.19
CA LEU C 325 -10.95 16.69 -33.76
C LEU C 325 -10.71 15.90 -32.47
N ALA C 326 -11.52 16.15 -31.45
CA ALA C 326 -11.35 15.49 -30.16
C ALA C 326 -11.51 13.99 -30.16
N SER C 327 -11.83 13.40 -31.31
CA SER C 327 -11.94 11.94 -31.36
C SER C 327 -10.52 11.41 -31.61
N LEU C 328 -9.61 12.32 -31.93
CA LEU C 328 -8.21 11.99 -32.20
C LEU C 328 -8.06 11.06 -33.42
N TRP C 329 -8.93 11.24 -34.42
CA TRP C 329 -8.84 10.39 -35.61
C TRP C 329 -7.52 10.66 -36.33
N LYS C 330 -7.09 11.92 -36.38
CA LYS C 330 -5.82 12.23 -37.04
C LYS C 330 -4.68 11.43 -36.44
N ASP C 331 -4.63 11.39 -35.11
CA ASP C 331 -3.58 10.66 -34.40
C ASP C 331 -3.59 9.17 -34.71
N GLN C 332 -4.78 8.59 -34.82
CA GLN C 332 -4.89 7.17 -35.14
C GLN C 332 -4.43 6.89 -36.55
N ALA C 333 -4.85 7.73 -37.50
CA ALA C 333 -4.48 7.55 -38.90
C ALA C 333 -2.98 7.74 -39.12
N VAL C 334 -2.37 8.73 -38.48
CA VAL C 334 -0.92 8.92 -38.68
C VAL C 334 -0.12 7.69 -38.22
N VAL C 335 -0.58 7.04 -37.15
CA VAL C 335 0.12 5.86 -36.65
C VAL C 335 0.03 4.71 -37.68
N GLU C 336 -1.14 4.48 -38.25
CA GLU C 336 -1.29 3.40 -39.25
C GLU C 336 -0.47 3.68 -40.52
N ILE C 337 -0.43 4.93 -40.95
CA ILE C 337 0.34 5.27 -42.13
C ILE C 337 1.82 4.96 -41.89
N ASN C 338 2.28 5.23 -40.67
CA ASN C 338 3.67 4.99 -40.34
C ASN C 338 4.00 3.52 -40.19
N ILE C 339 3.01 2.74 -39.76
CA ILE C 339 3.18 1.29 -39.65
C ILE C 339 3.28 0.76 -41.07
N ALA C 340 2.47 1.31 -41.98
CA ALA C 340 2.51 0.90 -43.38
C ALA C 340 3.89 1.15 -44.00
N VAL C 341 4.47 2.32 -43.74
CA VAL C 341 5.79 2.66 -44.28
C VAL C 341 6.84 1.65 -43.79
N LEU C 342 6.90 1.42 -42.48
CA LEU C 342 7.89 0.50 -41.95
C LEU C 342 7.70 -0.90 -42.52
N HIS C 343 6.44 -1.33 -42.55
CA HIS C 343 6.11 -2.66 -43.07
C HIS C 343 6.51 -2.83 -44.53
N SER C 344 6.18 -1.86 -45.36
CA SER C 344 6.52 -1.96 -46.76
C SER C 344 8.01 -1.97 -47.04
N PHE C 345 8.79 -1.18 -46.31
CA PHE C 345 10.22 -1.17 -46.56
C PHE C 345 10.80 -2.50 -46.15
N GLN C 346 10.37 -2.99 -45.00
CA GLN C 346 10.87 -4.26 -44.48
C GLN C 346 10.53 -5.46 -45.37
N LYS C 347 9.30 -5.45 -45.91
CA LYS C 347 8.85 -6.50 -46.79
C LYS C 347 9.76 -6.58 -48.01
N GLN C 348 10.15 -5.44 -48.54
CA GLN C 348 11.03 -5.43 -49.70
C GLN C 348 12.50 -5.47 -49.37
N ASN C 349 12.84 -5.70 -48.11
CA ASN C 349 14.24 -5.75 -47.71
C ASN C 349 15.03 -4.49 -47.96
N VAL C 350 14.46 -3.34 -47.60
CA VAL C 350 15.16 -2.07 -47.79
C VAL C 350 15.39 -1.48 -46.42
N THR C 351 16.62 -1.12 -46.13
CA THR C 351 16.98 -0.53 -44.84
C THR C 351 16.14 0.70 -44.51
N ILE C 352 15.65 0.75 -43.29
CA ILE C 352 14.88 1.87 -42.81
C ILE C 352 14.93 1.79 -41.31
N MET C 353 14.74 2.92 -40.66
CA MET C 353 14.82 2.95 -39.22
C MET C 353 13.61 3.63 -38.58
N ASP C 354 13.03 3.00 -37.56
CA ASP C 354 11.88 3.58 -36.88
C ASP C 354 12.41 4.68 -35.93
N HIS C 355 11.55 5.61 -35.54
CA HIS C 355 11.99 6.71 -34.70
C HIS C 355 12.35 6.34 -33.27
N HIS C 356 11.80 5.24 -32.75
CA HIS C 356 12.13 4.80 -31.39
C HIS C 356 13.57 4.29 -31.34
N SER C 357 13.95 3.47 -32.32
CA SER C 357 15.31 2.94 -32.39
C SER C 357 16.30 4.06 -32.66
N ALA C 358 15.93 4.96 -33.56
CA ALA C 358 16.80 6.09 -33.90
C ALA C 358 17.10 6.89 -32.64
N ALA C 359 16.06 7.19 -31.86
CA ALA C 359 16.21 7.98 -30.62
C ALA C 359 17.07 7.29 -29.58
N GLU C 360 16.95 5.98 -29.46
CA GLU C 360 17.75 5.28 -28.48
C GLU C 360 19.21 5.23 -28.92
N SER C 361 19.43 5.00 -30.21
CA SER C 361 20.80 4.95 -30.67
C SER C 361 21.42 6.32 -30.52
N PHE C 362 20.62 7.37 -30.68
CA PHE C 362 21.18 8.69 -30.53
C PHE C 362 21.61 8.95 -29.07
N MET C 363 20.84 8.41 -28.11
CA MET C 363 21.19 8.61 -26.69
C MET C 363 22.53 7.92 -26.38
N LYS C 364 22.72 6.73 -26.93
CA LYS C 364 23.95 6.00 -26.74
C LYS C 364 25.11 6.82 -27.33
N TYR C 365 24.92 7.31 -28.56
CA TYR C 365 25.92 8.14 -29.24
C TYR C 365 26.25 9.41 -28.47
N MET C 366 25.24 10.05 -27.89
CA MET C 366 25.43 11.29 -27.17
C MET C 366 26.27 11.09 -25.90
N GLN C 367 26.07 9.97 -25.23
CA GLN C 367 26.84 9.68 -24.04
C GLN C 367 28.30 9.47 -24.43
N ASN C 368 28.53 8.78 -25.55
CA ASN C 368 29.89 8.55 -26.00
C ASN C 368 30.62 9.85 -26.34
N GLU C 369 29.90 10.80 -26.93
CA GLU C 369 30.51 12.07 -27.31
C GLU C 369 30.93 12.90 -26.12
N TYR C 370 30.11 12.91 -25.06
CA TYR C 370 30.49 13.68 -23.88
C TYR C 370 31.69 13.05 -23.18
N ARG C 371 31.80 11.73 -23.23
CA ARG C 371 32.95 11.07 -22.62
C ARG C 371 34.13 11.33 -23.53
N SER C 372 33.94 11.04 -24.80
CA SER C 372 34.97 11.20 -25.80
C SER C 372 35.54 12.61 -25.99
N ARG C 373 34.68 13.61 -26.10
CA ARG C 373 35.21 14.96 -26.30
C ARG C 373 34.51 16.06 -25.54
N GLY C 374 33.78 15.68 -24.50
CA GLY C 374 33.10 16.66 -23.66
C GLY C 374 32.09 17.57 -24.34
N GLY C 375 31.41 17.06 -25.36
CA GLY C 375 30.43 17.87 -26.03
C GLY C 375 29.74 17.12 -27.15
N CYS C 376 28.59 17.63 -27.56
CA CYS C 376 27.82 17.01 -28.64
C CYS C 376 26.81 18.06 -29.09
N PRO C 377 27.16 18.87 -30.09
CA PRO C 377 26.17 19.86 -30.51
C PRO C 377 24.88 19.14 -30.97
N ALA C 378 23.74 19.64 -30.52
CA ALA C 378 22.47 19.02 -30.87
C ALA C 378 21.35 20.05 -30.89
N ASP C 379 20.50 19.96 -31.90
CA ASP C 379 19.38 20.87 -32.07
C ASP C 379 18.07 20.10 -31.73
N TRP C 380 17.61 20.26 -30.50
CA TRP C 380 16.43 19.60 -29.94
C TRP C 380 15.22 19.62 -30.90
N ILE C 381 14.98 20.77 -31.50
CA ILE C 381 13.86 20.94 -32.39
C ILE C 381 13.88 20.00 -33.61
N TRP C 382 15.07 19.65 -34.08
CA TRP C 382 15.17 18.74 -35.22
C TRP C 382 15.38 17.28 -34.80
N LEU C 383 15.86 17.05 -33.58
CA LEU C 383 16.11 15.69 -33.12
C LEU C 383 14.85 15.00 -32.58
N VAL C 384 13.96 15.73 -31.91
CA VAL C 384 12.74 15.08 -31.44
C VAL C 384 11.87 14.74 -32.67
N PRO C 385 11.47 13.47 -32.79
CA PRO C 385 10.64 13.01 -33.92
C PRO C 385 9.32 13.78 -34.04
N PRO C 386 8.78 13.91 -35.26
CA PRO C 386 7.51 14.62 -35.51
C PRO C 386 6.26 13.95 -34.98
N MET C 387 6.40 12.77 -34.38
CA MET C 387 5.25 12.09 -33.78
C MET C 387 5.72 11.38 -32.50
N SER C 388 4.82 11.23 -31.53
CA SER C 388 5.13 10.54 -30.27
C SER C 388 6.36 11.12 -29.55
N GLY C 389 6.58 12.42 -29.70
CA GLY C 389 7.72 13.08 -29.10
C GLY C 389 8.22 12.68 -27.72
N SER C 390 7.43 12.96 -26.67
CA SER C 390 7.87 12.64 -25.31
C SER C 390 7.96 11.14 -25.01
N ILE C 391 7.57 10.31 -25.95
CA ILE C 391 7.66 8.87 -25.76
C ILE C 391 9.09 8.43 -26.07
N THR C 392 9.82 9.27 -26.79
CA THR C 392 11.22 8.94 -27.11
C THR C 392 12.10 9.60 -26.05
N PRO C 393 13.25 9.00 -25.73
CA PRO C 393 14.15 9.58 -24.71
C PRO C 393 14.77 10.95 -25.04
N VAL C 394 14.95 11.26 -26.32
CA VAL C 394 15.55 12.55 -26.68
C VAL C 394 14.72 13.76 -26.22
N PHE C 395 13.39 13.60 -26.13
CA PHE C 395 12.51 14.70 -25.68
C PHE C 395 12.86 15.20 -24.28
N HIS C 396 13.32 14.30 -23.40
CA HIS C 396 13.62 14.65 -22.01
C HIS C 396 15.06 15.07 -21.81
N GLN C 397 15.77 15.25 -22.91
CA GLN C 397 17.17 15.61 -22.89
C GLN C 397 17.47 17.06 -23.28
N GLU C 398 18.04 17.78 -22.33
CA GLU C 398 18.46 19.16 -22.55
C GLU C 398 19.70 19.05 -23.47
N MET C 399 19.83 20.02 -24.38
CA MET C 399 20.90 20.03 -25.36
C MET C 399 21.45 21.44 -25.62
N LEU C 400 22.67 21.49 -26.11
CA LEU C 400 23.30 22.76 -26.48
C LEU C 400 23.51 22.67 -27.97
N ASN C 401 23.10 23.71 -28.66
CA ASN C 401 23.26 23.75 -30.10
C ASN C 401 24.35 24.76 -30.39
N TYR C 402 25.33 24.36 -31.18
CA TYR C 402 26.44 25.24 -31.55
C TYR C 402 27.17 24.74 -32.79
N VAL C 403 27.88 25.65 -33.45
CA VAL C 403 28.59 25.36 -34.68
C VAL C 403 30.12 25.20 -34.56
N LEU C 404 30.60 24.00 -34.88
CA LEU C 404 32.02 23.69 -34.87
C LEU C 404 32.53 23.67 -36.33
N SER C 405 33.73 23.14 -36.53
CA SER C 405 34.31 23.03 -37.86
C SER C 405 35.13 21.75 -37.81
N PRO C 406 35.09 20.93 -38.87
CA PRO C 406 34.36 20.97 -40.16
C PRO C 406 32.84 21.04 -39.94
N PHE C 407 32.09 21.50 -40.94
CA PHE C 407 30.64 21.65 -40.81
C PHE C 407 29.94 21.66 -42.17
N TYR C 408 28.70 21.19 -42.20
CA TYR C 408 27.89 21.20 -43.42
C TYR C 408 26.92 22.38 -43.30
N TYR C 409 27.09 23.37 -44.18
CA TYR C 409 26.26 24.57 -44.20
C TYR C 409 25.21 24.55 -45.30
N TYR C 410 24.17 25.34 -45.12
CA TYR C 410 23.17 25.50 -46.15
C TYR C 410 23.81 26.50 -47.12
N GLN C 411 23.25 26.62 -48.32
CA GLN C 411 23.74 27.57 -49.32
C GLN C 411 22.48 28.29 -49.82
N VAL C 412 22.65 29.36 -50.58
CA VAL C 412 21.49 30.03 -51.13
C VAL C 412 21.15 29.30 -52.43
N GLU C 413 19.87 29.07 -52.69
CA GLU C 413 19.45 28.37 -53.92
C GLU C 413 20.29 28.89 -55.09
N ALA C 414 20.92 27.99 -55.84
CA ALA C 414 21.78 28.37 -56.95
C ALA C 414 21.12 29.20 -58.03
N TRP C 415 19.87 28.91 -58.37
CA TRP C 415 19.19 29.64 -59.41
C TRP C 415 18.86 31.07 -59.02
N LYS C 416 19.14 31.45 -57.77
CA LYS C 416 18.87 32.81 -57.33
C LYS C 416 20.08 33.71 -57.49
N THR C 417 21.25 33.11 -57.61
CA THR C 417 22.45 33.91 -57.73
C THR C 417 23.18 33.65 -59.03
N HIS C 418 22.72 32.68 -59.80
CA HIS C 418 23.42 32.37 -61.03
C HIS C 418 23.25 33.44 -62.09
N VAL C 419 24.35 33.77 -62.75
CA VAL C 419 24.36 34.75 -63.82
C VAL C 419 24.51 33.95 -65.11
N TRP C 420 23.40 33.79 -65.81
CA TRP C 420 23.37 33.02 -67.04
C TRP C 420 24.28 33.57 -68.13
N GLN C 421 25.22 32.73 -68.55
CA GLN C 421 26.17 33.09 -69.60
C GLN C 421 25.46 33.07 -70.95
N ASP C 422 24.15 32.90 -70.94
CA ASP C 422 23.38 32.84 -72.17
C ASP C 422 22.04 33.62 -72.10
N GLU C 423 21.05 33.11 -72.81
CA GLU C 423 19.71 33.68 -72.85
C GLU C 423 18.92 32.61 -72.10
N LYS C 424 19.13 32.61 -70.78
CA LYS C 424 18.56 31.67 -69.78
C LYS C 424 18.21 30.35 -70.37
N ARG D 2 15.96 46.23 -36.29
CA ARG D 2 14.92 46.61 -37.28
C ARG D 2 13.62 45.86 -37.00
N HIS D 3 13.66 44.54 -37.15
CA HIS D 3 12.50 43.67 -36.90
C HIS D 3 12.79 42.31 -37.54
N VAL D 4 12.45 41.25 -36.82
CA VAL D 4 12.68 39.90 -37.30
C VAL D 4 11.46 39.36 -38.03
N ARG D 5 11.70 38.63 -39.12
CA ARG D 5 10.62 38.04 -39.90
C ARG D 5 10.52 36.53 -39.63
N ILE D 6 9.31 36.06 -39.37
CA ILE D 6 9.10 34.64 -39.11
C ILE D 6 8.00 34.13 -40.03
N LYS D 7 8.16 32.90 -40.47
CA LYS D 7 7.20 32.32 -41.39
C LYS D 7 6.59 31.01 -40.94
N ASN D 8 5.40 30.74 -41.44
CA ASN D 8 4.73 29.48 -41.16
C ASN D 8 4.97 28.73 -42.47
N TRP D 9 5.65 27.59 -42.38
CA TRP D 9 5.93 26.81 -43.56
C TRP D 9 4.72 26.03 -44.03
N GLY D 10 3.69 25.99 -43.20
CA GLY D 10 2.47 25.28 -43.56
C GLY D 10 1.57 26.14 -44.42
N SER D 11 1.15 27.27 -43.87
CA SER D 11 0.27 28.21 -44.56
C SER D 11 1.06 29.11 -45.52
N GLY D 12 2.33 29.33 -45.21
CA GLY D 12 3.15 30.19 -46.04
C GLY D 12 3.12 31.64 -45.58
N MET D 13 2.25 31.95 -44.62
CA MET D 13 2.14 33.32 -44.10
C MET D 13 3.35 33.76 -43.27
N THR D 14 3.64 35.05 -43.34
CA THR D 14 4.77 35.63 -42.64
C THR D 14 4.36 36.65 -41.57
N PHE D 15 5.23 36.86 -40.58
CA PHE D 15 4.98 37.83 -39.52
C PHE D 15 6.20 38.71 -39.35
N GLN D 16 5.98 39.95 -38.92
CA GLN D 16 7.07 40.88 -38.70
C GLN D 16 7.04 41.22 -37.22
N ASP D 17 8.11 40.86 -36.52
CA ASP D 17 8.18 41.07 -35.08
C ASP D 17 9.04 42.25 -34.66
N THR D 18 8.39 43.23 -34.04
CA THR D 18 9.10 44.41 -33.56
C THR D 18 9.06 44.48 -32.03
N LEU D 19 8.10 43.78 -31.42
CA LEU D 19 7.96 43.78 -29.97
C LEU D 19 9.20 43.25 -29.22
N HIS D 20 9.94 42.34 -29.83
CA HIS D 20 11.11 41.76 -29.18
C HIS D 20 12.15 42.81 -28.77
N HIS D 21 12.01 44.01 -29.30
CA HIS D 21 12.93 45.09 -28.97
C HIS D 21 12.69 45.60 -27.56
N LYS D 22 11.46 45.47 -27.09
CA LYS D 22 11.11 45.90 -25.74
C LYS D 22 11.58 44.91 -24.70
N ALA D 23 11.71 43.64 -25.09
CA ALA D 23 12.15 42.57 -24.19
C ALA D 23 13.35 42.93 -23.35
N LYS D 24 13.58 42.11 -22.31
CA LYS D 24 14.71 42.32 -21.40
C LYS D 24 15.87 41.40 -21.75
N GLY D 25 17.09 41.95 -21.75
CA GLY D 25 18.27 41.17 -22.08
C GLY D 25 18.76 40.27 -20.95
N ILE D 26 18.03 39.19 -20.68
CA ILE D 26 18.41 38.26 -19.62
C ILE D 26 18.62 36.82 -20.09
N LEU D 27 18.31 36.53 -21.36
CA LEU D 27 18.48 35.16 -21.89
C LEU D 27 19.95 34.75 -21.92
N THR D 28 20.20 33.48 -21.63
CA THR D 28 21.58 32.99 -21.59
C THR D 28 22.16 32.52 -22.92
N CYS D 29 21.42 32.72 -24.01
CA CYS D 29 21.90 32.33 -25.34
C CYS D 29 22.88 33.37 -25.87
N ARG D 30 23.92 32.88 -26.54
CA ARG D 30 24.93 33.76 -27.11
C ARG D 30 25.12 33.43 -28.58
N SER D 31 26.13 34.05 -29.20
CA SER D 31 26.43 33.78 -30.60
C SER D 31 27.20 32.46 -30.64
N LYS D 32 27.85 32.11 -29.53
CA LYS D 32 28.60 30.85 -29.50
C LYS D 32 27.68 29.66 -29.25
N SER D 33 26.54 29.88 -28.61
CA SER D 33 25.64 28.77 -28.34
C SER D 33 24.20 29.13 -27.97
N CYS D 34 23.28 28.28 -28.40
CA CYS D 34 21.87 28.46 -28.10
C CYS D 34 21.44 27.49 -26.98
N LEU D 35 20.93 28.06 -25.88
CA LEU D 35 20.49 27.27 -24.73
C LEU D 35 18.97 27.18 -24.64
N GLY D 36 18.30 27.37 -25.77
CA GLY D 36 16.85 27.33 -25.81
C GLY D 36 16.15 26.13 -25.17
N SER D 37 16.77 24.95 -25.21
CA SER D 37 16.12 23.76 -24.64
C SER D 37 16.33 23.46 -23.14
N ILE D 38 16.93 24.38 -22.39
CA ILE D 38 17.13 24.17 -20.96
C ILE D 38 15.76 24.32 -20.26
N MET D 39 15.33 23.27 -19.54
CA MET D 39 14.05 23.23 -18.83
C MET D 39 13.79 24.43 -17.91
N THR D 40 14.63 24.58 -16.90
CA THR D 40 14.49 25.67 -15.93
C THR D 40 15.72 26.58 -15.91
N PRO D 41 15.88 27.42 -16.94
CA PRO D 41 17.04 28.30 -16.98
C PRO D 41 17.03 29.36 -15.88
N LYS D 42 18.22 29.80 -15.49
CA LYS D 42 18.38 30.81 -14.44
C LYS D 42 17.80 32.12 -14.96
N SER D 43 17.86 32.33 -16.26
CA SER D 43 17.35 33.54 -16.86
C SER D 43 15.86 33.75 -16.60
N LEU D 44 15.11 32.66 -16.42
CA LEU D 44 13.68 32.74 -16.18
C LEU D 44 13.35 32.58 -14.70
N THR D 45 14.38 32.52 -13.86
CA THR D 45 14.16 32.37 -12.44
C THR D 45 14.38 33.69 -11.72
N ARG D 46 13.55 33.98 -10.73
CA ARG D 46 13.64 35.20 -9.95
C ARG D 46 13.74 34.70 -8.50
N GLY D 47 14.98 34.54 -8.03
CA GLY D 47 15.21 34.03 -6.68
C GLY D 47 14.91 34.94 -5.51
N PRO D 48 15.32 34.54 -4.30
CA PRO D 48 15.10 35.31 -3.07
C PRO D 48 16.02 36.52 -2.92
N ARG D 49 15.64 37.41 -1.99
CA ARG D 49 16.40 38.62 -1.67
C ARG D 49 16.36 38.78 -0.16
N ASP D 50 17.25 39.62 0.37
CA ASP D 50 17.27 39.86 1.80
C ASP D 50 17.24 41.36 2.04
N LYS D 51 16.91 42.11 1.00
CA LYS D 51 16.83 43.56 1.06
C LYS D 51 15.77 44.07 0.09
N PRO D 52 15.17 45.23 0.39
CA PRO D 52 14.15 45.82 -0.47
C PRO D 52 14.78 46.24 -1.80
N THR D 53 13.95 46.49 -2.80
CA THR D 53 14.45 46.96 -4.09
C THR D 53 14.78 48.44 -3.92
N PRO D 54 16.02 48.86 -4.27
CA PRO D 54 16.40 50.27 -4.14
C PRO D 54 15.42 51.15 -4.93
N PRO D 55 14.87 52.19 -4.27
CA PRO D 55 13.91 53.13 -4.87
C PRO D 55 14.37 53.65 -6.21
N ASP D 56 15.68 53.88 -6.33
CA ASP D 56 16.23 54.40 -7.56
C ASP D 56 16.04 53.41 -8.70
N GLU D 57 16.06 52.12 -8.39
CA GLU D 57 15.91 51.08 -9.40
C GLU D 57 14.45 50.75 -9.69
N LEU D 58 13.59 50.95 -8.69
CA LEU D 58 12.17 50.66 -8.82
C LEU D 58 11.41 51.69 -9.66
N LEU D 59 11.68 52.96 -9.39
CA LEU D 59 11.01 54.07 -10.07
C LEU D 59 10.88 53.93 -11.60
N PRO D 60 12.00 53.71 -12.29
CA PRO D 60 11.96 53.57 -13.75
C PRO D 60 10.97 52.47 -14.16
N GLN D 61 11.11 51.32 -13.52
CA GLN D 61 10.25 50.18 -13.80
C GLN D 61 8.80 50.47 -13.47
N ALA D 62 8.56 51.18 -12.38
CA ALA D 62 7.21 51.54 -11.97
C ALA D 62 6.56 52.46 -13.00
N ILE D 63 7.29 53.51 -13.39
CA ILE D 63 6.82 54.47 -14.37
C ILE D 63 6.46 53.77 -15.68
N GLU D 64 7.36 52.90 -16.10
CA GLU D 64 7.15 52.16 -17.33
C GLU D 64 5.86 51.33 -17.30
N PHE D 65 5.56 50.71 -16.16
CA PHE D 65 4.34 49.91 -16.04
C PHE D 65 3.09 50.80 -16.15
N VAL D 66 3.11 51.95 -15.48
CA VAL D 66 1.98 52.88 -15.55
C VAL D 66 1.68 53.34 -16.98
N ASN D 67 2.74 53.68 -17.72
CA ASN D 67 2.57 54.10 -19.10
C ASN D 67 1.92 52.96 -19.85
N GLN D 68 2.46 51.76 -19.66
CA GLN D 68 1.93 50.57 -20.33
C GLN D 68 0.47 50.40 -19.98
N TYR D 69 0.14 50.61 -18.71
CA TYR D 69 -1.25 50.48 -18.27
C TYR D 69 -2.16 51.49 -18.98
N TYR D 70 -1.84 52.77 -18.86
CA TYR D 70 -2.65 53.81 -19.47
C TYR D 70 -2.63 53.74 -21.00
N GLY D 71 -1.54 53.27 -21.57
CA GLY D 71 -1.48 53.17 -23.01
C GLY D 71 -2.38 52.08 -23.54
N SER D 72 -3.03 51.35 -22.65
CA SER D 72 -3.90 50.26 -23.08
C SER D 72 -5.33 50.68 -23.30
N PHE D 73 -5.72 51.80 -22.70
CA PHE D 73 -7.09 52.29 -22.86
C PHE D 73 -7.36 52.68 -24.31
N LYS D 74 -8.52 52.28 -24.83
CA LYS D 74 -8.88 52.62 -26.20
C LYS D 74 -8.97 54.15 -26.34
N GLU D 75 -9.58 54.79 -25.35
CA GLU D 75 -9.72 56.24 -25.36
C GLU D 75 -8.89 56.82 -24.22
N ALA D 76 -7.71 57.32 -24.58
CA ALA D 76 -6.76 57.90 -23.65
C ALA D 76 -7.36 58.67 -22.47
N LYS D 77 -6.68 58.59 -21.33
CA LYS D 77 -7.08 59.28 -20.10
C LYS D 77 -5.84 60.00 -19.57
N ILE D 78 -5.31 60.88 -20.42
CA ILE D 78 -4.11 61.66 -20.14
C ILE D 78 -4.12 62.37 -18.79
N GLU D 79 -5.28 62.85 -18.37
CA GLU D 79 -5.37 63.53 -17.09
C GLU D 79 -4.96 62.57 -15.98
N GLU D 80 -5.63 61.43 -15.92
CA GLU D 80 -5.38 60.39 -14.91
C GLU D 80 -3.95 59.84 -14.96
N HIS D 81 -3.45 59.62 -16.17
CA HIS D 81 -2.12 59.08 -16.38
C HIS D 81 -1.02 59.90 -15.69
N LEU D 82 -0.97 61.21 -15.97
CA LEU D 82 0.02 62.08 -15.36
C LEU D 82 -0.17 62.11 -13.86
N ALA D 83 -1.43 62.11 -13.44
CA ALA D 83 -1.74 62.13 -12.03
C ALA D 83 -1.13 60.90 -11.36
N ARG D 84 -1.44 59.74 -11.92
CA ARG D 84 -0.94 58.47 -11.41
C ARG D 84 0.58 58.41 -11.35
N VAL D 85 1.25 58.90 -12.39
CA VAL D 85 2.71 58.90 -12.40
C VAL D 85 3.26 59.70 -11.23
N GLU D 86 2.62 60.84 -10.96
CA GLU D 86 3.03 61.70 -9.87
C GLU D 86 2.81 60.98 -8.54
N ALA D 87 1.64 60.37 -8.40
CA ALA D 87 1.30 59.65 -7.18
C ALA D 87 2.32 58.54 -6.89
N VAL D 88 2.56 57.69 -7.89
CA VAL D 88 3.49 56.59 -7.73
C VAL D 88 4.89 57.06 -7.39
N THR D 89 5.34 58.13 -8.05
CA THR D 89 6.67 58.67 -7.80
C THR D 89 6.81 59.18 -6.37
N LYS D 90 5.78 59.87 -5.89
CA LYS D 90 5.82 60.39 -4.53
C LYS D 90 5.83 59.22 -3.53
N GLU D 91 4.96 58.25 -3.78
CA GLU D 91 4.86 57.08 -2.91
C GLU D 91 6.19 56.35 -2.77
N ILE D 92 6.90 56.16 -3.88
CA ILE D 92 8.19 55.47 -3.83
C ILE D 92 9.23 56.26 -3.04
N GLU D 93 9.21 57.58 -3.24
CA GLU D 93 10.14 58.44 -2.53
C GLU D 93 9.84 58.46 -1.05
N THR D 94 8.57 58.59 -0.68
CA THR D 94 8.21 58.63 0.72
C THR D 94 8.22 57.28 1.43
N THR D 95 7.57 56.25 0.86
CA THR D 95 7.51 54.93 1.51
C THR D 95 8.56 53.92 1.04
N GLY D 96 9.18 54.13 -0.12
CA GLY D 96 10.19 53.19 -0.59
C GLY D 96 9.64 52.19 -1.60
N THR D 97 8.32 52.17 -1.78
CA THR D 97 7.70 51.27 -2.72
C THR D 97 6.33 51.83 -3.09
N TYR D 98 5.52 51.07 -3.82
CA TYR D 98 4.19 51.54 -4.15
C TYR D 98 3.19 50.40 -4.15
N GLN D 99 1.91 50.74 -4.25
CA GLN D 99 0.83 49.77 -4.27
C GLN D 99 0.07 49.88 -5.56
N LEU D 100 -0.22 48.74 -6.18
CA LEU D 100 -1.00 48.77 -7.40
C LEU D 100 -2.45 48.95 -6.98
N THR D 101 -3.25 49.52 -7.86
CA THR D 101 -4.66 49.71 -7.57
C THR D 101 -5.33 48.41 -8.00
N GLY D 102 -6.56 48.21 -7.57
CA GLY D 102 -7.27 46.99 -7.96
C GLY D 102 -7.26 46.77 -9.46
N ASP D 103 -7.51 47.83 -10.22
CA ASP D 103 -7.53 47.70 -11.68
C ASP D 103 -6.17 47.47 -12.29
N GLU D 104 -5.14 48.04 -11.70
CA GLU D 104 -3.81 47.83 -12.24
C GLU D 104 -3.44 46.35 -12.08
N LEU D 105 -3.82 45.78 -10.93
CA LEU D 105 -3.54 44.37 -10.64
C LEU D 105 -4.23 43.47 -11.66
N ILE D 106 -5.49 43.74 -11.94
CA ILE D 106 -6.21 42.92 -12.91
C ILE D 106 -5.49 42.95 -14.26
N PHE D 107 -5.13 44.16 -14.68
CA PHE D 107 -4.42 44.35 -15.94
C PHE D 107 -3.11 43.57 -15.93
N ALA D 108 -2.31 43.73 -14.88
CA ALA D 108 -1.02 43.06 -14.79
C ALA D 108 -1.11 41.53 -14.86
N THR D 109 -2.01 40.92 -14.10
CA THR D 109 -2.10 39.46 -14.14
C THR D 109 -2.49 38.97 -15.54
N LYS D 110 -3.30 39.75 -16.25
CA LYS D 110 -3.70 39.32 -17.58
C LYS D 110 -2.58 39.53 -18.57
N GLN D 111 -1.85 40.64 -18.47
CA GLN D 111 -0.75 40.88 -19.40
C GLN D 111 0.32 39.80 -19.24
N ALA D 112 0.68 39.50 -18.00
CA ALA D 112 1.69 38.49 -17.71
C ALA D 112 1.30 37.16 -18.34
N TRP D 113 0.00 36.88 -18.35
CA TRP D 113 -0.47 35.62 -18.91
C TRP D 113 -0.22 35.72 -20.40
N ARG D 114 -0.55 36.90 -20.92
CA ARG D 114 -0.39 37.18 -22.34
C ARG D 114 1.09 37.06 -22.73
N ASN D 115 1.97 37.47 -21.83
CA ASN D 115 3.40 37.40 -22.05
C ASN D 115 4.06 36.07 -21.70
N ALA D 116 3.26 35.04 -21.42
CA ALA D 116 3.84 33.74 -21.05
C ALA D 116 4.17 32.89 -22.30
N PRO D 117 5.46 32.84 -22.69
CA PRO D 117 5.95 32.10 -23.86
C PRO D 117 5.61 30.60 -23.89
N ARG D 118 5.52 29.97 -22.73
CA ARG D 118 5.27 28.54 -22.68
C ARG D 118 3.81 28.09 -22.53
N CYS D 119 2.88 29.03 -22.66
CA CYS D 119 1.47 28.70 -22.50
C CYS D 119 0.66 28.70 -23.80
N ILE D 120 0.17 27.54 -24.19
CA ILE D 120 -0.60 27.41 -25.42
C ILE D 120 -2.07 27.83 -25.29
N GLY D 121 -2.50 28.18 -24.08
CA GLY D 121 -3.89 28.53 -23.89
C GLY D 121 -4.17 30.01 -23.74
N ARG D 122 -3.24 30.84 -24.23
CA ARG D 122 -3.35 32.28 -24.14
C ARG D 122 -4.50 32.93 -24.91
N ILE D 123 -5.20 32.19 -25.76
CA ILE D 123 -6.30 32.83 -26.47
C ILE D 123 -7.39 33.23 -25.47
N GLN D 124 -7.32 32.67 -24.27
CA GLN D 124 -8.28 32.95 -23.21
C GLN D 124 -7.83 34.04 -22.27
N TRP D 125 -6.69 34.68 -22.56
CA TRP D 125 -6.13 35.65 -21.64
C TRP D 125 -6.99 36.75 -21.05
N SER D 126 -8.00 37.20 -21.77
CA SER D 126 -8.85 38.27 -21.25
C SER D 126 -9.89 37.75 -20.24
N ASN D 127 -10.09 36.43 -20.20
CA ASN D 127 -11.05 35.83 -19.27
C ASN D 127 -10.32 35.29 -18.06
N LEU D 128 -10.10 36.14 -17.07
CA LEU D 128 -9.39 35.72 -15.89
C LEU D 128 -9.99 36.36 -14.65
N GLN D 129 -10.42 35.54 -13.71
CA GLN D 129 -10.98 36.01 -12.45
C GLN D 129 -9.79 36.30 -11.54
N VAL D 130 -9.78 37.48 -10.94
CA VAL D 130 -8.68 37.84 -10.06
C VAL D 130 -9.14 38.01 -8.62
N PHE D 131 -8.49 37.30 -7.70
CA PHE D 131 -8.82 37.37 -6.28
C PHE D 131 -7.69 38.13 -5.63
N ASP D 132 -8.01 39.32 -5.14
CA ASP D 132 -7.04 40.19 -4.49
C ASP D 132 -6.89 39.81 -3.03
N ALA D 133 -5.77 39.20 -2.66
CA ALA D 133 -5.57 38.78 -1.28
C ALA D 133 -4.32 39.43 -0.70
N ARG D 134 -4.04 40.64 -1.15
CA ARG D 134 -2.87 41.38 -0.66
C ARG D 134 -3.00 41.85 0.79
N SER D 135 -4.19 41.73 1.37
CA SER D 135 -4.41 42.13 2.77
C SER D 135 -4.19 40.94 3.70
N CYS D 136 -3.97 39.78 3.11
CA CYS D 136 -3.74 38.56 3.85
C CYS D 136 -2.61 38.72 4.86
N SER D 137 -2.69 38.02 5.99
CA SER D 137 -1.63 38.15 6.98
C SER D 137 -1.22 36.85 7.67
N THR D 138 -2.07 35.83 7.62
CA THR D 138 -1.75 34.54 8.25
C THR D 138 -1.87 33.36 7.29
N ALA D 139 -1.24 32.25 7.65
CA ALA D 139 -1.30 31.07 6.81
C ALA D 139 -2.73 30.53 6.74
N ARG D 140 -3.48 30.67 7.83
CA ARG D 140 -4.85 30.19 7.85
C ARG D 140 -5.68 30.98 6.85
N GLU D 141 -5.41 32.27 6.73
CA GLU D 141 -6.12 33.11 5.78
C GLU D 141 -5.77 32.70 4.35
N MET D 142 -4.50 32.37 4.12
CA MET D 142 -4.05 31.93 2.80
C MET D 142 -4.84 30.71 2.41
N PHE D 143 -4.94 29.76 3.34
CA PHE D 143 -5.67 28.51 3.14
C PHE D 143 -7.12 28.79 2.74
N GLU D 144 -7.77 29.72 3.45
CA GLU D 144 -9.14 30.03 3.13
C GLU D 144 -9.29 30.70 1.76
N HIS D 145 -8.30 31.51 1.36
CA HIS D 145 -8.36 32.13 0.04
C HIS D 145 -8.21 31.04 -1.02
N ILE D 146 -7.29 30.12 -0.78
CA ILE D 146 -7.07 29.03 -1.72
C ILE D 146 -8.30 28.14 -1.88
N CYS D 147 -8.98 27.84 -0.76
CA CYS D 147 -10.19 27.04 -0.84
C CYS D 147 -11.26 27.78 -1.65
N ARG D 148 -11.33 29.09 -1.47
CA ARG D 148 -12.32 29.86 -2.23
C ARG D 148 -11.97 29.77 -3.72
N HIS D 149 -10.67 29.85 -4.00
CA HIS D 149 -10.18 29.79 -5.38
C HIS D 149 -10.56 28.43 -5.99
N VAL D 150 -10.17 27.35 -5.33
CA VAL D 150 -10.49 26.04 -5.84
C VAL D 150 -11.99 25.81 -6.09
N ARG D 151 -12.84 26.25 -5.16
CA ARG D 151 -14.28 26.09 -5.32
C ARG D 151 -14.76 26.86 -6.56
N TYR D 152 -14.38 28.13 -6.63
CA TYR D 152 -14.77 28.95 -7.76
C TYR D 152 -14.33 28.35 -9.10
N SER D 153 -13.06 27.98 -9.20
CA SER D 153 -12.52 27.45 -10.45
C SER D 153 -13.07 26.08 -10.85
N THR D 154 -13.25 25.19 -9.88
CA THR D 154 -13.76 23.86 -10.21
C THR D 154 -15.17 23.98 -10.77
N ASN D 155 -15.93 24.88 -10.17
CA ASN D 155 -17.27 25.18 -10.65
C ASN D 155 -18.06 23.96 -11.14
N ASN D 156 -18.04 22.90 -10.34
CA ASN D 156 -18.78 21.71 -10.71
C ASN D 156 -18.33 21.00 -12.00
N GLY D 157 -17.13 21.28 -12.47
CA GLY D 157 -16.65 20.62 -13.68
C GLY D 157 -16.57 21.56 -14.85
N ASN D 158 -17.24 22.70 -14.75
CA ASN D 158 -17.22 23.69 -15.80
C ASN D 158 -16.13 24.67 -15.39
N ILE D 159 -14.88 24.25 -15.58
CA ILE D 159 -13.71 25.01 -15.16
C ILE D 159 -13.58 26.47 -15.61
N ARG D 160 -13.16 27.31 -14.68
CA ARG D 160 -12.93 28.74 -14.92
C ARG D 160 -11.50 29.07 -14.50
N SER D 161 -10.86 29.97 -15.24
CA SER D 161 -9.48 30.39 -14.95
C SER D 161 -9.47 31.45 -13.85
N ALA D 162 -8.49 31.40 -12.97
CA ALA D 162 -8.41 32.36 -11.88
C ALA D 162 -7.01 32.42 -11.30
N ILE D 163 -6.74 33.52 -10.61
CA ILE D 163 -5.47 33.71 -9.95
C ILE D 163 -5.77 34.41 -8.61
N THR D 164 -5.00 34.04 -7.58
CA THR D 164 -5.14 34.65 -6.26
C THR D 164 -3.79 35.28 -6.01
N VAL D 165 -3.79 36.57 -5.68
CA VAL D 165 -2.56 37.29 -5.45
C VAL D 165 -2.36 37.65 -3.98
N PHE D 166 -1.27 37.17 -3.40
CA PHE D 166 -0.99 37.43 -2.00
C PHE D 166 -0.10 38.67 -1.87
N PRO D 167 0.23 39.11 -0.64
CA PRO D 167 1.07 40.29 -0.48
C PRO D 167 2.34 40.29 -1.31
N GLN D 168 2.74 41.48 -1.77
CA GLN D 168 3.94 41.62 -2.58
C GLN D 168 5.15 41.52 -1.66
N ARG D 169 6.30 41.17 -2.23
CA ARG D 169 7.52 41.04 -1.46
C ARG D 169 7.97 42.41 -0.96
N SER D 170 8.37 42.44 0.31
CA SER D 170 8.83 43.68 0.92
C SER D 170 10.35 43.60 0.98
N ASP D 171 10.90 43.08 2.07
CA ASP D 171 12.35 42.98 2.20
C ASP D 171 12.85 41.60 1.80
N GLY D 172 11.93 40.74 1.39
CA GLY D 172 12.34 39.40 1.00
C GLY D 172 12.48 38.47 2.20
N LYS D 173 12.15 38.96 3.39
CA LYS D 173 12.23 38.15 4.60
C LYS D 173 10.83 37.83 5.14
N HIS D 174 9.81 38.32 4.44
CA HIS D 174 8.45 38.11 4.86
C HIS D 174 7.59 37.64 3.68
N ASP D 175 8.13 36.72 2.90
CA ASP D 175 7.41 36.25 1.72
C ASP D 175 6.17 35.42 2.02
N PHE D 176 5.15 35.60 1.19
CA PHE D 176 3.94 34.80 1.29
C PHE D 176 4.10 33.83 0.14
N ARG D 177 4.29 32.56 0.45
CA ARG D 177 4.48 31.56 -0.59
C ARG D 177 3.73 30.26 -0.38
N VAL D 178 3.45 29.59 -1.50
CA VAL D 178 2.84 28.28 -1.48
C VAL D 178 4.03 27.40 -1.87
N TRP D 179 4.47 26.52 -0.99
CA TRP D 179 5.60 25.67 -1.30
C TRP D 179 5.32 24.63 -2.38
N ASN D 180 4.07 24.15 -2.46
CA ASN D 180 3.69 23.16 -3.46
C ASN D 180 3.87 23.71 -4.87
N ALA D 181 4.29 22.86 -5.80
CA ALA D 181 4.46 23.25 -7.19
C ALA D 181 3.06 23.45 -7.83
N GLN D 182 2.09 22.64 -7.42
CA GLN D 182 0.70 22.77 -7.92
C GLN D 182 -0.22 22.76 -6.70
N LEU D 183 -1.45 23.27 -6.83
CA LEU D 183 -2.39 23.23 -5.69
C LEU D 183 -2.83 21.79 -5.41
N ILE D 184 -3.04 21.01 -6.48
CA ILE D 184 -3.46 19.63 -6.33
C ILE D 184 -2.47 18.73 -7.04
N ARG D 185 -1.97 17.74 -6.31
CA ARG D 185 -0.96 16.82 -6.86
C ARG D 185 -0.99 15.56 -5.99
N TYR D 186 -0.67 14.39 -6.55
CA TYR D 186 -0.67 13.16 -5.78
C TYR D 186 0.68 12.86 -5.15
N ALA D 187 0.66 12.13 -4.04
CA ALA D 187 1.87 11.76 -3.31
C ALA D 187 2.70 10.69 -4.01
N GLY D 188 3.95 10.59 -3.60
CA GLY D 188 4.86 9.60 -4.11
C GLY D 188 5.53 9.06 -2.86
N TYR D 189 5.48 7.75 -2.66
CA TYR D 189 6.09 7.18 -1.47
C TYR D 189 7.19 6.20 -1.79
N GLN D 190 8.31 6.31 -1.08
CA GLN D 190 9.38 5.35 -1.28
C GLN D 190 9.10 4.24 -0.25
N MET D 191 8.94 3.01 -0.73
CA MET D 191 8.62 1.90 0.17
C MET D 191 9.89 1.30 0.78
N PRO D 192 9.73 0.56 1.90
CA PRO D 192 10.86 -0.08 2.60
C PRO D 192 11.80 -0.85 1.67
N ASP D 193 11.23 -1.53 0.68
CA ASP D 193 12.03 -2.31 -0.27
C ASP D 193 12.63 -1.45 -1.38
N GLY D 194 12.51 -0.13 -1.26
CA GLY D 194 13.07 0.72 -2.30
C GLY D 194 12.15 1.01 -3.47
N SER D 195 11.04 0.28 -3.60
CA SER D 195 10.12 0.55 -4.71
C SER D 195 9.36 1.86 -4.45
N ILE D 196 8.76 2.41 -5.50
CA ILE D 196 8.02 3.66 -5.39
C ILE D 196 6.54 3.41 -5.63
N ARG D 197 5.70 4.01 -4.81
CA ARG D 197 4.27 3.89 -5.00
C ARG D 197 3.70 5.29 -5.16
N GLY D 198 2.83 5.46 -6.15
CA GLY D 198 2.25 6.77 -6.42
C GLY D 198 3.03 7.50 -7.51
N ASP D 199 3.13 8.82 -7.40
CA ASP D 199 3.84 9.64 -8.40
C ASP D 199 5.34 9.74 -8.05
N PRO D 200 6.20 8.98 -8.75
CA PRO D 200 7.61 9.07 -8.39
C PRO D 200 8.28 10.44 -8.48
N ALA D 201 7.69 11.35 -9.25
CA ALA D 201 8.28 12.65 -9.38
C ALA D 201 7.94 13.53 -8.18
N ASN D 202 7.07 13.05 -7.28
CA ASN D 202 6.71 13.86 -6.13
C ASN D 202 7.19 13.26 -4.80
N VAL D 203 8.18 12.37 -4.86
CA VAL D 203 8.67 11.71 -3.67
C VAL D 203 9.33 12.65 -2.66
N GLU D 204 10.22 13.49 -3.15
CA GLU D 204 10.93 14.44 -2.29
C GLU D 204 9.99 15.36 -1.52
N PHE D 205 9.04 15.97 -2.23
CA PHE D 205 8.10 16.89 -1.58
C PHE D 205 7.15 16.17 -0.64
N THR D 206 6.74 14.97 -1.00
CA THR D 206 5.84 14.18 -0.15
C THR D 206 6.57 13.87 1.17
N GLN D 207 7.87 13.58 1.08
CA GLN D 207 8.69 13.29 2.25
C GLN D 207 8.71 14.49 3.18
N LEU D 208 8.84 15.68 2.58
CA LEU D 208 8.83 16.93 3.32
C LEU D 208 7.52 17.08 4.10
N CYS D 209 6.40 16.78 3.46
CA CYS D 209 5.11 16.86 4.14
C CYS D 209 5.04 15.87 5.30
N ILE D 210 5.67 14.71 5.12
CA ILE D 210 5.68 13.70 6.15
C ILE D 210 6.54 14.24 7.29
N ASP D 211 7.72 14.73 6.97
CA ASP D 211 8.60 15.29 7.99
C ASP D 211 7.95 16.44 8.75
N LEU D 212 6.94 17.08 8.15
CA LEU D 212 6.27 18.19 8.81
C LEU D 212 5.03 17.75 9.57
N GLY D 213 4.76 16.44 9.59
CA GLY D 213 3.61 15.97 10.35
C GLY D 213 2.46 15.35 9.61
N TRP D 214 2.50 15.33 8.28
CA TRP D 214 1.40 14.73 7.54
C TRP D 214 1.42 13.21 7.67
N LYS D 215 0.26 12.58 7.79
CA LYS D 215 0.22 11.13 7.90
C LYS D 215 0.09 10.49 6.53
N PRO D 216 1.14 9.78 6.08
CA PRO D 216 1.11 9.11 4.77
C PRO D 216 0.04 8.01 4.71
N LYS D 217 -0.50 7.76 3.52
CA LYS D 217 -1.54 6.75 3.38
C LYS D 217 -1.11 5.64 2.41
N TYR D 218 0.09 5.78 1.87
CA TYR D 218 0.66 4.82 0.94
C TYR D 218 -0.28 4.39 -0.18
N GLY D 219 -1.10 5.33 -0.61
CA GLY D 219 -2.01 5.04 -1.70
C GLY D 219 -1.35 5.45 -3.01
N ARG D 220 -2.02 5.13 -4.10
CA ARG D 220 -1.51 5.41 -5.42
C ARG D 220 -1.90 6.83 -5.87
N PHE D 221 -3.00 7.33 -5.31
CA PHE D 221 -3.51 8.64 -5.65
C PHE D 221 -3.92 9.50 -4.43
N ASP D 222 -3.00 9.70 -3.49
CA ASP D 222 -3.29 10.51 -2.32
C ASP D 222 -2.91 11.97 -2.58
N VAL D 223 -3.86 12.88 -2.37
CA VAL D 223 -3.62 14.29 -2.57
C VAL D 223 -2.76 14.81 -1.43
N VAL D 224 -1.61 15.40 -1.73
CA VAL D 224 -0.76 15.92 -0.67
C VAL D 224 -1.36 17.20 -0.09
N PRO D 225 -0.97 17.54 1.14
CA PRO D 225 -1.49 18.75 1.78
C PRO D 225 -0.79 20.00 1.27
N LEU D 226 -1.38 21.16 1.56
CA LEU D 226 -0.80 22.44 1.18
C LEU D 226 0.23 22.84 2.24
N VAL D 227 1.39 23.31 1.80
CA VAL D 227 2.43 23.76 2.71
C VAL D 227 2.47 25.28 2.47
N LEU D 228 1.85 26.03 3.39
CA LEU D 228 1.73 27.48 3.27
C LEU D 228 2.63 28.32 4.17
N GLN D 229 3.30 29.28 3.55
CA GLN D 229 4.19 30.17 4.26
C GLN D 229 3.63 31.58 4.23
N ALA D 230 3.45 32.17 5.41
CA ALA D 230 2.93 33.52 5.46
C ALA D 230 3.90 34.41 6.21
N ASN D 231 4.08 35.63 5.69
CA ASN D 231 4.94 36.61 6.32
C ASN D 231 6.32 36.05 6.66
N GLY D 232 6.85 35.18 5.80
CA GLY D 232 8.17 34.61 6.01
C GLY D 232 8.33 33.61 7.14
N ARG D 233 7.25 33.30 7.83
CA ARG D 233 7.32 32.36 8.96
C ARG D 233 7.53 30.93 8.48
N ASP D 234 7.68 30.00 9.42
CA ASP D 234 7.84 28.60 9.05
C ASP D 234 6.50 28.16 8.42
N PRO D 235 6.55 27.23 7.47
CA PRO D 235 5.29 26.79 6.85
C PRO D 235 4.36 25.98 7.76
N GLU D 236 3.06 26.02 7.46
CA GLU D 236 2.02 25.29 8.20
C GLU D 236 1.32 24.38 7.18
N LEU D 237 0.96 23.16 7.58
CA LEU D 237 0.27 22.23 6.68
C LEU D 237 -1.23 22.37 6.83
N PHE D 238 -1.94 22.19 5.72
CA PHE D 238 -3.39 22.25 5.69
C PHE D 238 -3.81 21.24 4.62
N GLU D 239 -4.73 20.35 4.95
CA GLU D 239 -5.19 19.40 3.95
C GLU D 239 -6.40 20.02 3.26
N ILE D 240 -6.53 19.81 1.96
CA ILE D 240 -7.66 20.37 1.25
C ILE D 240 -8.87 19.48 1.54
N PRO D 241 -10.03 20.08 1.82
CA PRO D 241 -11.20 19.24 2.09
C PRO D 241 -11.44 18.37 0.85
N PRO D 242 -11.55 17.05 1.03
CA PRO D 242 -11.76 16.17 -0.12
C PRO D 242 -12.92 16.53 -1.02
N ASP D 243 -13.93 17.20 -0.47
CA ASP D 243 -15.09 17.58 -1.28
C ASP D 243 -14.73 18.66 -2.28
N LEU D 244 -13.58 19.31 -2.09
CA LEU D 244 -13.16 20.35 -3.03
C LEU D 244 -12.32 19.79 -4.18
N VAL D 245 -11.90 18.54 -4.07
CA VAL D 245 -11.08 17.94 -5.11
C VAL D 245 -11.86 17.07 -6.11
N LEU D 246 -12.14 17.63 -7.27
CA LEU D 246 -12.87 16.90 -8.31
C LEU D 246 -11.89 16.01 -9.08
N GLU D 247 -12.19 14.71 -9.14
CA GLU D 247 -11.35 13.77 -9.86
C GLU D 247 -12.18 13.07 -10.93
N VAL D 248 -11.50 12.59 -11.97
CA VAL D 248 -12.15 11.90 -13.08
C VAL D 248 -11.60 10.48 -13.20
N ALA D 249 -12.49 9.50 -13.15
CA ALA D 249 -12.13 8.07 -13.25
C ALA D 249 -11.98 7.73 -14.72
N MET D 250 -10.90 7.03 -15.08
CA MET D 250 -10.62 6.70 -16.47
C MET D 250 -11.23 5.43 -17.04
N GLU D 251 -11.90 5.58 -18.18
CA GLU D 251 -12.55 4.46 -18.87
C GLU D 251 -12.17 4.67 -20.29
N HIS D 252 -12.24 3.63 -21.11
CA HIS D 252 -11.98 3.76 -22.53
C HIS D 252 -13.31 3.46 -23.23
N PRO D 253 -13.69 4.23 -24.26
CA PRO D 253 -14.96 3.98 -24.96
C PRO D 253 -15.13 2.62 -25.63
N LYS D 254 -14.04 1.93 -25.93
CA LYS D 254 -14.10 0.62 -26.58
C LYS D 254 -13.56 -0.50 -25.69
N TYR D 255 -12.46 -0.25 -25.00
CA TYR D 255 -11.86 -1.27 -24.15
C TYR D 255 -12.43 -1.22 -22.74
N GLU D 256 -13.12 -2.28 -22.33
CA GLU D 256 -13.69 -2.32 -20.99
C GLU D 256 -12.64 -2.64 -19.95
N TRP D 257 -11.57 -3.33 -20.35
CA TRP D 257 -10.54 -3.66 -19.37
C TRP D 257 -9.80 -2.42 -18.89
N PHE D 258 -10.00 -1.29 -19.57
CA PHE D 258 -9.31 -0.08 -19.20
C PHE D 258 -9.63 0.34 -17.78
N ARG D 259 -10.92 0.37 -17.43
CA ARG D 259 -11.31 0.75 -16.07
C ARG D 259 -10.66 -0.15 -15.01
N GLU D 260 -10.24 -1.35 -15.40
CA GLU D 260 -9.60 -2.27 -14.48
C GLU D 260 -8.20 -1.81 -14.07
N LEU D 261 -7.70 -0.76 -14.71
CA LEU D 261 -6.38 -0.25 -14.36
C LEU D 261 -6.54 0.64 -13.13
N GLU D 262 -7.79 0.98 -12.84
CA GLU D 262 -8.12 1.81 -11.71
C GLU D 262 -7.30 3.10 -11.68
N LEU D 263 -7.44 3.87 -12.76
CA LEU D 263 -6.73 5.15 -12.88
C LEU D 263 -7.72 6.28 -12.78
N LYS D 264 -7.24 7.40 -12.27
CA LYS D 264 -8.04 8.61 -12.16
C LYS D 264 -7.07 9.77 -12.13
N TRP D 265 -7.58 11.00 -12.23
CA TRP D 265 -6.73 12.18 -12.18
C TRP D 265 -7.59 13.37 -11.77
N TYR D 266 -6.97 14.35 -11.10
CA TYR D 266 -7.71 15.53 -10.68
C TYR D 266 -8.04 16.34 -11.91
N ALA D 267 -9.06 17.19 -11.80
CA ALA D 267 -9.51 17.99 -12.95
C ALA D 267 -8.96 19.41 -13.03
N LEU D 268 -8.41 19.89 -11.92
CA LEU D 268 -7.92 21.26 -11.86
C LEU D 268 -6.40 21.43 -11.91
N PRO D 269 -5.88 21.91 -13.06
CA PRO D 269 -4.44 22.12 -13.19
C PRO D 269 -4.11 23.52 -12.64
N ALA D 270 -3.36 23.57 -11.54
CA ALA D 270 -3.00 24.84 -10.94
C ALA D 270 -1.54 25.01 -10.56
N VAL D 271 -0.85 25.95 -11.20
CA VAL D 271 0.55 26.24 -10.90
C VAL D 271 0.55 27.14 -9.68
N ALA D 272 1.26 26.72 -8.63
CA ALA D 272 1.24 27.48 -7.41
C ALA D 272 2.53 28.08 -6.89
N ASN D 273 3.63 27.82 -7.58
CA ASN D 273 4.92 28.27 -7.09
C ASN D 273 5.65 29.31 -7.92
N MET D 274 4.95 29.97 -8.84
CA MET D 274 5.62 30.97 -9.66
C MET D 274 5.57 32.37 -9.03
N LEU D 275 6.33 33.29 -9.62
CA LEU D 275 6.40 34.66 -9.12
C LEU D 275 5.97 35.67 -10.18
N LEU D 276 5.06 36.55 -9.81
CA LEU D 276 4.59 37.58 -10.74
C LEU D 276 5.43 38.87 -10.58
N GLU D 277 5.99 39.34 -11.68
CA GLU D 277 6.76 40.58 -11.66
C GLU D 277 5.97 41.62 -12.44
N VAL D 278 5.81 42.79 -11.84
CA VAL D 278 5.09 43.88 -12.48
C VAL D 278 5.62 45.20 -11.95
N GLY D 279 6.06 46.05 -12.87
CA GLY D 279 6.59 47.35 -12.51
C GLY D 279 7.65 47.32 -11.44
N GLY D 280 8.53 46.31 -11.49
CA GLY D 280 9.57 46.22 -10.49
C GLY D 280 9.08 45.55 -9.21
N LEU D 281 7.77 45.35 -9.09
CA LEU D 281 7.21 44.67 -7.93
C LEU D 281 7.22 43.15 -8.12
N GLU D 282 7.48 42.41 -7.04
CA GLU D 282 7.51 40.95 -7.08
C GLU D 282 6.47 40.31 -6.15
N PHE D 283 5.59 39.50 -6.73
CA PHE D 283 4.59 38.77 -5.96
C PHE D 283 4.95 37.28 -5.94
N PRO D 284 5.63 36.81 -4.88
CA PRO D 284 6.04 35.41 -4.76
C PRO D 284 4.89 34.40 -4.57
N GLY D 285 3.70 34.89 -4.24
CA GLY D 285 2.57 34.01 -4.05
C GLY D 285 1.41 34.38 -4.96
N CYS D 286 1.20 33.64 -6.02
CA CYS D 286 0.12 33.97 -6.93
C CYS D 286 -0.35 32.73 -7.67
N PRO D 287 -0.92 31.76 -6.95
CA PRO D 287 -1.40 30.54 -7.61
C PRO D 287 -2.46 30.82 -8.66
N PHE D 288 -2.36 30.13 -9.78
CA PHE D 288 -3.34 30.30 -10.87
C PHE D 288 -3.71 28.98 -11.50
N ASN D 289 -4.88 28.93 -12.12
CA ASN D 289 -5.30 27.72 -12.79
C ASN D 289 -5.93 28.04 -14.14
N GLY D 290 -6.05 26.99 -14.96
CA GLY D 290 -6.71 27.09 -16.24
C GLY D 290 -7.38 25.73 -16.29
N TRP D 291 -7.53 25.14 -17.47
CA TRP D 291 -8.08 23.78 -17.56
C TRP D 291 -7.07 22.96 -18.35
N TYR D 292 -7.17 21.65 -18.21
CA TYR D 292 -6.24 20.74 -18.85
C TYR D 292 -6.27 20.58 -20.35
N MET D 293 -5.08 20.32 -20.88
CA MET D 293 -4.96 19.96 -22.28
C MET D 293 -4.80 18.45 -22.08
N GLY D 294 -5.53 17.65 -22.85
CA GLY D 294 -5.48 16.21 -22.70
C GLY D 294 -4.15 15.50 -22.65
N THR D 295 -3.23 15.88 -23.53
CA THR D 295 -1.93 15.24 -23.58
C THR D 295 -1.12 15.38 -22.29
N GLU D 296 -1.41 16.40 -21.49
CA GLU D 296 -0.70 16.59 -20.25
C GLU D 296 -0.81 15.35 -19.36
N ILE D 297 -2.02 14.78 -19.31
CA ILE D 297 -2.31 13.60 -18.51
C ILE D 297 -2.04 12.30 -19.28
N GLY D 298 -2.65 12.17 -20.45
CA GLY D 298 -2.48 10.97 -21.25
C GLY D 298 -1.06 10.67 -21.67
N VAL D 299 -0.32 11.70 -22.10
CA VAL D 299 1.06 11.48 -22.52
C VAL D 299 2.10 11.62 -21.39
N ARG D 300 2.13 12.76 -20.71
CA ARG D 300 3.13 12.99 -19.66
C ARG D 300 2.92 12.24 -18.32
N ASP D 301 1.79 12.47 -17.65
CA ASP D 301 1.53 11.80 -16.37
C ASP D 301 1.50 10.26 -16.48
N PHE D 302 0.76 9.76 -17.46
CA PHE D 302 0.64 8.32 -17.62
C PHE D 302 1.74 7.61 -18.35
N CYS D 303 2.36 8.25 -19.35
CA CYS D 303 3.37 7.57 -20.12
C CYS D 303 4.84 7.91 -19.89
N ASP D 304 5.15 9.01 -19.22
CA ASP D 304 6.56 9.31 -18.95
C ASP D 304 7.12 8.14 -18.12
N VAL D 305 8.29 7.65 -18.48
CA VAL D 305 8.86 6.56 -17.73
C VAL D 305 9.16 6.99 -16.30
N GLN D 306 9.35 8.30 -16.06
CA GLN D 306 9.63 8.77 -14.71
C GLN D 306 8.34 9.13 -13.93
N ARG D 307 7.19 8.79 -14.49
CA ARG D 307 5.93 9.07 -13.83
C ARG D 307 5.15 7.76 -13.60
N TYR D 308 3.86 7.75 -13.93
CA TYR D 308 3.08 6.53 -13.71
C TYR D 308 3.44 5.40 -14.66
N ASN D 309 4.12 5.73 -15.75
CA ASN D 309 4.62 4.72 -16.68
C ASN D 309 3.72 3.48 -16.93
N ILE D 310 2.54 3.67 -17.50
CA ILE D 310 1.62 2.56 -17.74
C ILE D 310 1.61 2.01 -19.18
N LEU D 311 2.47 2.57 -20.03
CA LEU D 311 2.50 2.19 -21.43
C LEU D 311 2.58 0.69 -21.72
N GLU D 312 3.57 0.03 -21.16
CA GLU D 312 3.73 -1.40 -21.37
C GLU D 312 2.48 -2.20 -20.99
N GLU D 313 1.93 -1.87 -19.83
CA GLU D 313 0.73 -2.53 -19.33
C GLU D 313 -0.40 -2.43 -20.34
N VAL D 314 -0.67 -1.21 -20.80
CA VAL D 314 -1.71 -1.01 -21.78
C VAL D 314 -1.34 -1.74 -23.08
N GLY D 315 -0.04 -1.79 -23.37
CA GLY D 315 0.42 -2.45 -24.59
C GLY D 315 0.06 -3.92 -24.63
N ARG D 316 0.32 -4.63 -23.54
CA ARG D 316 0.01 -6.05 -23.44
C ARG D 316 -1.49 -6.27 -23.58
N ARG D 317 -2.25 -5.55 -22.77
CA ARG D 317 -3.71 -5.68 -22.78
C ARG D 317 -4.32 -5.47 -24.15
N MET D 318 -3.69 -4.63 -24.98
CA MET D 318 -4.20 -4.42 -26.33
C MET D 318 -3.77 -5.59 -27.19
N GLY D 319 -2.85 -6.39 -26.65
CA GLY D 319 -2.34 -7.54 -27.37
C GLY D 319 -1.43 -7.15 -28.52
N LEU D 320 -0.59 -6.15 -28.32
CA LEU D 320 0.31 -5.71 -29.37
C LEU D 320 1.66 -6.39 -29.22
N GLU D 321 2.51 -6.22 -30.23
CA GLU D 321 3.85 -6.81 -30.23
C GLU D 321 4.75 -5.90 -29.42
N THR D 322 4.67 -5.99 -28.11
CA THR D 322 5.47 -5.14 -27.24
C THR D 322 6.93 -5.49 -27.21
N HIS D 323 7.33 -6.53 -27.94
CA HIS D 323 8.74 -6.91 -27.94
C HIS D 323 9.48 -6.27 -29.11
N LYS D 324 8.72 -5.76 -30.08
CA LYS D 324 9.30 -5.15 -31.27
C LYS D 324 8.98 -3.66 -31.41
N LEU D 325 9.99 -2.80 -31.21
CA LEU D 325 9.80 -1.35 -31.32
C LEU D 325 9.21 -0.91 -32.65
N ALA D 326 9.72 -1.51 -33.74
CA ALA D 326 9.30 -1.20 -35.09
C ALA D 326 7.83 -1.45 -35.33
N SER D 327 7.17 -2.17 -34.43
CA SER D 327 5.74 -2.43 -34.61
C SER D 327 4.96 -1.16 -34.27
N LEU D 328 5.64 -0.21 -33.64
CA LEU D 328 5.06 1.05 -33.23
C LEU D 328 3.94 0.85 -32.20
N TRP D 329 4.07 -0.22 -31.41
CA TRP D 329 3.07 -0.50 -30.39
C TRP D 329 2.98 0.65 -29.39
N LYS D 330 4.07 1.39 -29.19
CA LYS D 330 4.03 2.48 -28.23
C LYS D 330 3.15 3.61 -28.71
N ASP D 331 3.22 3.89 -30.01
CA ASP D 331 2.45 4.97 -30.60
C ASP D 331 0.96 4.62 -30.62
N GLN D 332 0.66 3.33 -30.78
CA GLN D 332 -0.73 2.91 -30.80
C GLN D 332 -1.32 3.03 -29.42
N ALA D 333 -0.59 2.54 -28.43
CA ALA D 333 -1.05 2.58 -27.05
C ALA D 333 -1.23 4.01 -26.53
N VAL D 334 -0.30 4.91 -26.83
CA VAL D 334 -0.41 6.30 -26.35
C VAL D 334 -1.65 6.96 -26.91
N VAL D 335 -2.01 6.63 -28.15
CA VAL D 335 -3.20 7.21 -28.73
C VAL D 335 -4.44 6.71 -27.97
N GLU D 336 -4.50 5.42 -27.68
CA GLU D 336 -5.65 4.87 -26.97
C GLU D 336 -5.78 5.48 -25.58
N ILE D 337 -4.66 5.64 -24.88
CA ILE D 337 -4.69 6.22 -23.53
C ILE D 337 -5.25 7.63 -23.59
N ASN D 338 -4.85 8.38 -24.60
CA ASN D 338 -5.32 9.75 -24.76
C ASN D 338 -6.79 9.83 -25.19
N ILE D 339 -7.27 8.81 -25.89
CA ILE D 339 -8.66 8.84 -26.28
C ILE D 339 -9.44 8.63 -24.98
N ALA D 340 -8.93 7.75 -24.12
CA ALA D 340 -9.54 7.47 -22.83
C ALA D 340 -9.65 8.72 -21.97
N VAL D 341 -8.59 9.50 -21.92
CA VAL D 341 -8.59 10.70 -21.12
C VAL D 341 -9.68 11.68 -21.57
N LEU D 342 -9.73 11.98 -22.87
CA LEU D 342 -10.72 12.92 -23.37
C LEU D 342 -12.14 12.38 -23.18
N HIS D 343 -12.30 11.08 -23.42
CA HIS D 343 -13.59 10.44 -23.29
C HIS D 343 -14.08 10.48 -21.84
N SER D 344 -13.20 10.15 -20.89
CA SER D 344 -13.58 10.14 -19.50
C SER D 344 -13.94 11.54 -19.00
N PHE D 345 -13.18 12.56 -19.40
CA PHE D 345 -13.49 13.91 -18.93
C PHE D 345 -14.83 14.35 -19.50
N GLN D 346 -15.05 14.09 -20.78
CA GLN D 346 -16.31 14.48 -21.41
C GLN D 346 -17.52 13.82 -20.78
N LYS D 347 -17.43 12.52 -20.50
CA LYS D 347 -18.56 11.82 -19.92
C LYS D 347 -18.94 12.40 -18.56
N GLN D 348 -17.95 12.80 -17.77
CA GLN D 348 -18.23 13.38 -16.48
C GLN D 348 -18.44 14.89 -16.57
N ASN D 349 -18.57 15.40 -17.79
CA ASN D 349 -18.78 16.83 -17.99
C ASN D 349 -17.77 17.74 -17.32
N VAL D 350 -16.49 17.46 -17.51
CA VAL D 350 -15.45 18.29 -16.94
C VAL D 350 -14.73 18.91 -18.12
N THR D 351 -14.50 20.22 -18.07
CA THR D 351 -13.81 20.88 -19.16
C THR D 351 -12.42 20.35 -19.41
N ILE D 352 -12.12 20.11 -20.69
CA ILE D 352 -10.81 19.66 -21.11
C ILE D 352 -10.68 20.02 -22.56
N MET D 353 -9.45 20.12 -23.02
CA MET D 353 -9.20 20.51 -24.38
C MET D 353 -8.21 19.57 -25.04
N ASP D 354 -8.46 19.20 -26.29
CA ASP D 354 -7.54 18.32 -27.00
C ASP D 354 -6.44 19.18 -27.64
N HIS D 355 -5.30 18.56 -27.92
CA HIS D 355 -4.17 19.28 -28.47
C HIS D 355 -4.38 19.88 -29.86
N HIS D 356 -5.27 19.30 -30.67
CA HIS D 356 -5.53 19.83 -32.02
C HIS D 356 -6.28 21.15 -31.89
N SER D 357 -7.35 21.14 -31.10
CA SER D 357 -8.15 22.35 -30.88
C SER D 357 -7.27 23.40 -30.22
N ALA D 358 -6.44 22.98 -29.28
CA ALA D 358 -5.55 23.90 -28.58
C ALA D 358 -4.55 24.54 -29.57
N ALA D 359 -4.07 23.74 -30.52
CA ALA D 359 -3.10 24.25 -31.50
C ALA D 359 -3.74 25.26 -32.46
N GLU D 360 -4.93 24.94 -32.97
CA GLU D 360 -5.63 25.85 -33.87
C GLU D 360 -5.93 27.17 -33.17
N SER D 361 -6.43 27.06 -31.95
CA SER D 361 -6.74 28.24 -31.16
C SER D 361 -5.50 29.12 -30.98
N PHE D 362 -4.36 28.50 -30.73
CA PHE D 362 -3.15 29.29 -30.54
C PHE D 362 -2.74 30.02 -31.83
N MET D 363 -2.91 29.39 -32.98
CA MET D 363 -2.55 30.03 -34.25
C MET D 363 -3.40 31.30 -34.43
N LYS D 364 -4.68 31.18 -34.14
CA LYS D 364 -5.61 32.29 -34.24
C LYS D 364 -5.12 33.40 -33.28
N TYR D 365 -4.81 33.01 -32.05
CA TYR D 365 -4.34 33.97 -31.07
C TYR D 365 -3.06 34.67 -31.51
N MET D 366 -2.13 33.91 -32.06
CA MET D 366 -0.86 34.46 -32.49
C MET D 366 -1.04 35.50 -33.61
N GLN D 367 -1.96 35.23 -34.51
CA GLN D 367 -2.23 36.16 -35.59
C GLN D 367 -2.73 37.48 -34.97
N ASN D 368 -3.72 37.41 -34.10
CA ASN D 368 -4.24 38.62 -33.45
C ASN D 368 -3.14 39.40 -32.74
N GLU D 369 -2.23 38.69 -32.10
CA GLU D 369 -1.15 39.34 -31.37
C GLU D 369 -0.21 40.10 -32.29
N TYR D 370 0.13 39.54 -33.44
CA TYR D 370 1.03 40.24 -34.35
C TYR D 370 0.31 41.45 -34.91
N ARG D 371 -0.95 41.27 -35.26
CA ARG D 371 -1.77 42.35 -35.77
C ARG D 371 -1.89 43.41 -34.67
N SER D 372 -2.29 42.96 -33.48
CA SER D 372 -2.50 43.83 -32.34
C SER D 372 -1.28 44.54 -31.75
N ARG D 373 -0.13 43.87 -31.61
CA ARG D 373 1.00 44.56 -31.03
C ARG D 373 2.38 44.26 -31.62
N GLY D 374 2.39 43.64 -32.80
CA GLY D 374 3.62 43.34 -33.47
C GLY D 374 4.55 42.36 -32.78
N GLY D 375 3.95 41.42 -32.05
CA GLY D 375 4.74 40.43 -31.35
C GLY D 375 3.90 39.45 -30.57
N CYS D 376 4.54 38.36 -30.18
CA CYS D 376 3.90 37.30 -29.41
C CYS D 376 5.03 36.36 -29.00
N PRO D 377 5.58 36.57 -27.81
CA PRO D 377 6.67 35.68 -27.37
C PRO D 377 6.15 34.24 -27.31
N ALA D 378 6.90 33.32 -27.91
CA ALA D 378 6.50 31.92 -27.93
C ALA D 378 7.72 31.02 -27.86
N ASP D 379 7.61 29.96 -27.05
CA ASP D 379 8.69 28.98 -26.88
C ASP D 379 8.21 27.72 -27.61
N TRP D 380 8.69 27.54 -28.83
CA TRP D 380 8.33 26.42 -29.71
C TRP D 380 8.38 25.05 -29.00
N ILE D 381 9.43 24.84 -28.24
CA ILE D 381 9.66 23.58 -27.53
C ILE D 381 8.54 23.19 -26.57
N TRP D 382 7.93 24.18 -25.93
CA TRP D 382 6.85 23.91 -24.99
C TRP D 382 5.45 23.97 -25.63
N LEU D 383 5.32 24.68 -26.74
CA LEU D 383 4.03 24.84 -27.43
C LEU D 383 3.63 23.65 -28.29
N VAL D 384 4.59 22.98 -28.93
CA VAL D 384 4.27 21.80 -29.75
C VAL D 384 3.89 20.67 -28.82
N PRO D 385 2.72 20.01 -29.05
CA PRO D 385 2.27 18.91 -28.18
C PRO D 385 3.27 17.74 -28.10
N PRO D 386 3.29 17.00 -26.99
CA PRO D 386 4.20 15.86 -26.81
C PRO D 386 3.88 14.64 -27.68
N MET D 387 2.80 14.73 -28.45
CA MET D 387 2.44 13.65 -29.36
C MET D 387 1.90 14.30 -30.62
N SER D 388 2.05 13.60 -31.75
CA SER D 388 1.55 14.09 -33.05
C SER D 388 2.02 15.50 -33.38
N GLY D 389 3.25 15.81 -33.00
CA GLY D 389 3.79 17.14 -33.25
C GLY D 389 3.51 17.86 -34.57
N SER D 390 4.03 17.34 -35.68
CA SER D 390 3.84 18.02 -36.96
C SER D 390 2.43 17.97 -37.58
N ILE D 391 1.51 17.25 -36.93
CA ILE D 391 0.14 17.17 -37.39
C ILE D 391 -0.59 18.44 -36.95
N THR D 392 0.04 19.22 -36.05
CA THR D 392 -0.55 20.45 -35.56
C THR D 392 0.08 21.64 -36.27
N PRO D 393 -0.70 22.70 -36.50
CA PRO D 393 -0.13 23.85 -37.19
C PRO D 393 1.03 24.54 -36.47
N VAL D 394 1.13 24.43 -35.14
CA VAL D 394 2.21 25.09 -34.42
C VAL D 394 3.61 24.55 -34.76
N PHE D 395 3.69 23.27 -35.14
CA PHE D 395 4.98 22.69 -35.47
C PHE D 395 5.62 23.39 -36.66
N HIS D 396 4.80 23.86 -37.60
CA HIS D 396 5.32 24.53 -38.79
C HIS D 396 5.49 26.03 -38.65
N GLN D 397 5.24 26.55 -37.46
CA GLN D 397 5.35 27.97 -37.20
C GLN D 397 6.68 28.37 -36.57
N GLU D 398 7.40 29.28 -37.21
CA GLU D 398 8.66 29.78 -36.64
C GLU D 398 8.27 30.75 -35.53
N MET D 399 9.05 30.80 -34.46
CA MET D 399 8.74 31.65 -33.31
C MET D 399 9.93 32.33 -32.64
N LEU D 400 9.66 33.46 -32.02
CA LEU D 400 10.66 34.22 -31.29
C LEU D 400 10.31 34.10 -29.82
N ASN D 401 11.30 33.79 -29.00
CA ASN D 401 11.05 33.66 -27.57
C ASN D 401 11.79 34.79 -26.85
N TYR D 402 11.03 35.61 -26.14
CA TYR D 402 11.61 36.69 -25.38
C TYR D 402 10.81 36.96 -24.11
N VAL D 403 11.43 37.67 -23.17
CA VAL D 403 10.83 37.99 -21.89
C VAL D 403 10.42 39.45 -21.75
N LEU D 404 9.12 39.68 -21.56
CA LEU D 404 8.58 41.02 -21.37
C LEU D 404 8.26 41.25 -19.89
N SER D 405 7.49 42.30 -19.63
CA SER D 405 7.06 42.64 -18.29
C SER D 405 5.64 43.19 -18.43
N PRO D 406 4.69 42.77 -17.58
CA PRO D 406 4.73 41.82 -16.45
C PRO D 406 5.05 40.40 -16.95
N PHE D 407 5.57 39.56 -16.07
CA PHE D 407 5.97 38.21 -16.44
C PHE D 407 5.87 37.25 -15.24
N TYR D 408 5.63 35.97 -15.52
CA TYR D 408 5.58 34.96 -14.47
C TYR D 408 6.91 34.23 -14.51
N TYR D 409 7.69 34.39 -13.46
CA TYR D 409 8.99 33.75 -13.33
C TYR D 409 8.94 32.50 -12.46
N TYR D 410 9.96 31.66 -12.59
CA TYR D 410 10.09 30.48 -11.74
C TYR D 410 10.76 31.03 -10.49
N GLN D 411 10.78 30.24 -9.42
CA GLN D 411 11.45 30.62 -8.18
C GLN D 411 12.25 29.39 -7.76
N VAL D 412 13.15 29.57 -6.80
CA VAL D 412 13.92 28.43 -6.29
C VAL D 412 13.01 27.74 -5.26
N GLU D 413 13.03 26.41 -5.20
CA GLU D 413 12.22 25.68 -4.23
C GLU D 413 12.37 26.39 -2.89
N ALA D 414 11.26 26.66 -2.21
CA ALA D 414 11.30 27.35 -0.94
C ALA D 414 12.06 26.58 0.14
N TRP D 415 11.90 25.26 0.16
CA TRP D 415 12.60 24.48 1.17
C TRP D 415 14.11 24.48 1.01
N LYS D 416 14.59 24.95 -0.14
CA LYS D 416 16.03 24.99 -0.39
C LYS D 416 16.66 26.30 0.09
N THR D 417 15.85 27.28 0.45
CA THR D 417 16.39 28.56 0.87
C THR D 417 15.85 29.00 2.21
N HIS D 418 14.76 28.39 2.65
CA HIS D 418 14.16 28.76 3.91
C HIS D 418 15.09 28.59 5.12
N VAL D 419 15.09 29.59 5.99
CA VAL D 419 15.89 29.54 7.20
C VAL D 419 14.88 29.24 8.30
N TRP D 420 14.89 28.01 8.78
CA TRP D 420 13.94 27.62 9.82
C TRP D 420 14.12 28.37 11.15
N GLN D 421 12.99 28.79 11.70
CA GLN D 421 12.98 29.53 12.96
C GLN D 421 12.62 28.59 14.10
N ASP D 422 13.02 27.34 13.97
CA ASP D 422 12.77 26.32 14.99
C ASP D 422 13.66 25.10 14.70
#